data_7DDQ
#
_entry.id   7DDQ
#
_cell.length_a   1.00
_cell.length_b   1.00
_cell.length_c   1.00
_cell.angle_alpha   90.00
_cell.angle_beta   90.00
_cell.angle_gamma   90.00
#
_symmetry.space_group_name_H-M   'P 1'
#
loop_
_entity.id
_entity.type
_entity.pdbx_description
1 polymer 'Antenna pigment protein alpha chain'
2 polymer 'Antenna pigment protein beta chain'
3 polymer PufX
4 polymer 'Photosynthetic reaction center L subunit'
5 polymer 'Reaction center protein M chain'
6 polymer 'Photosynthetic reaction center subunit H'
7 non-polymer 'BACTERIOCHLOROPHYLL A'
8 non-polymer SPHEROIDENE
9 non-polymer UBIQUINONE-10
10 non-polymer 'BACTERIOPHEOPHYTIN A'
11 non-polymer 'FE (III) ION'
12 non-polymer 1,2-Distearoyl-sn-glycerophosphoethanolamine
#
loop_
_entity_poly.entity_id
_entity_poly.type
_entity_poly.pdbx_seq_one_letter_code
_entity_poly.pdbx_strand_id
1 'polypeptide(L)' MSKFYKIWLIFDPRRVFVAQGVFLFLLAVMIHLMLLSNPGFNWLDISGVKYERVAAE o,t,r,a,e,b,k,f,u,s,n,i,j,g,d
2 'polypeptide(L)' MADKDLSFTGLTDQQAQELHSVYLQGMWLFISVAIVAHLAVFIWRPWL N,S,O,U,D,A,J,E,T,R,K,G,I,F,B
3 'polypeptide(L)'
;MAEKHYLDGATKVGMATMGAAAMGKGMGITAVVFFGTVFFVVALAFIGQFLPDRSREAPYPNTIFQVNDIDGTVDGKYTR
FAN
;
X
4 'polypeptide(L)'
;MALLSFERKYRVPGGTLIGGNLFDFWVGPFYVGFFGVTSVFFAALGTLMILWGASLGDTWNPLLISINPPPLEYGLGAAP
LREGGIWQVVTLCAIGAFVSWAMREVEICRKLGIGLHIPFAFSFAIFAYITLVVIRPALMGAWGHGFQYGVFTHLEWVNN
VGYQYGNFHYNPLHMLGISLFFTTTLALGLHGALILSAANPETGKEMRTPDHEDTFFRDLVGYSVGTLGIHRLGLLLALN
AAFWSAMCILASGTVWFDQWVFWWDWWYNLPFWADL
;
L
5 'polypeptide(L)'
;MAEYQNIFTQVQVAGKPELGMVEGVNLENRTTGTTNWPILGWFGNAQLGPIYLGTLGTMSLIFGAFWFFLVGVSFIIQAD
YSPALFLRELFRAGLFPPAPEYGLSLSAPLMEGGLWLIASFFLMLSVLLWWARTYKRAADLGMGKHTAWAFAGALWLMFV
LSFFRPILMGSWSEAVPYGIFPHLDWTNNFSLTHGNLFYNPFHGLSIAFLYGSTMLFAMHGATILAVSRLGGERELEQIV
DRGTAAERAALFWRWTMGFNATMEGIHRWGWWFAVLTPVTGGIGILLSGTVVEDWSVWAQVHGYKALN
;
M
6 'polypeptide(L)'
;MVGVNFFGDFDLASLAIWSFWLFFALLVYYLQTENMREGYPLENEDGGPAVNQGPFPLPSQKTFKLPHGRGEVTVPDYKK
EARDVALARTAVNDGFPHAPTGNPMLDGVGPASWAPRRDIPELDGHGHAKVVPMSVASAFFVSAGRDPRGLPVIANDMKT
VGTVTEMWVDVAEHMVRYLEVDLASGGKCLVPMTMAIIKKHAVVVQSISSAAFASVPQTKSMTEISMLEEEKICAYFAGG
TMYCADAKPKLF
;
H
#
# COMPACT_ATOMS: atom_id res chain seq x y z
N SER A 2 -54.82 -1.52 29.64
CA SER A 2 -53.38 -1.37 29.62
C SER A 2 -52.67 -2.71 29.67
N LYS A 3 -53.07 -3.63 28.80
CA LYS A 3 -52.44 -4.95 28.70
C LYS A 3 -51.23 -4.89 27.77
N PHE A 4 -50.23 -4.12 28.19
CA PHE A 4 -49.04 -3.90 27.39
C PHE A 4 -48.07 -5.07 27.41
N TYR A 5 -48.30 -6.08 28.25
CA TYR A 5 -47.36 -7.19 28.33
C TYR A 5 -47.19 -7.91 26.99
N LYS A 6 -48.15 -7.76 26.08
CA LYS A 6 -48.02 -8.40 24.77
C LYS A 6 -46.82 -7.90 23.99
N ILE A 7 -46.25 -6.75 24.36
CA ILE A 7 -45.04 -6.32 23.68
C ILE A 7 -43.93 -7.34 23.88
N TRP A 8 -43.89 -7.99 25.05
CA TRP A 8 -42.89 -9.00 25.30
C TRP A 8 -43.12 -10.24 24.45
N LEU A 9 -44.33 -10.44 23.95
CA LEU A 9 -44.58 -11.50 22.98
C LEU A 9 -43.77 -11.26 21.72
N ILE A 10 -43.52 -10.00 21.38
CA ILE A 10 -42.88 -9.63 20.12
C ILE A 10 -41.42 -9.27 20.31
N PHE A 11 -41.12 -8.34 21.20
CA PHE A 11 -39.77 -7.84 21.36
C PHE A 11 -38.94 -8.80 22.21
N ASP A 12 -37.71 -9.01 21.81
CA ASP A 12 -36.80 -9.84 22.59
C ASP A 12 -36.47 -9.14 23.90
N PRO A 13 -36.79 -9.72 25.06
CA PRO A 13 -36.46 -9.05 26.32
C PRO A 13 -34.98 -8.76 26.47
N ARG A 14 -34.11 -9.66 26.03
CA ARG A 14 -32.68 -9.42 26.13
C ARG A 14 -32.29 -8.17 25.36
N ARG A 15 -32.69 -8.11 24.10
CA ARG A 15 -32.30 -6.99 23.24
C ARG A 15 -32.84 -5.67 23.79
N VAL A 16 -34.12 -5.65 24.18
CA VAL A 16 -34.71 -4.40 24.63
C VAL A 16 -34.11 -3.97 25.96
N PHE A 17 -33.82 -4.92 26.86
CA PHE A 17 -33.24 -4.55 28.15
C PHE A 17 -31.83 -3.99 27.97
N VAL A 18 -31.00 -4.64 27.16
CA VAL A 18 -29.65 -4.11 26.93
C VAL A 18 -29.70 -2.74 26.28
N ALA A 19 -30.59 -2.56 25.30
CA ALA A 19 -30.70 -1.25 24.65
C ALA A 19 -31.14 -0.19 25.63
N GLN A 20 -32.15 -0.49 26.47
CA GLN A 20 -32.59 0.47 27.47
C GLN A 20 -31.47 0.83 28.41
N GLY A 21 -30.71 -0.17 28.88
CA GLY A 21 -29.66 0.11 29.84
C GLY A 21 -28.57 0.99 29.26
N VAL A 22 -28.12 0.65 28.05
CA VAL A 22 -27.08 1.46 27.41
C VAL A 22 -27.59 2.88 27.18
N PHE A 23 -28.81 3.01 26.69
CA PHE A 23 -29.36 4.32 26.40
C PHE A 23 -29.51 5.15 27.67
N LEU A 24 -29.98 4.54 28.76
CA LEU A 24 -30.18 5.26 30.00
C LEU A 24 -28.87 5.69 30.61
N PHE A 25 -27.86 4.83 30.58
CA PHE A 25 -26.56 5.23 31.11
C PHE A 25 -26.00 6.40 30.32
N LEU A 26 -26.09 6.33 28.98
CA LEU A 26 -25.60 7.44 28.16
C LEU A 26 -26.36 8.71 28.44
N LEU A 27 -27.68 8.62 28.57
CA LEU A 27 -28.49 9.80 28.86
C LEU A 27 -28.09 10.44 30.17
N ALA A 28 -27.97 9.64 31.23
CA ALA A 28 -27.60 10.16 32.53
C ALA A 28 -26.21 10.79 32.51
N VAL A 29 -25.27 10.16 31.81
CA VAL A 29 -23.93 10.72 31.70
C VAL A 29 -23.96 12.06 30.99
N MET A 30 -24.70 12.15 29.88
CA MET A 30 -24.77 13.41 29.15
C MET A 30 -25.35 14.51 30.01
N ILE A 31 -26.43 14.23 30.74
CA ILE A 31 -27.03 15.27 31.57
C ILE A 31 -26.07 15.69 32.66
N HIS A 32 -25.42 14.74 33.33
CA HIS A 32 -24.46 15.07 34.37
C HIS A 32 -23.32 15.91 33.83
N LEU A 33 -22.80 15.55 32.66
CA LEU A 33 -21.68 16.28 32.08
C LEU A 33 -22.08 17.67 31.66
N MET A 34 -23.29 17.84 31.12
CA MET A 34 -23.76 19.18 30.81
C MET A 34 -23.91 20.01 32.08
N LEU A 35 -24.31 19.38 33.18
CA LEU A 35 -24.37 20.12 34.44
C LEU A 35 -22.99 20.50 34.95
N LEU A 36 -22.04 19.58 34.92
CA LEU A 36 -20.68 19.88 35.36
C LEU A 36 -20.03 20.95 34.49
N SER A 37 -20.36 20.95 33.21
CA SER A 37 -19.80 21.93 32.28
C SER A 37 -20.24 23.33 32.64
N ASN A 38 -21.47 23.46 33.09
CA ASN A 38 -22.03 24.76 33.41
C ASN A 38 -21.45 25.27 34.73
N PRO A 39 -20.83 26.43 34.77
CA PRO A 39 -20.37 26.96 36.05
C PRO A 39 -21.48 27.61 36.84
N GLY A 40 -22.65 26.99 36.84
CA GLY A 40 -23.76 27.44 37.64
C GLY A 40 -24.41 26.23 38.28
N PHE A 41 -24.00 25.06 37.82
CA PHE A 41 -24.48 23.79 38.35
C PHE A 41 -23.35 22.80 38.60
N ASN A 42 -22.10 23.26 38.54
CA ASN A 42 -20.95 22.40 38.80
C ASN A 42 -20.80 22.25 40.30
N TRP A 43 -21.18 21.08 40.81
CA TRP A 43 -21.31 20.95 42.25
C TRP A 43 -19.96 20.88 42.96
N LEU A 44 -18.91 20.46 42.26
CA LEU A 44 -17.59 20.45 42.88
C LEU A 44 -17.11 21.87 43.15
N ASP A 45 -17.26 22.77 42.17
CA ASP A 45 -16.82 24.14 42.37
C ASP A 45 -17.78 24.94 43.22
N ILE A 46 -19.06 24.55 43.25
CA ILE A 46 -20.02 25.26 44.08
C ILE A 46 -19.72 25.02 45.56
N SER A 47 -19.49 23.75 45.93
CA SER A 47 -19.18 23.44 47.31
C SER A 47 -17.88 24.07 47.77
N GLY A 48 -16.92 24.23 46.84
CA GLY A 48 -15.69 24.93 47.19
C GLY A 48 -15.94 26.34 47.66
N VAL A 49 -16.93 27.01 47.06
CA VAL A 49 -17.24 28.37 47.49
C VAL A 49 -18.13 28.37 48.72
N LYS A 50 -19.00 27.38 48.86
CA LYS A 50 -19.94 27.35 49.97
C LYS A 50 -19.22 27.18 51.30
N TYR A 51 -18.17 26.36 51.35
CA TYR A 51 -17.46 26.07 52.58
C TYR A 51 -16.09 26.73 52.66
N GLU A 52 -15.82 27.70 51.79
CA GLU A 52 -14.53 28.38 51.73
C GLU A 52 -13.41 27.36 51.46
N ARG A 53 -13.50 26.79 50.25
CA ARG A 53 -12.61 25.72 49.78
C ARG A 53 -12.84 24.42 50.54
N VAL A 54 -14.12 24.07 50.70
CA VAL A 54 -14.61 22.90 51.40
C VAL A 54 -13.78 22.60 52.64
N ASP B 5 -38.92 -22.72 24.80
CA ASP B 5 -37.69 -22.85 25.59
C ASP B 5 -37.72 -21.94 26.82
N LEU B 6 -38.06 -22.53 27.97
CA LEU B 6 -38.14 -21.75 29.20
C LEU B 6 -36.78 -21.27 29.66
N SER B 7 -35.72 -22.06 29.43
CA SER B 7 -34.40 -21.77 29.96
C SER B 7 -33.48 -21.32 28.83
N PHE B 8 -33.52 -20.03 28.53
CA PHE B 8 -32.55 -19.45 27.60
C PHE B 8 -31.13 -19.70 28.09
N THR B 9 -30.89 -19.42 29.36
CA THR B 9 -29.69 -19.93 30.03
C THR B 9 -29.95 -21.36 30.49
N GLY B 10 -28.91 -22.18 30.47
CA GLY B 10 -29.06 -23.56 30.85
C GLY B 10 -29.43 -23.78 32.30
N LEU B 11 -29.70 -22.71 33.03
CA LEU B 11 -30.04 -22.79 34.44
C LEU B 11 -31.47 -23.30 34.63
N THR B 12 -31.70 -23.94 35.77
CA THR B 12 -33.00 -24.41 36.18
C THR B 12 -33.63 -23.41 37.14
N ASP B 13 -34.74 -23.78 37.76
CA ASP B 13 -35.43 -22.86 38.67
C ASP B 13 -34.63 -22.63 39.94
N GLN B 14 -34.16 -23.70 40.57
CA GLN B 14 -33.53 -23.60 41.89
C GLN B 14 -32.10 -23.05 41.81
N GLN B 15 -31.33 -23.46 40.80
CA GLN B 15 -29.97 -22.95 40.69
C GLN B 15 -29.96 -21.51 40.23
N ALA B 16 -31.02 -21.09 39.52
CA ALA B 16 -31.24 -19.66 39.33
C ALA B 16 -31.46 -18.95 40.67
N GLN B 17 -32.24 -19.57 41.57
CA GLN B 17 -32.37 -19.05 42.93
C GLN B 17 -31.01 -18.84 43.58
N GLU B 18 -30.18 -19.88 43.57
CA GLU B 18 -28.95 -19.80 44.35
C GLU B 18 -28.00 -18.76 43.75
N LEU B 19 -27.93 -18.70 42.42
CA LEU B 19 -27.11 -17.68 41.77
C LEU B 19 -27.62 -16.29 42.11
N HIS B 20 -28.93 -16.08 42.05
CA HIS B 20 -29.47 -14.77 42.38
C HIS B 20 -29.17 -14.40 43.82
N SER B 21 -29.27 -15.37 44.73
CA SER B 21 -29.02 -15.08 46.14
C SER B 21 -27.59 -14.64 46.36
N VAL B 22 -26.63 -15.37 45.81
CA VAL B 22 -25.24 -14.99 46.02
C VAL B 22 -24.93 -13.66 45.33
N TYR B 23 -25.51 -13.44 44.14
CA TYR B 23 -25.33 -12.16 43.46
C TYR B 23 -25.87 -11.01 44.31
N LEU B 24 -27.02 -11.22 44.94
CA LEU B 24 -27.66 -10.16 45.69
C LEU B 24 -26.88 -9.85 46.96
N GLN B 25 -26.32 -10.87 47.62
CA GLN B 25 -25.46 -10.61 48.77
C GLN B 25 -24.20 -9.86 48.37
N GLY B 26 -23.58 -10.25 47.25
CA GLY B 26 -22.41 -9.52 46.78
C GLY B 26 -22.74 -8.07 46.47
N MET B 27 -23.86 -7.83 45.80
CA MET B 27 -24.28 -6.48 45.48
C MET B 27 -24.53 -5.67 46.74
N TRP B 28 -25.16 -6.28 47.74
CA TRP B 28 -25.43 -5.58 48.98
C TRP B 28 -24.13 -5.19 49.69
N LEU B 29 -23.16 -6.10 49.71
CA LEU B 29 -21.89 -5.78 50.34
C LEU B 29 -21.19 -4.63 49.62
N PHE B 30 -21.20 -4.66 48.29
CA PHE B 30 -20.61 -3.56 47.53
C PHE B 30 -21.29 -2.24 47.85
N ILE B 31 -22.62 -2.23 47.86
CA ILE B 31 -23.36 -0.99 48.06
C ILE B 31 -23.15 -0.46 49.47
N SER B 32 -23.11 -1.35 50.46
CA SER B 32 -22.92 -0.89 51.84
C SER B 32 -21.54 -0.29 52.04
N VAL B 33 -20.51 -0.91 51.45
CA VAL B 33 -19.18 -0.32 51.53
C VAL B 33 -19.17 1.04 50.84
N ALA B 34 -19.86 1.15 49.70
CA ALA B 34 -19.90 2.44 49.01
C ALA B 34 -20.61 3.50 49.83
N ILE B 35 -21.69 3.13 50.52
CA ILE B 35 -22.42 4.07 51.37
C ILE B 35 -21.51 4.57 52.48
N VAL B 36 -20.80 3.66 53.13
CA VAL B 36 -19.90 4.07 54.21
C VAL B 36 -18.81 4.98 53.67
N ALA B 37 -18.26 4.65 52.50
CA ALA B 37 -17.24 5.50 51.90
C ALA B 37 -17.77 6.89 51.63
N HIS B 38 -18.99 7.00 51.11
CA HIS B 38 -19.55 8.31 50.80
C HIS B 38 -19.84 9.11 52.06
N LEU B 39 -20.31 8.45 53.12
CA LEU B 39 -20.47 9.16 54.38
C LEU B 39 -19.14 9.72 54.87
N ALA B 40 -18.08 8.90 54.81
CA ALA B 40 -16.79 9.36 55.27
C ALA B 40 -16.28 10.52 54.43
N VAL B 41 -16.43 10.42 53.11
CA VAL B 41 -15.96 11.48 52.24
C VAL B 41 -16.78 12.75 52.46
N PHE B 42 -18.08 12.60 52.72
CA PHE B 42 -18.91 13.78 52.95
C PHE B 42 -18.51 14.49 54.24
N ILE B 43 -18.21 13.72 55.29
CA ILE B 43 -17.69 14.34 56.49
C ILE B 43 -16.36 15.03 56.23
N TRP B 44 -15.49 14.38 55.46
CA TRP B 44 -14.17 14.94 55.22
C TRP B 44 -14.22 16.21 54.38
N ARG B 45 -14.93 16.16 53.26
CA ARG B 45 -15.08 17.32 52.36
C ARG B 45 -16.45 17.27 51.72
N PRO B 46 -17.44 17.98 52.26
CA PRO B 46 -18.80 17.90 51.72
C PRO B 46 -18.91 18.60 50.37
N TRP B 47 -19.53 17.91 49.41
CA TRP B 47 -19.70 18.43 48.06
C TRP B 47 -21.08 18.99 47.81
N LEU B 48 -21.91 19.08 48.83
CA LEU B 48 -23.25 19.62 48.65
C LEU B 48 -23.56 20.56 49.81
N SER C 2 -44.77 7.86 -32.36
CA SER C 2 -45.26 8.15 -31.02
C SER C 2 -45.16 6.92 -30.13
N LYS C 3 -46.30 6.54 -29.54
CA LYS C 3 -46.45 5.33 -28.71
C LYS C 3 -45.25 5.12 -27.79
N PHE C 4 -44.86 6.18 -27.08
CA PHE C 4 -43.68 6.13 -26.24
C PHE C 4 -43.82 5.17 -25.06
N TYR C 5 -45.04 4.71 -24.77
CA TYR C 5 -45.24 3.83 -23.62
C TYR C 5 -44.40 2.56 -23.70
N LYS C 6 -43.97 2.19 -24.91
CA LYS C 6 -43.12 1.02 -25.06
C LYS C 6 -41.84 1.10 -24.24
N ILE C 7 -41.37 2.31 -23.90
CA ILE C 7 -40.14 2.37 -23.14
C ILE C 7 -40.31 1.76 -21.76
N TRP C 8 -41.54 1.68 -21.26
CA TRP C 8 -41.77 1.04 -19.98
C TRP C 8 -41.70 -0.48 -20.08
N LEU C 9 -41.78 -1.01 -21.29
CA LEU C 9 -41.43 -2.40 -21.52
C LEU C 9 -39.93 -2.61 -21.59
N ILE C 10 -39.15 -1.52 -21.54
CA ILE C 10 -37.70 -1.58 -21.56
C ILE C 10 -37.11 -1.13 -20.23
N PHE C 11 -37.35 0.12 -19.86
CA PHE C 11 -36.84 0.64 -18.60
C PHE C 11 -37.80 0.23 -17.50
N ASP C 12 -37.25 -0.21 -16.37
CA ASP C 12 -38.10 -0.58 -15.25
C ASP C 12 -38.68 0.69 -14.65
N PRO C 13 -40.01 0.85 -14.64
CA PRO C 13 -40.59 2.09 -14.11
C PRO C 13 -40.26 2.34 -12.65
N ARG C 14 -40.00 1.29 -11.87
CA ARG C 14 -39.63 1.47 -10.48
C ARG C 14 -38.36 2.30 -10.35
N ARG C 15 -37.32 1.93 -11.09
CA ARG C 15 -36.05 2.64 -10.99
C ARG C 15 -36.14 4.03 -11.62
N VAL C 16 -36.84 4.13 -12.75
CA VAL C 16 -36.90 5.40 -13.47
C VAL C 16 -37.60 6.46 -12.63
N PHE C 17 -38.68 6.10 -11.94
CA PHE C 17 -39.45 7.10 -11.22
C PHE C 17 -38.73 7.58 -9.98
N VAL C 18 -38.07 6.66 -9.26
CA VAL C 18 -37.24 7.07 -8.14
C VAL C 18 -36.12 7.98 -8.61
N ALA C 19 -35.48 7.61 -9.72
CA ALA C 19 -34.39 8.44 -10.25
C ALA C 19 -34.90 9.83 -10.61
N GLN C 20 -36.04 9.91 -11.31
CA GLN C 20 -36.58 11.21 -11.70
C GLN C 20 -36.95 12.03 -10.48
N GLY C 21 -37.60 11.43 -9.50
CA GLY C 21 -37.97 12.18 -8.31
C GLY C 21 -36.77 12.73 -7.57
N VAL C 22 -35.76 11.88 -7.36
CA VAL C 22 -34.57 12.32 -6.64
C VAL C 22 -33.87 13.43 -7.41
N PHE C 23 -33.70 13.25 -8.72
CA PHE C 23 -33.03 14.25 -9.53
C PHE C 23 -33.79 15.56 -9.53
N LEU C 24 -35.12 15.50 -9.67
CA LEU C 24 -35.93 16.70 -9.71
C LEU C 24 -35.85 17.44 -8.39
N PHE C 25 -35.93 16.73 -7.27
CA PHE C 25 -35.84 17.39 -5.98
C PHE C 25 -34.46 18.01 -5.77
N LEU C 26 -33.39 17.31 -6.16
CA LEU C 26 -32.06 17.88 -6.00
C LEU C 26 -31.89 19.11 -6.86
N LEU C 27 -32.41 19.08 -8.08
CA LEU C 27 -32.33 20.25 -8.97
C LEU C 27 -33.11 21.42 -8.40
N ALA C 28 -34.30 21.17 -7.88
CA ALA C 28 -35.09 22.24 -7.29
C ALA C 28 -34.37 22.85 -6.10
N VAL C 29 -33.79 22.02 -5.24
CA VAL C 29 -33.05 22.53 -4.09
C VAL C 29 -31.86 23.35 -4.55
N MET C 30 -31.15 22.86 -5.57
CA MET C 30 -30.00 23.60 -6.08
C MET C 30 -30.40 24.98 -6.60
N ILE C 31 -31.49 25.05 -7.37
CA ILE C 31 -31.91 26.34 -7.92
C ILE C 31 -32.37 27.28 -6.81
N HIS C 32 -33.10 26.75 -5.82
CA HIS C 32 -33.54 27.60 -4.72
C HIS C 32 -32.37 28.15 -3.92
N LEU C 33 -31.39 27.28 -3.62
CA LEU C 33 -30.22 27.74 -2.89
C LEU C 33 -29.42 28.75 -3.70
N MET C 34 -29.36 28.56 -5.01
CA MET C 34 -28.71 29.55 -5.87
C MET C 34 -29.41 30.90 -5.77
N LEU C 35 -30.74 30.89 -5.82
CA LEU C 35 -31.48 32.15 -5.69
C LEU C 35 -31.25 32.78 -4.32
N LEU C 36 -31.22 31.96 -3.27
CA LEU C 36 -30.99 32.49 -1.93
C LEU C 36 -29.63 33.16 -1.80
N SER C 37 -28.65 32.74 -2.60
CA SER C 37 -27.32 33.31 -2.51
C SER C 37 -27.28 34.74 -3.03
N ASN C 38 -27.87 34.96 -4.19
CA ASN C 38 -27.86 36.30 -4.78
C ASN C 38 -28.66 37.25 -3.92
N PRO C 39 -28.07 38.34 -3.42
CA PRO C 39 -28.86 39.30 -2.64
C PRO C 39 -29.71 40.18 -3.53
N GLY C 40 -30.36 39.56 -4.51
CA GLY C 40 -31.34 40.20 -5.35
C GLY C 40 -32.54 39.30 -5.52
N PHE C 41 -32.39 38.05 -5.08
CA PHE C 41 -33.48 37.08 -5.12
C PHE C 41 -33.60 36.31 -3.81
N ASN C 42 -32.95 36.76 -2.74
CA ASN C 42 -33.17 36.22 -1.41
C ASN C 42 -34.45 36.82 -0.87
N TRP C 43 -35.57 36.10 -1.00
CA TRP C 43 -36.87 36.68 -0.72
C TRP C 43 -37.05 37.02 0.75
N LEU C 44 -36.39 36.30 1.64
CA LEU C 44 -36.50 36.61 3.06
C LEU C 44 -35.95 38.00 3.37
N ASP C 45 -34.73 38.29 2.91
CA ASP C 45 -34.17 39.61 3.13
C ASP C 45 -34.89 40.69 2.34
N ILE C 46 -35.47 40.34 1.19
CA ILE C 46 -36.27 41.31 0.44
C ILE C 46 -37.49 41.71 1.26
N SER C 47 -38.16 40.73 1.86
CA SER C 47 -39.30 41.05 2.73
C SER C 47 -38.84 41.87 3.92
N GLY C 48 -37.68 41.55 4.48
CA GLY C 48 -37.21 42.30 5.63
C GLY C 48 -37.11 43.79 5.35
N VAL C 49 -36.58 44.16 4.18
CA VAL C 49 -36.52 45.57 3.81
C VAL C 49 -37.92 46.08 3.48
N LYS C 50 -38.73 45.26 2.81
CA LYS C 50 -40.02 45.74 2.32
C LYS C 50 -40.93 46.15 3.47
N TYR C 51 -40.96 45.37 4.54
CA TYR C 51 -41.81 45.65 5.69
C TYR C 51 -41.05 46.28 6.85
N GLU C 52 -39.89 46.89 6.58
CA GLU C 52 -39.08 47.55 7.61
C GLU C 52 -38.79 46.60 8.77
N ARG C 53 -38.01 45.58 8.44
CA ARG C 53 -37.55 44.52 9.35
C ARG C 53 -38.64 43.51 9.66
N VAL C 54 -39.65 43.40 8.79
CA VAL C 54 -40.80 42.52 8.95
C VAL C 54 -41.20 42.29 10.41
N ASP D 5 -45.78 -6.55 -11.11
CA ASP D 5 -46.96 -6.30 -10.29
C ASP D 5 -47.06 -7.28 -9.13
N LEU D 6 -47.57 -8.48 -9.39
CA LEU D 6 -47.68 -9.47 -8.32
C LEU D 6 -46.30 -9.86 -7.80
N SER D 7 -45.34 -10.05 -8.69
CA SER D 7 -43.95 -10.22 -8.28
C SER D 7 -43.35 -8.92 -7.75
N PHE D 8 -44.00 -7.79 -7.98
CA PHE D 8 -43.47 -6.51 -7.51
C PHE D 8 -43.78 -6.30 -6.04
N THR D 9 -45.06 -6.27 -5.69
CA THR D 9 -45.49 -5.89 -4.35
C THR D 9 -46.30 -6.96 -3.62
N GLY D 10 -47.00 -7.83 -4.34
CA GLY D 10 -47.73 -8.90 -3.70
C GLY D 10 -49.09 -8.54 -3.14
N LEU D 11 -49.63 -7.37 -3.46
CA LEU D 11 -50.95 -6.97 -3.04
C LEU D 11 -52.01 -7.45 -4.03
N THR D 12 -53.24 -7.58 -3.55
CA THR D 12 -54.35 -7.85 -4.44
C THR D 12 -54.98 -6.55 -4.91
N ASP D 13 -55.86 -6.67 -5.91
CA ASP D 13 -56.43 -5.50 -6.55
C ASP D 13 -57.29 -4.69 -5.59
N GLN D 14 -58.07 -5.38 -4.76
CA GLN D 14 -58.99 -4.67 -3.86
C GLN D 14 -58.24 -3.95 -2.75
N GLN D 15 -57.09 -4.47 -2.32
CA GLN D 15 -56.35 -3.83 -1.24
C GLN D 15 -55.80 -2.47 -1.68
N ALA D 16 -55.41 -2.35 -2.94
CA ALA D 16 -54.84 -1.08 -3.41
C ALA D 16 -55.86 0.05 -3.30
N GLN D 17 -57.16 -0.27 -3.42
CA GLN D 17 -58.19 0.74 -3.16
C GLN D 17 -58.04 1.33 -1.77
N GLU D 18 -57.94 0.46 -0.75
CA GLU D 18 -57.89 0.94 0.63
C GLU D 18 -56.60 1.72 0.89
N LEU D 19 -55.46 1.21 0.42
CA LEU D 19 -54.20 1.91 0.62
C LEU D 19 -54.22 3.27 -0.05
N HIS D 20 -54.70 3.34 -1.29
CA HIS D 20 -54.78 4.61 -1.97
C HIS D 20 -55.71 5.57 -1.24
N SER D 21 -56.84 5.06 -0.75
CA SER D 21 -57.81 5.90 -0.05
C SER D 21 -57.20 6.51 1.21
N VAL D 22 -56.57 5.69 2.04
CA VAL D 22 -56.01 6.23 3.28
C VAL D 22 -54.80 7.09 3.00
N TYR D 23 -54.02 6.77 1.97
CA TYR D 23 -52.91 7.63 1.57
C TYR D 23 -53.41 9.01 1.18
N LEU D 24 -54.49 9.07 0.40
CA LEU D 24 -55.07 10.35 0.04
C LEU D 24 -55.61 11.07 1.28
N GLN D 25 -56.23 10.31 2.19
CA GLN D 25 -56.72 10.92 3.43
C GLN D 25 -55.58 11.63 4.16
N GLY D 26 -54.50 10.91 4.41
CA GLY D 26 -53.37 11.51 5.09
C GLY D 26 -52.78 12.68 4.32
N MET D 27 -52.74 12.55 3.00
CA MET D 27 -52.24 13.64 2.18
C MET D 27 -53.05 14.92 2.38
N TRP D 28 -54.38 14.81 2.31
CA TRP D 28 -55.20 16.00 2.49
C TRP D 28 -55.08 16.55 3.90
N LEU D 29 -55.04 15.68 4.91
CA LEU D 29 -54.88 16.17 6.27
C LEU D 29 -53.60 16.99 6.41
N PHE D 30 -52.48 16.45 5.94
CA PHE D 30 -51.21 17.14 6.10
C PHE D 30 -51.20 18.44 5.29
N ILE D 31 -51.71 18.41 4.06
CA ILE D 31 -51.68 19.62 3.23
C ILE D 31 -52.57 20.69 3.83
N SER D 32 -53.73 20.30 4.37
CA SER D 32 -54.62 21.29 4.97
C SER D 32 -53.99 21.91 6.20
N VAL D 33 -53.36 21.10 7.05
CA VAL D 33 -52.67 21.65 8.21
C VAL D 33 -51.55 22.59 7.77
N ALA D 34 -50.81 22.21 6.72
CA ALA D 34 -49.75 23.07 6.20
C ALA D 34 -50.30 24.37 5.64
N ILE D 35 -51.45 24.32 4.97
CA ILE D 35 -52.06 25.54 4.44
C ILE D 35 -52.42 26.47 5.58
N VAL D 36 -53.03 25.93 6.63
CA VAL D 36 -53.39 26.74 7.79
C VAL D 36 -52.15 27.34 8.41
N ALA D 37 -51.08 26.55 8.52
CA ALA D 37 -49.83 27.06 9.08
C ALA D 37 -49.25 28.19 8.23
N HIS D 38 -49.26 28.03 6.91
CA HIS D 38 -48.70 29.05 6.04
C HIS D 38 -49.50 30.33 6.09
N LEU D 39 -50.82 30.24 6.14
CA LEU D 39 -51.63 31.45 6.34
C LEU D 39 -51.28 32.12 7.65
N ALA D 40 -51.18 31.34 8.73
CA ALA D 40 -50.86 31.93 10.02
C ALA D 40 -49.50 32.62 9.99
N VAL D 41 -48.51 32.00 9.35
CA VAL D 41 -47.18 32.57 9.31
C VAL D 41 -47.15 33.82 8.44
N PHE D 42 -47.82 33.77 7.28
CA PHE D 42 -47.88 34.94 6.41
C PHE D 42 -48.53 36.12 7.10
N ILE D 43 -49.61 35.87 7.83
CA ILE D 43 -50.20 36.94 8.64
C ILE D 43 -49.19 37.45 9.64
N TRP D 44 -48.51 36.53 10.32
CA TRP D 44 -47.59 36.93 11.37
C TRP D 44 -46.31 37.56 10.82
N ARG D 45 -45.76 36.99 9.74
CA ARG D 45 -44.46 37.43 9.21
C ARG D 45 -44.43 37.19 7.71
N PRO D 46 -44.87 38.16 6.92
CA PRO D 46 -45.01 37.93 5.47
C PRO D 46 -43.69 37.98 4.74
N TRP D 47 -43.52 37.08 3.78
CA TRP D 47 -42.28 36.98 3.04
C TRP D 47 -42.41 37.45 1.59
N LEU D 48 -43.35 36.92 0.83
CA LEU D 48 -43.62 37.43 -0.50
C LEU D 48 -44.81 38.36 -0.48
N SER E 2 -59.89 6.58 10.14
CA SER E 2 -61.11 5.78 10.20
C SER E 2 -60.80 4.34 10.57
N LYS E 3 -60.04 3.67 9.70
CA LYS E 3 -59.67 2.27 9.91
C LYS E 3 -58.19 2.07 9.57
N PHE E 4 -57.33 2.94 10.09
CA PHE E 4 -55.90 2.90 9.83
C PHE E 4 -55.22 1.67 10.42
N TYR E 5 -55.95 0.79 11.10
CA TYR E 5 -55.33 -0.32 11.82
C TYR E 5 -54.64 -1.29 10.87
N LYS E 6 -55.24 -1.55 9.71
CA LYS E 6 -54.74 -2.56 8.78
C LYS E 6 -53.27 -2.39 8.44
N ILE E 7 -52.69 -1.21 8.71
CA ILE E 7 -51.29 -0.98 8.36
C ILE E 7 -50.36 -1.90 9.12
N TRP E 8 -50.80 -2.43 10.26
CA TRP E 8 -49.95 -3.38 10.97
C TRP E 8 -49.84 -4.71 10.24
N LEU E 9 -50.70 -4.95 9.25
CA LEU E 9 -50.51 -6.06 8.34
C LEU E 9 -49.45 -5.78 7.29
N ILE E 10 -49.17 -4.51 6.99
CA ILE E 10 -48.17 -4.14 6.01
C ILE E 10 -46.81 -3.99 6.69
N PHE E 11 -46.71 -3.01 7.58
CA PHE E 11 -45.44 -2.71 8.25
C PHE E 11 -45.23 -3.65 9.42
N ASP E 12 -44.01 -4.18 9.53
CA ASP E 12 -43.66 -5.04 10.67
C ASP E 12 -43.59 -4.18 11.92
N PRO E 13 -44.30 -4.54 12.99
CA PRO E 13 -44.34 -3.67 14.18
C PRO E 13 -42.97 -3.37 14.78
N ARG E 14 -42.03 -4.32 14.79
CA ARG E 14 -40.74 -4.05 15.40
C ARG E 14 -40.02 -2.92 14.69
N ARG E 15 -39.93 -2.99 13.37
CA ARG E 15 -39.21 -1.96 12.62
C ARG E 15 -39.87 -0.60 12.83
N VAL E 16 -41.20 -0.54 12.79
CA VAL E 16 -41.90 0.72 12.96
C VAL E 16 -41.67 1.30 14.36
N PHE E 17 -41.85 0.46 15.38
CA PHE E 17 -41.71 0.97 16.75
C PHE E 17 -40.29 1.43 17.03
N VAL E 18 -39.29 0.68 16.57
CA VAL E 18 -37.91 1.07 16.81
C VAL E 18 -37.58 2.35 16.05
N ALA E 19 -37.95 2.41 14.77
CA ALA E 19 -37.68 3.60 13.97
C ALA E 19 -38.36 4.81 14.58
N GLN E 20 -39.59 4.65 15.05
CA GLN E 20 -40.34 5.76 15.62
C GLN E 20 -39.75 6.20 16.96
N GLY E 21 -39.32 5.24 17.78
CA GLY E 21 -38.71 5.61 19.05
C GLY E 21 -37.41 6.38 18.87
N VAL E 22 -36.54 5.87 17.99
CA VAL E 22 -35.31 6.59 17.67
C VAL E 22 -35.62 7.95 17.08
N PHE E 23 -36.62 8.00 16.21
CA PHE E 23 -37.07 9.24 15.60
C PHE E 23 -37.46 10.28 16.65
N LEU E 24 -38.36 9.90 17.55
CA LEU E 24 -38.83 10.85 18.55
C LEU E 24 -37.71 11.27 19.48
N PHE E 25 -36.85 10.32 19.89
CA PHE E 25 -35.73 10.69 20.73
C PHE E 25 -34.83 11.71 20.05
N LEU E 26 -34.48 11.46 18.78
CA LEU E 26 -33.60 12.38 18.09
C LEU E 26 -34.24 13.75 17.91
N LEU E 27 -35.55 13.77 17.59
CA LEU E 27 -36.24 15.04 17.40
C LEU E 27 -36.26 15.85 18.70
N ALA E 28 -36.55 15.18 19.81
CA ALA E 28 -36.58 15.88 21.10
C ALA E 28 -35.20 16.39 21.47
N VAL E 29 -34.16 15.58 21.23
CA VAL E 29 -32.80 16.03 21.52
C VAL E 29 -32.46 17.24 20.66
N MET E 30 -32.84 17.21 19.38
CA MET E 30 -32.60 18.33 18.49
C MET E 30 -33.26 19.60 19.00
N ILE E 31 -34.52 19.51 19.41
CA ILE E 31 -35.23 20.71 19.86
C ILE E 31 -34.61 21.24 21.14
N HIS E 32 -34.29 20.36 22.08
CA HIS E 32 -33.65 20.82 23.32
C HIS E 32 -32.31 21.47 23.05
N LEU E 33 -31.50 20.88 22.17
CA LEU E 33 -30.20 21.47 21.87
C LEU E 33 -30.36 22.81 21.17
N MET E 34 -31.38 22.95 20.32
CA MET E 34 -31.64 24.23 19.68
C MET E 34 -32.02 25.28 20.70
N LEU E 35 -32.85 24.92 21.68
CA LEU E 35 -33.16 25.87 22.75
C LEU E 35 -31.93 26.20 23.58
N LEU E 36 -31.11 25.20 23.89
CA LEU E 36 -29.89 25.43 24.65
C LEU E 36 -28.88 26.25 23.86
N SER E 37 -28.80 26.01 22.56
CA SER E 37 -27.91 26.78 21.70
C SER E 37 -28.27 28.26 21.73
N ASN E 38 -29.55 28.57 21.68
CA ASN E 38 -29.98 29.95 21.70
C ASN E 38 -29.87 30.51 23.12
N PRO E 39 -29.17 31.62 23.32
CA PRO E 39 -29.03 32.18 24.66
C PRO E 39 -30.19 33.05 25.08
N GLY E 40 -31.41 32.61 24.80
CA GLY E 40 -32.60 33.31 25.21
C GLY E 40 -33.58 32.29 25.75
N PHE E 41 -33.26 31.02 25.52
CA PHE E 41 -34.04 29.90 26.04
C PHE E 41 -33.15 28.87 26.71
N ASN E 42 -31.90 29.20 26.97
CA ASN E 42 -30.99 28.36 27.75
C ASN E 42 -31.38 28.48 29.22
N TRP E 43 -32.09 27.47 29.72
CA TRP E 43 -32.74 27.64 31.02
C TRP E 43 -31.77 27.60 32.18
N LEU E 44 -30.60 26.98 32.01
CA LEU E 44 -29.61 26.97 33.08
C LEU E 44 -29.06 28.36 33.34
N ASP E 45 -28.64 29.06 32.29
CA ASP E 45 -28.15 30.43 32.48
C ASP E 45 -29.29 31.37 32.85
N ILE E 46 -30.50 31.11 32.36
CA ILE E 46 -31.66 31.91 32.74
C ILE E 46 -31.87 31.83 34.25
N SER E 47 -31.84 30.62 34.80
CA SER E 47 -32.00 30.45 36.23
C SER E 47 -30.84 31.08 37.00
N GLY E 48 -29.62 30.95 36.47
CA GLY E 48 -28.49 31.58 37.12
C GLY E 48 -28.67 33.07 37.27
N VAL E 49 -29.10 33.74 36.18
CA VAL E 49 -29.36 35.17 36.26
C VAL E 49 -30.55 35.46 37.17
N LYS E 50 -31.57 34.60 37.13
CA LYS E 50 -32.81 34.87 37.83
C LYS E 50 -32.62 34.83 39.35
N TYR E 51 -31.88 33.85 39.84
CA TYR E 51 -31.69 33.67 41.28
C TYR E 51 -30.36 34.21 41.77
N GLU E 52 -29.82 35.22 41.10
CA GLU E 52 -28.54 35.82 41.48
C GLU E 52 -27.46 34.75 41.64
N ARG E 53 -27.09 34.19 40.48
CA ARG E 53 -26.13 33.09 40.37
C ARG E 53 -26.64 31.83 41.04
N VAL E 54 -27.95 31.79 41.26
CA VAL E 54 -28.61 30.77 42.04
C VAL E 54 -27.99 30.70 43.42
N ASP F 5 -50.80 -19.23 19.92
CA ASP F 5 -50.06 -18.15 20.58
C ASP F 5 -48.82 -17.75 19.76
N LEU F 6 -49.02 -16.85 18.80
CA LEU F 6 -47.91 -16.40 17.96
C LEU F 6 -46.96 -15.51 18.76
N SER F 7 -45.66 -15.69 18.52
CA SER F 7 -44.64 -14.97 19.29
C SER F 7 -43.35 -14.96 18.50
N PHE F 8 -42.83 -13.77 18.21
CA PHE F 8 -41.55 -13.66 17.51
C PHE F 8 -40.39 -14.18 18.35
N THR F 9 -40.55 -14.27 19.67
CA THR F 9 -39.51 -14.74 20.55
C THR F 9 -39.77 -16.15 21.08
N GLY F 10 -41.00 -16.62 21.05
CA GLY F 10 -41.34 -17.92 21.57
C GLY F 10 -41.73 -17.92 23.03
N LEU F 11 -41.61 -16.80 23.72
CA LEU F 11 -42.11 -16.69 25.09
C LEU F 11 -43.62 -16.78 25.08
N THR F 12 -44.16 -17.62 25.97
CA THR F 12 -45.61 -17.75 26.05
C THR F 12 -46.19 -16.50 26.72
N ASP F 13 -47.52 -16.49 26.80
CA ASP F 13 -48.22 -15.33 27.36
C ASP F 13 -47.87 -15.12 28.83
N GLN F 14 -47.75 -16.20 29.59
CA GLN F 14 -47.63 -16.08 31.03
C GLN F 14 -46.24 -15.57 31.46
N GLN F 15 -45.17 -16.09 30.83
CA GLN F 15 -43.86 -15.49 31.08
C GLN F 15 -43.84 -14.02 30.67
N ALA F 16 -44.57 -13.65 29.63
CA ALA F 16 -44.69 -12.24 29.32
C ALA F 16 -45.34 -11.48 30.46
N GLN F 17 -46.34 -12.08 31.11
CA GLN F 17 -47.03 -11.40 32.21
C GLN F 17 -46.10 -11.15 33.38
N GLU F 18 -45.40 -12.19 33.84
CA GLU F 18 -44.51 -12.04 34.98
C GLU F 18 -43.32 -11.14 34.65
N LEU F 19 -42.79 -11.26 33.43
CA LEU F 19 -41.70 -10.39 33.03
C LEU F 19 -42.14 -8.93 33.00
N HIS F 20 -43.34 -8.67 32.47
CA HIS F 20 -43.85 -7.31 32.45
C HIS F 20 -44.05 -6.79 33.87
N SER F 21 -44.56 -7.63 34.77
CA SER F 21 -44.77 -7.18 36.14
C SER F 21 -43.45 -6.78 36.80
N VAL F 22 -42.44 -7.63 36.68
CA VAL F 22 -41.15 -7.32 37.31
C VAL F 22 -40.53 -6.09 36.66
N TYR F 23 -40.72 -5.94 35.35
CA TYR F 23 -40.27 -4.75 34.65
C TYR F 23 -40.93 -3.51 35.22
N LEU F 24 -42.24 -3.60 35.51
CA LEU F 24 -42.96 -2.46 36.08
C LEU F 24 -42.41 -2.09 37.45
N GLN F 25 -42.19 -3.09 38.33
CA GLN F 25 -41.63 -2.73 39.63
C GLN F 25 -40.29 -2.02 39.49
N GLY F 26 -39.40 -2.55 38.65
CA GLY F 26 -38.12 -1.88 38.44
C GLY F 26 -38.29 -0.46 37.91
N MET F 27 -39.17 -0.29 36.94
CA MET F 27 -39.37 1.02 36.34
C MET F 27 -39.93 2.02 37.35
N TRP F 28 -40.92 1.60 38.14
CA TRP F 28 -41.49 2.50 39.15
C TRP F 28 -40.45 2.88 40.19
N LEU F 29 -39.63 1.93 40.63
CA LEU F 29 -38.56 2.28 41.55
C LEU F 29 -37.64 3.34 40.97
N PHE F 30 -37.19 3.13 39.73
CA PHE F 30 -36.28 4.09 39.11
C PHE F 30 -36.92 5.47 39.04
N ILE F 31 -38.17 5.56 38.58
CA ILE F 31 -38.80 6.86 38.41
C ILE F 31 -39.04 7.53 39.76
N SER F 32 -39.47 6.77 40.76
CA SER F 32 -39.77 7.38 42.05
C SER F 32 -38.50 7.92 42.70
N VAL F 33 -37.40 7.18 42.60
CA VAL F 33 -36.14 7.69 43.13
C VAL F 33 -35.73 8.94 42.36
N ALA F 34 -35.89 8.93 41.03
CA ALA F 34 -35.55 10.10 40.23
C ALA F 34 -36.41 11.30 40.61
N ILE F 35 -37.69 11.07 40.93
CA ILE F 35 -38.58 12.14 41.36
C ILE F 35 -38.07 12.76 42.65
N VAL F 36 -37.72 11.92 43.61
CA VAL F 36 -37.18 12.43 44.87
C VAL F 36 -35.90 13.21 44.61
N ALA F 37 -35.04 12.69 43.74
CA ALA F 37 -33.80 13.38 43.42
C ALA F 37 -34.05 14.75 42.82
N HIS F 38 -34.99 14.85 41.88
CA HIS F 38 -35.28 16.13 41.23
C HIS F 38 -35.88 17.12 42.21
N LEU F 39 -36.74 16.64 43.13
CA LEU F 39 -37.24 17.51 44.18
C LEU F 39 -36.10 18.07 45.01
N ALA F 40 -35.19 17.20 45.44
CA ALA F 40 -34.06 17.64 46.25
C ALA F 40 -33.19 18.64 45.50
N VAL F 41 -32.93 18.38 44.23
CA VAL F 41 -32.09 19.27 43.43
C VAL F 41 -32.79 20.61 43.23
N PHE F 42 -34.10 20.60 42.99
CA PHE F 42 -34.81 21.86 42.81
C PHE F 42 -34.80 22.68 44.09
N ILE F 43 -34.92 22.03 45.24
CA ILE F 43 -34.79 22.75 46.50
C ILE F 43 -33.40 23.34 46.62
N TRP F 44 -32.37 22.56 46.25
CA TRP F 44 -30.99 22.99 46.43
C TRP F 44 -30.63 24.15 45.50
N ARG F 45 -30.91 24.00 44.21
CA ARG F 45 -30.68 25.07 43.23
C ARG F 45 -31.79 24.98 42.17
N PRO F 46 -32.79 25.85 42.24
CA PRO F 46 -33.86 25.83 41.24
C PRO F 46 -33.32 26.18 39.87
N TRP F 47 -33.90 25.56 38.85
CA TRP F 47 -33.42 25.79 37.49
C TRP F 47 -34.45 26.41 36.57
N LEU F 48 -35.66 26.71 37.04
CA LEU F 48 -36.63 27.36 36.19
C LEU F 48 -37.70 28.00 37.04
N SER G 2 16.18 1.32 -58.01
CA SER G 2 16.84 0.34 -58.85
C SER G 2 16.25 -1.05 -58.63
N LYS G 3 16.53 -1.63 -57.46
CA LYS G 3 15.86 -2.84 -57.01
C LYS G 3 15.18 -2.62 -55.67
N PHE G 4 14.97 -1.35 -55.29
CA PHE G 4 14.36 -1.03 -54.02
C PHE G 4 12.94 -1.56 -53.90
N TYR G 5 12.33 -1.93 -55.02
CA TYR G 5 11.00 -2.52 -54.99
C TYR G 5 10.96 -3.83 -54.21
N LYS G 6 12.11 -4.46 -54.01
CA LYS G 6 12.16 -5.72 -53.28
C LYS G 6 11.87 -5.55 -51.79
N ILE G 7 11.80 -4.32 -51.30
CA ILE G 7 11.39 -4.08 -49.92
C ILE G 7 10.02 -4.67 -49.66
N TRP G 8 9.15 -4.65 -50.66
CA TRP G 8 7.81 -5.21 -50.49
C TRP G 8 7.81 -6.71 -50.43
N LEU G 9 8.96 -7.35 -50.66
CA LEU G 9 9.06 -8.78 -50.43
C LEU G 9 9.28 -9.11 -48.97
N ILE G 10 9.58 -8.14 -48.13
CA ILE G 10 9.86 -8.48 -46.74
C ILE G 10 8.83 -7.84 -45.81
N PHE G 11 8.31 -6.68 -46.21
CA PHE G 11 7.34 -5.93 -45.41
C PHE G 11 6.04 -5.82 -46.18
N ASP G 12 4.95 -6.23 -45.55
CA ASP G 12 3.65 -6.27 -46.22
C ASP G 12 3.17 -4.84 -46.51
N PRO G 13 2.81 -4.52 -47.75
CA PRO G 13 2.52 -3.12 -48.10
C PRO G 13 1.30 -2.51 -47.40
N ARG G 14 0.26 -3.28 -47.10
CA ARG G 14 -0.89 -2.74 -46.37
C ARG G 14 -0.48 -2.14 -45.04
N ARG G 15 0.24 -2.94 -44.24
CA ARG G 15 0.65 -2.50 -42.92
C ARG G 15 1.57 -1.31 -43.02
N VAL G 16 2.47 -1.33 -44.00
CA VAL G 16 3.40 -0.21 -44.17
C VAL G 16 2.63 1.06 -44.51
N PHE G 17 1.59 0.95 -45.33
CA PHE G 17 0.79 2.13 -45.67
C PHE G 17 0.14 2.72 -44.43
N VAL G 18 -0.46 1.87 -43.59
CA VAL G 18 -1.09 2.38 -42.37
C VAL G 18 -0.06 3.02 -41.46
N ALA G 19 1.05 2.32 -41.23
CA ALA G 19 2.10 2.82 -40.36
C ALA G 19 2.69 4.11 -40.90
N GLN G 20 2.80 4.22 -42.22
CA GLN G 20 3.37 5.41 -42.83
C GLN G 20 2.44 6.59 -42.68
N GLY G 21 1.12 6.37 -42.79
CA GLY G 21 0.20 7.45 -42.49
C GLY G 21 0.38 7.96 -41.07
N VAL G 22 0.45 7.04 -40.11
CA VAL G 22 0.67 7.42 -38.72
C VAL G 22 1.95 8.24 -38.57
N PHE G 23 3.04 7.72 -39.14
CA PHE G 23 4.35 8.35 -39.01
C PHE G 23 4.36 9.73 -39.64
N LEU G 24 3.77 9.88 -40.80
CA LEU G 24 3.78 11.16 -41.49
C LEU G 24 3.00 12.21 -40.70
N PHE G 25 1.86 11.82 -40.14
CA PHE G 25 1.13 12.78 -39.31
C PHE G 25 1.94 13.17 -38.07
N LEU G 26 2.59 12.20 -37.43
CA LEU G 26 3.38 12.53 -36.24
C LEU G 26 4.55 13.44 -36.57
N LEU G 27 5.22 13.20 -37.70
CA LEU G 27 6.29 14.08 -38.13
C LEU G 27 5.77 15.49 -38.38
N ALA G 28 4.59 15.59 -39.01
CA ALA G 28 3.99 16.90 -39.24
C ALA G 28 3.72 17.62 -37.92
N VAL G 29 3.21 16.91 -36.91
CA VAL G 29 2.91 17.62 -35.67
C VAL G 29 4.20 18.06 -34.98
N MET G 30 5.23 17.22 -35.00
CA MET G 30 6.53 17.67 -34.50
C MET G 30 6.95 18.97 -35.16
N ILE G 31 6.91 19.03 -36.49
CA ILE G 31 7.45 20.20 -37.16
C ILE G 31 6.60 21.44 -36.88
N HIS G 32 5.27 21.29 -36.92
CA HIS G 32 4.39 22.45 -36.68
C HIS G 32 4.60 23.02 -35.30
N LEU G 33 4.66 22.17 -34.29
CA LEU G 33 4.75 22.76 -32.95
C LEU G 33 6.19 23.08 -32.54
N MET G 34 7.18 22.53 -33.23
CA MET G 34 8.51 23.11 -33.18
C MET G 34 8.48 24.53 -33.72
N LEU G 35 7.75 24.77 -34.81
CA LEU G 35 7.63 26.12 -35.33
C LEU G 35 6.91 27.03 -34.35
N LEU G 36 5.83 26.53 -33.75
CA LEU G 36 5.11 27.30 -32.75
C LEU G 36 6.00 27.67 -31.57
N SER G 37 6.97 26.82 -31.25
CA SER G 37 7.89 27.13 -30.16
C SER G 37 8.71 28.38 -30.47
N ASN G 38 9.10 28.58 -31.70
CA ASN G 38 9.86 29.78 -32.04
C ASN G 38 8.92 30.96 -32.15
N PRO G 39 9.20 32.07 -31.46
CA PRO G 39 8.32 33.24 -31.57
C PRO G 39 8.20 33.78 -32.97
N GLY G 40 9.28 33.70 -33.75
CA GLY G 40 9.32 34.29 -35.07
C GLY G 40 8.63 33.50 -36.15
N PHE G 41 8.14 32.31 -35.85
CA PHE G 41 7.46 31.50 -36.85
C PHE G 41 6.12 30.96 -36.39
N ASN G 42 5.62 31.38 -35.22
CA ASN G 42 4.25 31.03 -34.87
C ASN G 42 3.28 31.94 -35.61
N TRP G 43 2.26 31.34 -36.22
CA TRP G 43 1.35 32.05 -37.09
C TRP G 43 0.02 32.35 -36.43
N LEU G 44 -0.23 31.81 -35.25
CA LEU G 44 -1.43 32.18 -34.50
C LEU G 44 -1.38 33.65 -34.10
N ASP G 45 -0.27 34.06 -33.50
CA ASP G 45 0.06 35.48 -33.24
C ASP G 45 1.49 35.59 -32.74
N ASP H 5 -34.37 -17.12 -31.03
CA ASP H 5 -33.96 -15.83 -31.58
C ASP H 5 -33.92 -14.71 -30.53
N LEU H 6 -32.90 -14.75 -29.68
CA LEU H 6 -32.76 -13.84 -28.56
C LEU H 6 -31.49 -13.03 -28.69
N SER H 7 -31.53 -11.78 -28.26
CA SER H 7 -30.43 -10.85 -28.40
C SER H 7 -29.52 -10.89 -27.18
N PHE H 8 -28.46 -10.09 -27.21
CA PHE H 8 -27.61 -9.94 -26.03
C PHE H 8 -28.28 -9.09 -24.97
N THR H 9 -28.89 -7.99 -25.39
CA THR H 9 -29.56 -7.07 -24.46
C THR H 9 -30.97 -7.51 -24.09
N GLY H 10 -31.54 -8.47 -24.81
CA GLY H 10 -32.91 -8.89 -24.58
C GLY H 10 -33.94 -8.22 -25.47
N LEU H 11 -33.60 -7.08 -26.07
CA LEU H 11 -34.50 -6.46 -27.04
C LEU H 11 -34.69 -7.38 -28.25
N THR H 12 -35.91 -7.42 -28.78
CA THR H 12 -36.07 -8.01 -30.09
C THR H 12 -35.63 -7.03 -31.16
N ASP H 13 -35.67 -7.47 -32.42
CA ASP H 13 -35.34 -6.57 -33.51
C ASP H 13 -36.32 -5.38 -33.57
N GLN H 14 -37.60 -5.65 -33.37
CA GLN H 14 -38.62 -4.61 -33.49
C GLN H 14 -38.44 -3.53 -32.44
N GLN H 15 -38.23 -3.95 -31.18
CA GLN H 15 -38.02 -2.99 -30.10
C GLN H 15 -36.81 -2.12 -30.38
N ALA H 16 -35.77 -2.70 -30.98
CA ALA H 16 -34.59 -1.93 -31.32
C ALA H 16 -34.91 -0.83 -32.33
N GLN H 17 -35.71 -1.13 -33.34
CA GLN H 17 -36.04 -0.12 -34.35
C GLN H 17 -36.80 1.05 -33.74
N GLU H 18 -37.87 0.76 -33.01
CA GLU H 18 -38.66 1.84 -32.42
C GLU H 18 -37.87 2.61 -31.38
N LEU H 19 -37.01 1.92 -30.62
CA LEU H 19 -36.16 2.62 -29.67
C LEU H 19 -35.19 3.55 -30.36
N HIS H 20 -34.56 3.10 -31.45
CA HIS H 20 -33.65 3.98 -32.19
C HIS H 20 -34.40 5.14 -32.81
N SER H 21 -35.61 4.89 -33.30
CA SER H 21 -36.43 5.96 -33.86
C SER H 21 -36.66 7.04 -32.82
N VAL H 22 -37.14 6.66 -31.63
CA VAL H 22 -37.43 7.66 -30.62
C VAL H 22 -36.15 8.30 -30.11
N TYR H 23 -35.03 7.57 -30.12
CA TYR H 23 -33.76 8.18 -29.74
C TYR H 23 -33.37 9.29 -30.70
N LEU H 24 -33.54 9.05 -32.00
CA LEU H 24 -33.25 10.08 -32.99
C LEU H 24 -34.21 11.26 -32.86
N GLN H 25 -35.49 10.99 -32.60
CA GLN H 25 -36.43 12.09 -32.38
C GLN H 25 -36.01 12.92 -31.17
N GLY H 26 -35.65 12.26 -30.07
CA GLY H 26 -35.24 13.00 -28.89
C GLY H 26 -34.02 13.86 -29.14
N MET H 27 -33.02 13.31 -29.84
CA MET H 27 -31.83 14.10 -30.13
C MET H 27 -32.17 15.26 -31.06
N TRP H 28 -33.02 15.03 -32.06
CA TRP H 28 -33.41 16.09 -32.97
C TRP H 28 -34.09 17.24 -32.23
N LEU H 29 -35.02 16.91 -31.33
CA LEU H 29 -35.70 17.96 -30.57
C LEU H 29 -34.75 18.67 -29.63
N PHE H 30 -33.83 17.94 -29.00
CA PHE H 30 -32.86 18.58 -28.13
C PHE H 30 -32.02 19.59 -28.89
N ILE H 31 -31.52 19.20 -30.07
CA ILE H 31 -30.67 20.12 -30.83
C ILE H 31 -31.48 21.29 -31.36
N SER H 32 -32.71 21.05 -31.82
CA SER H 32 -33.52 22.15 -32.35
C SER H 32 -33.84 23.17 -31.27
N VAL H 33 -34.22 22.69 -30.08
CA VAL H 33 -34.53 23.62 -29.00
C VAL H 33 -33.28 24.35 -28.53
N ALA H 34 -32.13 23.66 -28.53
CA ALA H 34 -30.88 24.34 -28.19
C ALA H 34 -30.54 25.42 -29.19
N ILE H 35 -30.79 25.17 -30.48
CA ILE H 35 -30.58 26.19 -31.50
C ILE H 35 -31.49 27.38 -31.26
N VAL H 36 -32.76 27.12 -30.95
CA VAL H 36 -33.70 28.21 -30.67
C VAL H 36 -33.22 29.03 -29.47
N ALA H 37 -32.76 28.35 -28.42
CA ALA H 37 -32.30 29.05 -27.23
C ALA H 37 -31.07 29.90 -27.55
N HIS H 38 -30.16 29.38 -28.38
CA HIS H 38 -28.99 30.17 -28.75
C HIS H 38 -29.38 31.37 -29.60
N LEU H 39 -30.38 31.22 -30.47
CA LEU H 39 -30.89 32.36 -31.21
C LEU H 39 -31.46 33.44 -30.28
N ALA H 40 -32.25 33.01 -29.30
CA ALA H 40 -32.84 33.97 -28.37
C ALA H 40 -31.78 34.65 -27.52
N VAL H 41 -30.78 33.90 -27.04
CA VAL H 41 -29.73 34.49 -26.23
C VAL H 41 -28.71 35.23 -27.07
N PHE H 42 -28.80 35.13 -28.39
CA PHE H 42 -28.00 36.03 -29.23
C PHE H 42 -28.74 37.32 -29.52
N ILE H 43 -30.04 37.26 -29.78
CA ILE H 43 -30.80 38.50 -29.95
C ILE H 43 -30.86 39.27 -28.64
N TRP H 44 -30.78 38.57 -27.50
CA TRP H 44 -30.69 39.21 -26.20
C TRP H 44 -29.24 39.19 -25.75
N ARG H 45 -28.67 40.37 -25.46
CA ARG H 45 -27.27 40.50 -25.08
C ARG H 45 -26.33 39.89 -26.11
N PRO H 46 -26.12 40.55 -27.25
CA PRO H 46 -25.22 39.99 -28.27
C PRO H 46 -23.81 39.77 -27.74
N TRP H 47 -23.18 38.71 -28.23
CA TRP H 47 -21.80 38.41 -27.86
C TRP H 47 -20.92 38.28 -29.10
N SER I 2 50.10 -22.06 -11.81
CA SER I 2 50.37 -23.48 -11.69
C SER I 2 49.36 -24.27 -12.49
N LYS I 3 48.31 -24.71 -11.82
CA LYS I 3 47.22 -25.44 -12.45
C LYS I 3 45.88 -24.78 -12.12
N PHE I 4 45.86 -23.46 -12.22
CA PHE I 4 44.65 -22.69 -11.99
C PHE I 4 43.56 -23.03 -12.99
N TYR I 5 43.91 -23.64 -14.11
CA TYR I 5 42.97 -23.84 -15.21
C TYR I 5 41.73 -24.59 -14.76
N LYS I 6 41.84 -25.43 -13.74
CA LYS I 6 40.72 -26.23 -13.32
C LYS I 6 39.59 -25.40 -12.73
N ILE I 7 39.76 -24.08 -12.59
CA ILE I 7 38.62 -23.23 -12.28
C ILE I 7 37.54 -23.36 -13.33
N TRP I 8 37.93 -23.57 -14.59
CA TRP I 8 36.94 -23.74 -15.65
C TRP I 8 36.23 -25.08 -15.57
N LEU I 9 36.68 -25.97 -14.71
CA LEU I 9 35.92 -27.18 -14.42
C LEU I 9 34.87 -26.94 -13.36
N ILE I 10 34.90 -25.77 -12.71
CA ILE I 10 34.02 -25.47 -11.60
C ILE I 10 33.07 -24.32 -11.93
N PHE I 11 33.55 -23.30 -12.62
CA PHE I 11 32.74 -22.14 -12.96
C PHE I 11 32.45 -22.13 -14.45
N ASP I 12 31.19 -21.91 -14.79
CA ASP I 12 30.78 -21.86 -16.19
C ASP I 12 31.43 -20.67 -16.87
N PRO I 13 32.12 -20.87 -18.00
CA PRO I 13 32.79 -19.74 -18.66
C PRO I 13 31.86 -18.61 -19.07
N ARG I 14 30.62 -18.90 -19.46
CA ARG I 14 29.73 -17.85 -19.97
C ARG I 14 29.47 -16.79 -18.92
N ARG I 15 29.02 -17.21 -17.73
CA ARG I 15 28.74 -16.27 -16.65
C ARG I 15 30.00 -15.54 -16.22
N VAL I 16 31.11 -16.26 -16.11
CA VAL I 16 32.35 -15.64 -15.64
C VAL I 16 32.81 -14.56 -16.60
N PHE I 17 32.81 -14.86 -17.91
CA PHE I 17 33.25 -13.87 -18.88
C PHE I 17 32.34 -12.67 -18.91
N VAL I 18 31.02 -12.89 -18.85
CA VAL I 18 30.11 -11.75 -18.83
C VAL I 18 30.37 -10.88 -17.62
N ALA I 19 30.49 -11.50 -16.45
CA ALA I 19 30.70 -10.74 -15.22
C ALA I 19 32.03 -10.02 -15.24
N GLN I 20 33.08 -10.67 -15.76
CA GLN I 20 34.37 -10.00 -15.86
C GLN I 20 34.31 -8.78 -16.78
N GLY I 21 33.67 -8.92 -17.94
CA GLY I 21 33.57 -7.78 -18.84
C GLY I 21 32.83 -6.63 -18.22
N VAL I 22 31.68 -6.93 -17.60
CA VAL I 22 30.88 -5.87 -16.97
C VAL I 22 31.67 -5.22 -15.85
N PHE I 23 32.29 -6.02 -14.98
CA PHE I 23 33.04 -5.49 -13.85
C PHE I 23 34.19 -4.62 -14.31
N LEU I 24 34.94 -5.07 -15.33
CA LEU I 24 36.09 -4.32 -15.79
C LEU I 24 35.67 -3.00 -16.42
N PHE I 25 34.61 -3.00 -17.22
CA PHE I 25 34.14 -1.73 -17.78
C PHE I 25 33.68 -0.80 -16.68
N LEU I 26 32.91 -1.31 -15.71
CA LEU I 26 32.43 -0.47 -14.63
C LEU I 26 33.58 0.10 -13.81
N LEU I 27 34.59 -0.71 -13.53
CA LEU I 27 35.76 -0.24 -12.77
C LEU I 27 36.52 0.83 -13.54
N ALA I 28 36.73 0.62 -14.84
CA ALA I 28 37.44 1.62 -15.63
C ALA I 28 36.67 2.93 -15.65
N VAL I 29 35.34 2.86 -15.78
CA VAL I 29 34.52 4.05 -15.76
C VAL I 29 34.61 4.75 -14.41
N MET I 30 34.54 3.99 -13.32
CA MET I 30 34.65 4.58 -12.00
C MET I 30 35.97 5.33 -11.83
N ILE I 31 37.08 4.72 -12.28
CA ILE I 31 38.37 5.37 -12.08
C ILE I 31 38.48 6.63 -12.93
N HIS I 32 38.04 6.57 -14.19
CA HIS I 32 38.08 7.77 -15.02
C HIS I 32 37.25 8.89 -14.42
N LEU I 33 36.05 8.57 -13.92
CA LEU I 33 35.23 9.59 -13.30
C LEU I 33 35.87 10.14 -12.03
N MET I 34 36.54 9.29 -11.26
CA MET I 34 37.26 9.78 -10.09
C MET I 34 38.34 10.78 -10.50
N LEU I 35 39.07 10.49 -11.58
CA LEU I 35 40.10 11.42 -12.03
C LEU I 35 39.48 12.72 -12.55
N LEU I 36 38.38 12.63 -13.30
CA LEU I 36 37.74 13.84 -13.80
C LEU I 36 37.15 14.67 -12.67
N SER I 37 36.62 14.02 -11.64
CA SER I 37 36.09 14.75 -10.48
C SER I 37 37.19 15.49 -9.75
N ASN I 38 38.40 14.96 -9.74
CA ASN I 38 39.51 15.63 -9.07
C ASN I 38 40.09 16.71 -9.96
N PRO I 39 40.13 17.95 -9.53
CA PRO I 39 40.68 19.01 -10.38
C PRO I 39 42.19 19.08 -10.34
N GLY I 40 42.85 17.93 -10.38
CA GLY I 40 44.29 17.87 -10.52
C GLY I 40 44.64 16.81 -11.55
N PHE I 41 43.65 16.03 -11.92
CA PHE I 41 43.81 14.99 -12.92
C PHE I 41 42.74 15.02 -13.99
N ASN I 42 41.85 16.00 -13.98
CA ASN I 42 40.88 16.24 -15.04
C ASN I 42 41.62 16.75 -16.26
N TRP I 43 41.83 15.89 -17.24
CA TRP I 43 42.74 16.24 -18.32
C TRP I 43 42.19 17.29 -19.27
N LEU I 44 40.86 17.43 -19.36
CA LEU I 44 40.29 18.45 -20.25
C LEU I 44 40.63 19.86 -19.78
N ASP I 45 40.37 20.15 -18.51
CA ASP I 45 40.71 21.47 -17.99
C ASP I 45 42.22 21.66 -17.86
N ILE I 46 42.95 20.57 -17.61
CA ILE I 46 44.40 20.66 -17.59
C ILE I 46 44.91 21.12 -18.95
N SER I 47 44.41 20.51 -20.02
CA SER I 47 44.83 20.91 -21.36
C SER I 47 44.38 22.33 -21.67
N GLY I 48 43.18 22.71 -21.22
CA GLY I 48 42.74 24.08 -21.42
C GLY I 48 43.70 25.09 -20.82
N VAL I 49 44.19 24.82 -19.61
CA VAL I 49 45.16 25.73 -18.99
C VAL I 49 46.50 25.64 -19.71
N LYS I 50 46.92 24.43 -20.09
CA LYS I 50 48.26 24.22 -20.62
C LYS I 50 48.47 24.97 -21.93
N TYR I 51 47.48 24.97 -22.81
CA TYR I 51 47.59 25.63 -24.10
C TYR I 51 46.99 27.02 -24.11
N GLU I 52 46.67 27.58 -22.94
CA GLU I 52 46.11 28.92 -22.83
C GLU I 52 44.81 29.04 -23.62
N ARG I 53 43.79 28.34 -23.11
CA ARG I 53 42.50 28.23 -23.77
C ARG I 53 42.66 27.54 -25.11
N VAL I 54 43.00 26.25 -25.09
CA VAL I 54 43.47 25.45 -26.22
C VAL I 54 43.22 26.08 -27.58
N ASP J 5 34.36 -32.56 -30.06
CA ASP J 5 34.18 -31.30 -30.77
C ASP J 5 32.86 -30.64 -30.40
N LEU J 6 32.72 -30.29 -29.14
CA LEU J 6 31.48 -29.72 -28.60
C LEU J 6 31.68 -28.25 -28.27
N SER J 7 30.59 -27.49 -28.39
CA SER J 7 30.60 -26.07 -28.14
C SER J 7 29.25 -25.66 -27.58
N PHE J 8 29.23 -24.53 -26.87
CA PHE J 8 27.98 -24.05 -26.31
C PHE J 8 27.04 -23.55 -27.40
N THR J 9 27.60 -22.87 -28.40
CA THR J 9 26.80 -22.22 -29.44
C THR J 9 26.40 -23.13 -30.57
N GLY J 10 26.99 -24.33 -30.67
CA GLY J 10 26.71 -25.20 -31.78
C GLY J 10 27.52 -24.92 -33.03
N LEU J 11 28.33 -23.87 -33.03
CA LEU J 11 29.17 -23.57 -34.18
C LEU J 11 30.33 -24.55 -34.27
N THR J 12 30.69 -24.92 -35.49
CA THR J 12 31.88 -25.72 -35.68
C THR J 12 33.13 -24.84 -35.56
N ASP J 13 34.29 -25.50 -35.46
CA ASP J 13 35.54 -24.77 -35.34
C ASP J 13 35.80 -23.91 -36.58
N GLN J 14 35.52 -24.45 -37.76
CA GLN J 14 35.72 -23.68 -38.99
C GLN J 14 34.80 -22.48 -39.06
N GLN J 15 33.54 -22.65 -38.66
CA GLN J 15 32.59 -21.54 -38.71
C GLN J 15 33.03 -20.40 -37.81
N ALA J 16 33.53 -20.74 -36.62
CA ALA J 16 34.00 -19.72 -35.70
C ALA J 16 35.18 -18.95 -36.29
N GLN J 17 36.05 -19.63 -37.03
CA GLN J 17 37.23 -18.96 -37.57
C GLN J 17 36.85 -17.93 -38.63
N GLU J 18 36.02 -18.30 -39.58
CA GLU J 18 35.60 -17.34 -40.59
C GLU J 18 34.77 -16.21 -39.98
N LEU J 19 33.89 -16.56 -39.05
CA LEU J 19 33.17 -15.54 -38.29
C LEU J 19 34.13 -14.53 -37.68
N HIS J 20 35.14 -15.03 -36.99
CA HIS J 20 36.09 -14.16 -36.30
C HIS J 20 36.88 -13.31 -37.27
N SER J 21 37.26 -13.87 -38.42
CA SER J 21 38.03 -13.10 -39.39
C SER J 21 37.21 -11.94 -39.95
N VAL J 22 35.96 -12.19 -40.31
CA VAL J 22 35.13 -11.09 -40.80
C VAL J 22 34.91 -10.05 -39.72
N TYR J 23 34.63 -10.52 -38.49
CA TYR J 23 34.45 -9.60 -37.38
C TYR J 23 35.68 -8.76 -37.14
N LEU J 24 36.86 -9.36 -37.29
CA LEU J 24 38.11 -8.62 -37.11
C LEU J 24 38.29 -7.56 -38.17
N GLN J 25 37.94 -7.89 -39.43
CA GLN J 25 38.01 -6.86 -40.48
C GLN J 25 37.11 -5.68 -40.15
N GLY J 26 35.88 -5.97 -39.69
CA GLY J 26 34.99 -4.90 -39.29
C GLY J 26 35.54 -4.06 -38.15
N MET J 27 36.06 -4.72 -37.12
CA MET J 27 36.63 -4.00 -35.98
C MET J 27 37.80 -3.13 -36.40
N TRP J 28 38.67 -3.65 -37.26
CA TRP J 28 39.83 -2.89 -37.70
C TRP J 28 39.42 -1.67 -38.50
N LEU J 29 38.41 -1.81 -39.35
CA LEU J 29 37.93 -0.64 -40.09
C LEU J 29 37.39 0.41 -39.14
N PHE J 30 36.57 -0.01 -38.17
CA PHE J 30 36.05 0.93 -37.19
C PHE J 30 37.19 1.63 -36.45
N ILE J 31 38.19 0.87 -36.02
CA ILE J 31 39.28 1.42 -35.23
C ILE J 31 40.12 2.38 -36.05
N SER J 32 40.36 2.06 -37.32
CA SER J 32 41.15 2.96 -38.16
C SER J 32 40.43 4.29 -38.39
N VAL J 33 39.11 4.24 -38.57
CA VAL J 33 38.36 5.50 -38.67
C VAL J 33 38.47 6.28 -37.37
N ALA J 34 38.35 5.60 -36.23
CA ALA J 34 38.48 6.28 -34.94
C ALA J 34 39.87 6.89 -34.77
N ILE J 35 40.90 6.21 -35.26
CA ILE J 35 42.26 6.71 -35.14
C ILE J 35 42.42 7.99 -35.96
N VAL J 36 41.94 7.98 -37.21
CA VAL J 36 42.03 9.19 -38.03
C VAL J 36 41.28 10.34 -37.37
N ALA J 37 40.11 10.06 -36.81
CA ALA J 37 39.35 11.09 -36.11
C ALA J 37 40.12 11.66 -34.94
N HIS J 38 40.80 10.81 -34.17
CA HIS J 38 41.55 11.29 -33.02
C HIS J 38 42.75 12.11 -33.42
N LEU J 39 43.45 11.73 -34.49
CA LEU J 39 44.51 12.60 -34.98
C LEU J 39 43.97 13.96 -35.39
N ALA J 40 42.82 13.98 -36.09
CA ALA J 40 42.26 15.26 -36.48
C ALA J 40 41.91 16.10 -35.26
N VAL J 41 41.25 15.48 -34.28
CA VAL J 41 40.83 16.21 -33.09
C VAL J 41 42.03 16.70 -32.30
N PHE J 42 43.10 15.89 -32.25
CA PHE J 42 44.26 16.30 -31.47
C PHE J 42 45.00 17.45 -32.15
N ILE J 43 45.11 17.42 -33.48
CA ILE J 43 45.69 18.56 -34.17
C ILE J 43 44.85 19.80 -33.95
N TRP J 44 43.52 19.64 -33.94
CA TRP J 44 42.64 20.80 -33.82
C TRP J 44 42.62 21.37 -32.40
N ARG J 45 42.56 20.51 -31.39
CA ARG J 45 42.35 20.93 -30.00
C ARG J 45 43.04 19.91 -29.10
N PRO J 46 44.36 20.00 -28.95
CA PRO J 46 45.08 18.95 -28.22
C PRO J 46 44.66 18.85 -26.76
N TRP J 47 44.44 17.63 -26.30
CA TRP J 47 43.95 17.38 -24.95
C TRP J 47 45.01 16.77 -24.04
N LEU J 48 46.25 16.70 -24.49
CA LEU J 48 47.32 16.19 -23.65
C LEU J 48 48.52 17.10 -23.80
N SER K 2 34.45 -5.46 -47.35
CA SER K 2 34.89 -6.84 -47.47
C SER K 2 33.71 -7.75 -47.80
N LYS K 3 33.71 -8.95 -47.22
CA LYS K 3 32.55 -9.83 -47.31
C LYS K 3 31.61 -9.63 -46.12
N PHE K 4 31.26 -8.38 -45.86
CA PHE K 4 30.34 -8.05 -44.79
C PHE K 4 28.92 -8.52 -45.07
N TYR K 5 28.62 -8.97 -46.28
CA TYR K 5 27.28 -9.41 -46.61
C TYR K 5 26.82 -10.56 -45.72
N LYS K 6 27.75 -11.27 -45.11
CA LYS K 6 27.39 -12.38 -44.23
C LYS K 6 26.74 -11.92 -42.93
N ILE K 7 26.67 -10.61 -42.66
CA ILE K 7 25.78 -10.16 -41.59
C ILE K 7 24.37 -10.68 -41.80
N TRP K 8 23.95 -10.84 -43.05
CA TRP K 8 22.58 -11.30 -43.28
C TRP K 8 22.44 -12.79 -43.09
N LEU K 9 23.53 -13.51 -42.85
CA LEU K 9 23.40 -14.87 -42.37
C LEU K 9 23.23 -14.94 -40.86
N ILE K 10 23.44 -13.83 -40.17
CA ILE K 10 23.35 -13.74 -38.73
C ILE K 10 22.08 -13.02 -38.30
N PHE K 11 21.87 -11.81 -38.81
CA PHE K 11 20.75 -10.96 -38.43
C PHE K 11 19.66 -10.97 -39.50
N ASP K 12 18.42 -11.24 -39.08
CA ASP K 12 17.29 -11.22 -39.99
C ASP K 12 17.00 -9.80 -40.47
N PRO K 13 16.61 -9.62 -41.74
CA PRO K 13 16.42 -8.27 -42.26
C PRO K 13 15.19 -7.55 -41.72
N ARG K 14 14.11 -8.24 -41.37
CA ARG K 14 12.92 -7.55 -40.89
C ARG K 14 13.20 -6.78 -39.60
N ARG K 15 13.75 -7.48 -38.61
CA ARG K 15 14.05 -6.84 -37.33
C ARG K 15 15.18 -5.84 -37.47
N VAL K 16 16.17 -6.15 -38.32
CA VAL K 16 17.27 -5.22 -38.52
C VAL K 16 16.77 -3.93 -39.12
N PHE K 17 15.87 -4.01 -40.09
CA PHE K 17 15.36 -2.80 -40.71
C PHE K 17 14.51 -1.99 -39.76
N VAL K 18 13.70 -2.67 -38.94
CA VAL K 18 12.93 -1.94 -37.94
C VAL K 18 13.85 -1.20 -36.98
N ALA K 19 14.85 -1.90 -36.44
CA ALA K 19 15.77 -1.28 -35.49
C ALA K 19 16.56 -0.15 -36.14
N GLN K 20 16.99 -0.35 -37.38
CA GLN K 20 17.76 0.67 -38.07
C GLN K 20 16.94 1.92 -38.31
N GLY K 21 15.69 1.76 -38.75
CA GLY K 21 14.84 2.92 -38.93
C GLY K 21 14.61 3.67 -37.63
N VAL K 22 14.33 2.92 -36.56
CA VAL K 22 14.11 3.56 -35.26
C VAL K 22 15.33 4.37 -34.84
N PHE K 23 16.50 3.73 -34.91
CA PHE K 23 17.73 4.38 -34.48
C PHE K 23 18.04 5.61 -35.33
N LEU K 24 17.90 5.50 -36.65
CA LEU K 24 18.29 6.59 -37.53
C LEU K 24 17.36 7.78 -37.36
N PHE K 25 16.06 7.55 -37.29
CA PHE K 25 15.14 8.64 -37.05
C PHE K 25 15.40 9.29 -35.69
N LEU K 26 15.64 8.47 -34.66
CA LEU K 26 15.92 9.02 -33.34
C LEU K 26 17.17 9.89 -33.34
N LEU K 27 18.22 9.43 -34.01
CA LEU K 27 19.46 10.21 -34.07
C LEU K 27 19.27 11.52 -34.82
N ALA K 28 18.53 11.49 -35.93
CA ALA K 28 18.28 12.72 -36.67
C ALA K 28 17.49 13.71 -35.85
N VAL K 29 16.44 13.25 -35.17
CA VAL K 29 15.65 14.15 -34.33
C VAL K 29 16.49 14.74 -33.21
N MET K 30 17.32 13.90 -32.56
CA MET K 30 18.18 14.41 -31.51
C MET K 30 19.13 15.48 -32.01
N ILE K 31 19.80 15.23 -33.12
CA ILE K 31 20.79 16.20 -33.60
C ILE K 31 20.12 17.52 -33.95
N HIS K 32 18.97 17.45 -34.62
CA HIS K 32 18.26 18.69 -34.93
C HIS K 32 17.86 19.42 -33.66
N LEU K 33 17.39 18.70 -32.64
CA LEU K 33 17.01 19.34 -31.39
C LEU K 33 18.20 20.00 -30.72
N MET K 34 19.36 19.34 -30.70
CA MET K 34 20.56 19.94 -30.14
C MET K 34 20.93 21.21 -30.87
N LEU K 35 20.80 21.21 -32.20
CA LEU K 35 21.12 22.42 -32.96
C LEU K 35 20.14 23.54 -32.67
N LEU K 36 18.86 23.20 -32.48
CA LEU K 36 17.87 24.22 -32.17
C LEU K 36 18.10 24.84 -30.81
N SER K 37 18.61 24.08 -29.85
CA SER K 37 18.83 24.61 -28.53
C SER K 37 20.07 25.49 -28.45
N ASN K 38 20.99 25.38 -29.38
CA ASN K 38 22.18 26.23 -29.33
C ASN K 38 21.91 27.55 -30.04
N PRO K 39 22.20 28.68 -29.41
CA PRO K 39 21.93 29.96 -30.08
C PRO K 39 23.04 30.39 -31.02
N GLY K 40 23.58 29.45 -31.76
CA GLY K 40 24.52 29.76 -32.82
C GLY K 40 24.17 28.93 -34.04
N PHE K 41 23.31 27.96 -33.84
CA PHE K 41 22.91 27.06 -34.90
C PHE K 41 21.40 26.87 -34.98
N ASN K 42 20.63 27.72 -34.30
CA ASN K 42 19.17 27.71 -34.43
C ASN K 42 18.82 28.52 -35.67
N TRP K 43 18.44 27.82 -36.74
CA TRP K 43 18.31 28.49 -38.02
C TRP K 43 17.14 29.47 -38.04
N LEU K 44 16.07 29.18 -37.29
CA LEU K 44 14.93 30.08 -37.25
C LEU K 44 15.32 31.46 -36.71
N ASP K 45 16.06 31.50 -35.60
CA ASP K 45 16.48 32.79 -35.05
C ASP K 45 17.58 33.43 -35.89
N ILE K 46 18.44 32.62 -36.50
CA ILE K 46 19.48 33.17 -37.37
C ILE K 46 18.84 33.90 -38.54
N SER K 47 17.82 33.30 -39.15
CA SER K 47 17.09 33.97 -40.22
C SER K 47 16.32 35.17 -39.70
N GLY K 48 15.81 35.09 -38.47
CA GLY K 48 15.19 36.26 -37.87
C GLY K 48 16.14 37.45 -37.82
N VAL K 49 17.38 37.21 -37.42
CA VAL K 49 18.37 38.29 -37.38
C VAL K 49 18.76 38.71 -38.78
N LYS K 50 18.88 37.75 -39.71
CA LYS K 50 19.44 38.03 -41.02
C LYS K 50 18.58 39.02 -41.79
N TYR K 51 17.27 38.88 -41.75
CA TYR K 51 16.37 39.71 -42.54
C TYR K 51 15.68 40.80 -41.76
N GLU K 52 16.10 41.06 -40.52
CA GLU K 52 15.35 41.96 -39.61
C GLU K 52 13.92 41.44 -39.42
N ARG K 53 13.85 40.33 -38.67
CA ARG K 53 12.63 39.59 -38.36
C ARG K 53 12.14 38.78 -39.54
N VAL K 54 13.09 38.21 -40.28
CA VAL K 54 12.83 37.38 -41.45
C VAL K 54 12.04 38.20 -42.49
N ASP L 5 12.85 -18.50 -53.51
CA ASP L 5 13.08 -17.06 -53.42
C ASP L 5 12.88 -16.54 -52.00
N LEU L 6 13.16 -15.25 -51.81
CA LEU L 6 13.09 -14.63 -50.49
C LEU L 6 11.83 -13.79 -50.42
N SER L 7 10.72 -14.42 -49.99
CA SER L 7 9.43 -13.75 -49.91
C SER L 7 8.83 -13.95 -48.53
N PHE L 8 8.97 -12.94 -47.68
CA PHE L 8 8.26 -12.96 -46.40
C PHE L 8 6.80 -12.59 -46.55
N THR L 9 6.47 -11.70 -47.49
CA THR L 9 5.13 -11.16 -47.62
C THR L 9 4.21 -11.98 -48.50
N GLY L 10 4.74 -12.98 -49.21
CA GLY L 10 3.91 -13.77 -50.09
C GLY L 10 3.60 -13.14 -51.43
N LEU L 11 4.09 -11.93 -51.70
CA LEU L 11 4.00 -11.35 -53.02
C LEU L 11 4.91 -12.10 -53.99
N THR L 12 4.66 -11.90 -55.27
CA THR L 12 5.61 -12.33 -56.29
C THR L 12 6.51 -11.16 -56.67
N ASP L 13 7.50 -11.45 -57.51
CA ASP L 13 8.41 -10.41 -57.97
C ASP L 13 7.66 -9.34 -58.75
N GLN L 14 6.72 -9.75 -59.59
CA GLN L 14 6.01 -8.82 -60.47
C GLN L 14 5.02 -7.95 -59.70
N GLN L 15 4.35 -8.51 -58.70
CA GLN L 15 3.44 -7.71 -57.88
C GLN L 15 4.19 -6.62 -57.13
N ALA L 16 5.40 -6.93 -56.65
CA ALA L 16 6.16 -5.95 -55.90
C ALA L 16 6.59 -4.79 -56.78
N GLN L 17 6.96 -5.06 -58.03
CA GLN L 17 7.34 -3.99 -58.94
C GLN L 17 6.17 -3.05 -59.22
N GLU L 18 5.00 -3.62 -59.48
CA GLU L 18 3.83 -2.79 -59.76
C GLU L 18 3.44 -1.97 -58.55
N LEU L 19 3.41 -2.60 -57.38
CA LEU L 19 3.05 -1.83 -56.19
C LEU L 19 4.09 -0.79 -55.87
N HIS L 20 5.37 -1.07 -56.14
CA HIS L 20 6.38 -0.06 -55.93
C HIS L 20 6.18 1.13 -56.86
N SER L 21 5.82 0.88 -58.12
CA SER L 21 5.57 2.00 -59.04
C SER L 21 4.39 2.84 -58.57
N VAL L 22 3.33 2.20 -58.08
CA VAL L 22 2.21 2.97 -57.52
C VAL L 22 2.65 3.75 -56.29
N TYR L 23 3.44 3.13 -55.42
CA TYR L 23 3.93 3.80 -54.24
C TYR L 23 4.78 5.02 -54.62
N LEU L 24 5.61 4.87 -55.65
CA LEU L 24 6.44 5.98 -56.10
C LEU L 24 5.59 7.12 -56.64
N GLN L 25 4.55 6.79 -57.41
CA GLN L 25 3.65 7.85 -57.89
C GLN L 25 3.06 8.62 -56.73
N GLY L 26 2.52 7.91 -55.74
CA GLY L 26 1.95 8.58 -54.59
C GLY L 26 2.95 9.43 -53.84
N MET L 27 4.16 8.91 -53.66
CA MET L 27 5.16 9.63 -52.90
C MET L 27 5.62 10.89 -53.64
N TRP L 28 5.76 10.82 -54.97
CA TRP L 28 6.17 12.03 -55.67
C TRP L 28 5.06 13.07 -55.66
N LEU L 29 3.81 12.62 -55.73
CA LEU L 29 2.70 13.57 -55.58
C LEU L 29 2.75 14.27 -54.22
N PHE L 30 2.97 13.49 -53.16
CA PHE L 30 3.05 14.07 -51.82
C PHE L 30 4.21 15.07 -51.73
N ILE L 31 5.36 14.69 -52.29
CA ILE L 31 6.52 15.58 -52.23
C ILE L 31 6.28 16.86 -53.02
N SER L 32 5.61 16.77 -54.16
CA SER L 32 5.36 17.97 -54.96
C SER L 32 4.42 18.93 -54.23
N VAL L 33 3.39 18.40 -53.58
CA VAL L 33 2.53 19.27 -52.79
C VAL L 33 3.31 19.90 -51.64
N ALA L 34 4.18 19.12 -51.00
CA ALA L 34 5.02 19.65 -49.94
C ALA L 34 5.96 20.75 -50.44
N ILE L 35 6.48 20.58 -51.66
CA ILE L 35 7.35 21.60 -52.25
C ILE L 35 6.58 22.89 -52.46
N VAL L 36 5.36 22.80 -52.97
CA VAL L 36 4.56 24.01 -53.15
C VAL L 36 4.35 24.70 -51.81
N ALA L 37 4.03 23.92 -50.77
CA ALA L 37 3.86 24.51 -49.45
C ALA L 37 5.12 25.20 -48.96
N HIS L 38 6.29 24.58 -49.19
CA HIS L 38 7.53 25.16 -48.71
C HIS L 38 7.90 26.42 -49.49
N LEU L 39 7.63 26.44 -50.80
CA LEU L 39 7.87 27.65 -51.56
C LEU L 39 6.98 28.78 -51.06
N ALA L 40 5.72 28.49 -50.78
CA ALA L 40 4.83 29.52 -50.26
C ALA L 40 5.33 30.05 -48.93
N VAL L 41 5.71 29.16 -48.02
CA VAL L 41 6.19 29.61 -46.71
C VAL L 41 7.49 30.40 -46.86
N PHE L 42 8.40 29.92 -47.71
CA PHE L 42 9.67 30.61 -47.90
C PHE L 42 9.48 32.00 -48.47
N ILE L 43 8.59 32.14 -49.45
CA ILE L 43 8.26 33.46 -49.97
C ILE L 43 7.71 34.33 -48.85
N TRP L 44 6.82 33.77 -48.04
CA TRP L 44 6.25 34.53 -46.95
C TRP L 44 7.28 34.86 -45.87
N ARG L 45 8.08 33.87 -45.46
CA ARG L 45 8.85 34.00 -44.23
C ARG L 45 10.10 33.11 -44.35
N PRO L 46 11.14 33.59 -45.04
CA PRO L 46 12.28 32.72 -45.39
C PRO L 46 13.14 32.34 -44.20
N TRP L 47 13.50 31.07 -44.12
CA TRP L 47 14.24 30.54 -42.99
C TRP L 47 15.72 30.30 -43.26
N LEU L 48 16.20 30.60 -44.45
CA LEU L 48 17.62 30.50 -44.72
C LEU L 48 18.13 31.80 -45.33
N SER M 2 -20.78 -16.51 52.86
CA SER M 2 -21.83 -17.22 52.15
C SER M 2 -21.33 -18.54 51.58
N LYS M 3 -21.80 -18.89 50.39
CA LYS M 3 -21.31 -20.04 49.64
C LYS M 3 -20.96 -19.62 48.22
N PHE M 4 -20.14 -18.57 48.13
CA PHE M 4 -19.71 -18.00 46.85
C PHE M 4 -19.00 -19.01 45.95
N TYR M 5 -18.67 -20.20 46.44
CA TYR M 5 -17.87 -21.12 45.63
C TYR M 5 -18.58 -21.49 44.33
N LYS M 6 -19.90 -21.38 44.28
CA LYS M 6 -20.64 -21.68 43.06
C LYS M 6 -20.17 -20.84 41.88
N ILE M 7 -19.42 -19.75 42.13
CA ILE M 7 -18.92 -18.96 41.01
C ILE M 7 -18.02 -19.81 40.13
N TRP M 8 -17.23 -20.71 40.74
CA TRP M 8 -16.38 -21.57 39.95
C TRP M 8 -17.16 -22.63 39.18
N LEU M 9 -18.43 -22.81 39.50
CA LEU M 9 -19.30 -23.64 38.66
C LEU M 9 -19.74 -22.90 37.42
N ILE M 10 -19.70 -21.58 37.44
CA ILE M 10 -20.15 -20.76 36.32
C ILE M 10 -19.00 -20.44 35.39
N PHE M 11 -17.92 -19.90 35.92
CA PHE M 11 -16.80 -19.43 35.11
C PHE M 11 -15.66 -20.43 35.15
N ASP M 12 -14.98 -20.58 34.03
CA ASP M 12 -13.79 -21.40 33.99
C ASP M 12 -12.70 -20.73 34.81
N PRO M 13 -12.06 -21.46 35.74
CA PRO M 13 -11.06 -20.82 36.61
C PRO M 13 -9.91 -20.18 35.86
N ARG M 14 -9.50 -20.75 34.73
CA ARG M 14 -8.35 -20.22 34.00
C ARG M 14 -8.61 -18.80 33.51
N ARG M 15 -9.77 -18.59 32.88
CA ARG M 15 -10.10 -17.26 32.38
C ARG M 15 -10.22 -16.27 33.52
N VAL M 16 -10.81 -16.70 34.64
CA VAL M 16 -10.96 -15.82 35.79
C VAL M 16 -9.59 -15.42 36.34
N PHE M 17 -8.70 -16.39 36.49
CA PHE M 17 -7.38 -16.08 37.03
C PHE M 17 -6.60 -15.15 36.11
N VAL M 18 -6.67 -15.39 34.80
CA VAL M 18 -5.97 -14.52 33.86
C VAL M 18 -6.51 -13.11 33.95
N ALA M 19 -7.83 -12.96 33.90
CA ALA M 19 -8.44 -11.63 33.95
C ALA M 19 -8.10 -10.93 35.24
N GLN M 20 -8.12 -11.66 36.35
CA GLN M 20 -7.92 -11.03 37.65
C GLN M 20 -6.47 -10.60 37.83
N GLY M 21 -5.52 -11.43 37.40
CA GLY M 21 -4.14 -11.00 37.41
C GLY M 21 -3.90 -9.79 36.53
N VAL M 22 -4.54 -9.76 35.36
CA VAL M 22 -4.37 -8.64 34.45
C VAL M 22 -4.88 -7.35 35.07
N PHE M 23 -6.06 -7.40 35.69
CA PHE M 23 -6.63 -6.19 36.28
C PHE M 23 -5.84 -5.75 37.50
N LEU M 24 -5.33 -6.70 38.30
CA LEU M 24 -4.50 -6.32 39.43
C LEU M 24 -3.21 -5.65 38.98
N PHE M 25 -2.57 -6.21 37.95
CA PHE M 25 -1.35 -5.62 37.41
C PHE M 25 -1.62 -4.22 36.88
N LEU M 26 -2.70 -4.06 36.13
CA LEU M 26 -3.06 -2.77 35.58
C LEU M 26 -3.28 -1.75 36.69
N LEU M 27 -4.01 -2.15 37.72
CA LEU M 27 -4.30 -1.27 38.85
C LEU M 27 -3.03 -0.84 39.55
N ALA M 28 -2.14 -1.79 39.84
CA ALA M 28 -0.91 -1.45 40.55
C ALA M 28 -0.03 -0.53 39.73
N VAL M 29 0.13 -0.82 38.45
CA VAL M 29 0.94 0.04 37.60
C VAL M 29 0.37 1.45 37.57
N MET M 30 -0.94 1.55 37.41
CA MET M 30 -1.56 2.86 37.30
C MET M 30 -1.46 3.65 38.59
N ILE M 31 -1.66 2.99 39.75
CA ILE M 31 -1.54 3.72 41.02
C ILE M 31 -0.11 4.20 41.24
N HIS M 32 0.88 3.33 41.01
CA HIS M 32 2.26 3.74 41.21
C HIS M 32 2.63 4.90 40.30
N LEU M 33 2.22 4.85 39.04
CA LEU M 33 2.54 5.94 38.13
C LEU M 33 1.82 7.22 38.52
N MET M 34 0.59 7.10 39.02
CA MET M 34 -0.11 8.30 39.49
C MET M 34 0.59 8.93 40.67
N LEU M 35 1.10 8.11 41.61
CA LEU M 35 1.84 8.67 42.73
C LEU M 35 3.13 9.33 42.28
N LEU M 36 3.84 8.72 41.33
CA LEU M 36 5.06 9.32 40.82
C LEU M 36 4.80 10.65 40.13
N SER M 37 3.65 10.78 39.47
CA SER M 37 3.31 12.01 38.78
C SER M 37 3.02 13.16 39.74
N ASN M 38 2.73 12.88 40.99
CA ASN M 38 2.43 13.95 41.93
C ASN M 38 3.65 14.30 42.77
N PRO M 39 4.05 15.56 42.84
CA PRO M 39 5.25 15.91 43.61
C PRO M 39 4.99 16.05 45.10
N GLY M 40 4.22 15.15 45.67
CA GLY M 40 4.04 15.09 47.10
C GLY M 40 4.15 13.65 47.52
N PHE M 41 4.15 12.76 46.52
CA PHE M 41 4.24 11.34 46.77
C PHE M 41 5.25 10.65 45.87
N ASN M 42 6.09 11.42 45.18
CA ASN M 42 7.17 10.90 44.36
C ASN M 42 8.33 10.53 45.26
N TRP M 43 8.44 9.23 45.61
CA TRP M 43 9.33 8.85 46.70
C TRP M 43 10.79 9.03 46.35
N LEU M 44 11.17 8.85 45.08
CA LEU M 44 12.55 9.09 44.69
C LEU M 44 12.96 10.53 44.94
N ASP M 45 12.14 11.48 44.48
CA ASP M 45 12.45 12.89 44.68
C ASP M 45 12.26 13.29 46.14
N ILE M 46 11.30 12.67 46.83
CA ILE M 46 11.11 12.94 48.24
C ILE M 46 12.37 12.58 49.01
N SER M 47 12.91 11.39 48.75
CA SER M 47 14.14 10.96 49.41
C SER M 47 15.29 11.89 49.05
N GLY M 48 15.42 12.23 47.77
CA GLY M 48 16.46 13.16 47.37
C GLY M 48 16.44 14.45 48.17
N VAL M 49 15.25 14.98 48.45
CA VAL M 49 15.18 16.19 49.26
C VAL M 49 15.45 15.88 50.72
N LYS M 50 14.92 14.76 51.23
CA LYS M 50 15.02 14.46 52.65
C LYS M 50 16.47 14.28 53.08
N TYR M 51 17.21 13.41 52.39
CA TYR M 51 18.56 13.05 52.78
C TYR M 51 19.62 13.92 52.12
N GLU M 52 19.31 15.17 51.81
CA GLU M 52 20.22 16.11 51.14
C GLU M 52 21.01 15.44 50.02
N ARG M 53 20.30 14.91 49.02
CA ARG M 53 20.75 14.18 47.83
C ARG M 53 21.05 12.71 48.14
N VAL M 54 20.92 12.27 49.38
CA VAL M 54 20.80 10.87 49.77
C VAL M 54 22.15 10.17 49.66
N ASP N 5 -10.52 -37.36 39.03
CA ASP N 5 -9.32 -36.53 38.98
C ASP N 5 -9.54 -35.25 38.16
N LEU N 6 -9.17 -34.11 38.74
CA LEU N 6 -9.21 -32.83 38.04
C LEU N 6 -7.84 -32.53 37.48
N SER N 7 -7.75 -32.34 36.17
CA SER N 7 -6.49 -31.99 35.53
C SER N 7 -6.80 -31.21 34.26
N PHE N 8 -6.66 -29.90 34.34
CA PHE N 8 -6.68 -29.08 33.13
C PHE N 8 -5.38 -29.19 32.35
N THR N 9 -4.35 -29.78 32.94
CA THR N 9 -3.05 -29.91 32.31
C THR N 9 -2.65 -31.35 32.04
N GLY N 10 -3.40 -32.33 32.54
CA GLY N 10 -3.04 -33.72 32.41
C GLY N 10 -2.06 -34.22 33.43
N LEU N 11 -1.50 -33.33 34.25
CA LEU N 11 -0.48 -33.72 35.22
C LEU N 11 -1.11 -34.48 36.38
N THR N 12 -0.25 -35.14 37.16
CA THR N 12 -0.66 -35.89 38.33
C THR N 12 -0.61 -34.99 39.57
N ASP N 13 -1.49 -35.29 40.53
CA ASP N 13 -1.48 -34.59 41.81
C ASP N 13 -0.11 -34.65 42.46
N GLN N 14 0.61 -35.77 42.30
CA GLN N 14 1.96 -35.84 42.83
C GLN N 14 2.95 -35.09 41.95
N GLN N 15 2.76 -35.11 40.64
CA GLN N 15 3.69 -34.37 39.77
C GLN N 15 3.62 -32.88 40.04
N ALA N 16 2.49 -32.40 40.57
CA ALA N 16 2.40 -31.02 41.01
C ALA N 16 3.18 -30.80 42.30
N GLN N 17 3.32 -31.84 43.13
CA GLN N 17 4.10 -31.73 44.35
C GLN N 17 5.57 -31.43 44.02
N GLU N 18 6.16 -32.20 43.11
CA GLU N 18 7.58 -32.05 42.79
C GLU N 18 7.85 -30.77 42.04
N LEU N 19 7.01 -30.44 41.05
CA LEU N 19 7.15 -29.17 40.35
C LEU N 19 7.00 -28.00 41.30
N HIS N 20 6.01 -28.05 42.19
CA HIS N 20 5.83 -26.97 43.14
C HIS N 20 7.03 -26.83 44.06
N SER N 21 7.58 -27.95 44.52
CA SER N 21 8.73 -27.90 45.40
C SER N 21 9.92 -27.24 44.72
N VAL N 22 10.27 -27.71 43.53
CA VAL N 22 11.42 -27.13 42.83
C VAL N 22 11.17 -25.67 42.49
N TYR N 23 9.93 -25.33 42.10
CA TYR N 23 9.61 -23.95 41.79
C TYR N 23 9.77 -23.06 43.02
N LEU N 24 9.36 -23.57 44.19
CA LEU N 24 9.53 -22.82 45.43
C LEU N 24 11.01 -22.63 45.76
N GLN N 25 11.85 -23.65 45.52
CA GLN N 25 13.29 -23.47 45.75
C GLN N 25 13.85 -22.35 44.88
N GLY N 26 13.56 -22.39 43.58
CA GLY N 26 14.03 -21.33 42.71
C GLY N 26 13.48 -19.97 43.11
N MET N 27 12.20 -19.92 43.46
CA MET N 27 11.57 -18.69 43.91
C MET N 27 12.30 -18.12 45.12
N TRP N 28 12.53 -18.96 46.13
CA TRP N 28 13.15 -18.48 47.35
C TRP N 28 14.59 -18.04 47.12
N LEU N 29 15.30 -18.72 46.22
CA LEU N 29 16.64 -18.25 45.88
C LEU N 29 16.58 -16.85 45.27
N PHE N 30 15.72 -16.67 44.28
CA PHE N 30 15.61 -15.38 43.61
C PHE N 30 15.22 -14.28 44.60
N ILE N 31 14.23 -14.55 45.45
CA ILE N 31 13.74 -13.54 46.38
C ILE N 31 14.78 -13.23 47.44
N SER N 32 15.52 -14.24 47.92
CA SER N 32 16.55 -13.97 48.92
C SER N 32 17.65 -13.09 48.34
N VAL N 33 18.05 -13.36 47.10
CA VAL N 33 19.05 -12.51 46.46
C VAL N 33 18.52 -11.10 46.32
N ALA N 34 17.26 -10.95 45.90
CA ALA N 34 16.67 -9.63 45.76
C ALA N 34 16.59 -8.91 47.10
N ILE N 35 16.30 -9.65 48.17
CA ILE N 35 16.21 -9.02 49.49
C ILE N 35 17.57 -8.48 49.91
N VAL N 36 18.62 -9.28 49.74
CA VAL N 36 19.95 -8.80 50.11
C VAL N 36 20.33 -7.59 49.27
N ALA N 37 20.00 -7.63 47.97
CA ALA N 37 20.29 -6.47 47.13
C ALA N 37 19.57 -5.23 47.61
N HIS N 38 18.29 -5.36 48.00
CA HIS N 38 17.55 -4.20 48.47
C HIS N 38 18.11 -3.67 49.78
N LEU N 39 18.50 -4.57 50.68
CA LEU N 39 19.16 -4.13 51.91
C LEU N 39 20.41 -3.31 51.61
N ALA N 40 21.24 -3.82 50.69
CA ALA N 40 22.46 -3.11 50.33
C ALA N 40 22.16 -1.76 49.72
N VAL N 41 21.20 -1.70 48.79
CA VAL N 41 20.86 -0.43 48.16
C VAL N 41 20.32 0.55 49.19
N PHE N 42 19.47 0.08 50.10
CA PHE N 42 18.88 0.97 51.09
C PHE N 42 19.93 1.53 52.02
N ILE N 43 20.91 0.72 52.40
CA ILE N 43 22.04 1.26 53.15
C ILE N 43 22.77 2.30 52.32
N TRP N 44 23.05 1.97 51.06
CA TRP N 44 23.89 2.84 50.24
C TRP N 44 23.18 4.14 49.89
N ARG N 45 21.87 4.10 49.68
CA ARG N 45 21.13 5.28 49.23
C ARG N 45 19.66 5.09 49.58
N PRO N 46 19.23 5.47 50.79
CA PRO N 46 17.86 5.16 51.21
C PRO N 46 16.82 5.97 50.45
N TRP N 47 15.71 5.32 50.12
CA TRP N 47 14.65 5.98 49.37
C TRP N 47 13.40 6.25 50.19
N LEU N 48 13.36 5.83 51.45
CA LEU N 48 12.24 6.14 52.32
C LEU N 48 12.73 6.72 53.63
N SER O 2 46.23 -27.95 9.16
CA SER O 2 46.87 -29.26 9.09
C SER O 2 46.13 -30.15 8.10
N LYS O 3 44.82 -30.24 8.28
CA LYS O 3 43.94 -30.98 7.38
C LYS O 3 42.67 -30.18 7.10
N PHE O 4 42.84 -28.86 6.88
CA PHE O 4 41.71 -27.98 6.63
C PHE O 4 41.04 -28.23 5.28
N TYR O 5 41.57 -29.14 4.45
CA TYR O 5 41.05 -29.26 3.10
C TYR O 5 39.64 -29.82 3.07
N LYS O 6 39.31 -30.72 4.00
CA LYS O 6 38.03 -31.44 3.95
C LYS O 6 36.83 -30.50 4.02
N ILE O 7 37.04 -29.21 4.30
CA ILE O 7 35.94 -28.26 4.25
C ILE O 7 35.31 -28.21 2.88
N TRP O 8 36.10 -28.45 1.82
CA TRP O 8 35.53 -28.45 0.49
C TRP O 8 34.58 -29.60 0.27
N LEU O 9 34.55 -30.57 1.19
CA LEU O 9 33.58 -31.64 1.16
C LEU O 9 32.22 -31.21 1.70
N ILE O 10 32.15 -30.13 2.46
CA ILE O 10 30.90 -29.67 3.04
C ILE O 10 30.43 -28.36 2.41
N PHE O 11 31.35 -27.43 2.14
CA PHE O 11 31.00 -26.15 1.53
C PHE O 11 31.21 -26.25 0.03
N ASP O 12 30.22 -25.83 -0.74
CA ASP O 12 30.34 -25.88 -2.19
C ASP O 12 31.32 -24.82 -2.65
N PRO O 13 32.37 -25.19 -3.40
CA PRO O 13 33.40 -24.21 -3.76
C PRO O 13 32.87 -23.02 -4.54
N ARG O 14 31.82 -23.21 -5.34
CA ARG O 14 31.31 -22.12 -6.15
C ARG O 14 30.82 -20.96 -5.29
N ARG O 15 29.94 -21.25 -4.33
CA ARG O 15 29.42 -20.20 -3.48
C ARG O 15 30.52 -19.58 -2.64
N VAL O 16 31.44 -20.39 -2.14
CA VAL O 16 32.54 -19.87 -1.33
C VAL O 16 33.38 -18.90 -2.13
N PHE O 17 33.74 -19.28 -3.35
CA PHE O 17 34.64 -18.45 -4.15
C PHE O 17 33.97 -17.16 -4.57
N VAL O 18 32.69 -17.22 -4.96
CA VAL O 18 31.99 -16.00 -5.32
C VAL O 18 31.88 -15.07 -4.12
N ALA O 19 31.54 -15.64 -2.95
CA ALA O 19 31.39 -14.83 -1.75
C ALA O 19 32.71 -14.17 -1.37
N GLN O 20 33.81 -14.94 -1.41
CA GLN O 20 35.11 -14.38 -1.09
C GLN O 20 35.50 -13.28 -2.06
N GLY O 21 35.27 -13.49 -3.36
CA GLY O 21 35.63 -12.47 -4.32
C GLY O 21 34.87 -11.18 -4.09
N VAL O 22 33.56 -11.29 -3.88
CA VAL O 22 32.75 -10.10 -3.64
C VAL O 22 33.20 -9.40 -2.36
N PHE O 23 33.42 -10.17 -1.29
CA PHE O 23 33.82 -9.57 -0.03
C PHE O 23 35.18 -8.89 -0.13
N LEU O 24 36.14 -9.54 -0.79
CA LEU O 24 37.46 -8.96 -0.93
C LEU O 24 37.43 -7.67 -1.74
N PHE O 25 36.67 -7.67 -2.83
CA PHE O 25 36.57 -6.47 -3.63
C PHE O 25 35.92 -5.33 -2.85
N LEU O 26 34.82 -5.61 -2.14
CA LEU O 26 34.14 -4.56 -1.39
C LEU O 26 35.04 -4.00 -0.29
N LEU O 27 35.78 -4.89 0.40
CA LEU O 27 36.69 -4.45 1.45
C LEU O 27 37.79 -3.57 0.89
N ALA O 28 38.39 -3.97 -0.24
CA ALA O 28 39.43 -3.16 -0.85
C ALA O 28 38.90 -1.80 -1.27
N VAL O 29 37.71 -1.79 -1.87
CA VAL O 29 37.10 -0.53 -2.29
C VAL O 29 36.92 0.40 -1.10
N MET O 30 36.42 -0.15 0.01
CA MET O 30 36.18 0.70 1.17
C MET O 30 37.46 1.20 1.82
N ILE O 31 38.51 0.37 1.84
CA ILE O 31 39.77 0.85 2.41
C ILE O 31 40.33 1.99 1.55
N HIS O 32 40.28 1.84 0.22
CA HIS O 32 40.74 2.92 -0.65
C HIS O 32 39.94 4.18 -0.47
N LEU O 33 38.61 4.05 -0.34
CA LEU O 33 37.78 5.25 -0.15
C LEU O 33 38.04 5.88 1.21
N MET O 34 38.25 5.07 2.24
CA MET O 34 38.75 5.56 3.52
C MET O 34 39.99 6.41 3.35
N LEU O 35 40.97 5.92 2.60
CA LEU O 35 42.21 6.65 2.45
C LEU O 35 42.01 7.92 1.63
N LEU O 36 41.20 7.85 0.57
CA LEU O 36 40.95 9.02 -0.27
C LEU O 36 40.21 10.10 0.50
N SER O 37 39.24 9.72 1.34
CA SER O 37 38.49 10.71 2.09
C SER O 37 39.30 11.33 3.22
N ASN O 38 40.44 10.76 3.58
CA ASN O 38 41.32 11.34 4.57
C ASN O 38 42.36 12.22 3.88
N PRO O 39 42.44 13.51 4.19
CA PRO O 39 43.43 14.35 3.51
C PRO O 39 44.82 14.24 4.11
N GLY O 40 45.23 13.02 4.42
CA GLY O 40 46.60 12.76 4.79
C GLY O 40 47.07 11.55 4.01
N PHE O 41 46.12 10.89 3.38
CA PHE O 41 46.40 9.70 2.60
C PHE O 41 45.76 9.74 1.22
N ASN O 42 45.24 10.88 0.78
CA ASN O 42 44.69 11.03 -0.56
C ASN O 42 45.86 11.24 -1.51
N TRP O 43 46.21 10.20 -2.28
CA TRP O 43 47.44 10.28 -3.06
C TRP O 43 47.34 11.29 -4.19
N LEU O 44 46.15 11.50 -4.75
CA LEU O 44 46.01 12.48 -5.83
C LEU O 44 46.37 13.88 -5.35
N ASP O 45 45.78 14.31 -4.23
CA ASP O 45 46.09 15.65 -3.73
C ASP O 45 47.48 15.71 -3.12
N ILE O 46 47.96 14.62 -2.51
CA ILE O 46 49.32 14.62 -2.00
C ILE O 46 50.31 14.84 -3.13
N SER O 47 50.12 14.17 -4.26
CA SER O 47 51.01 14.37 -5.40
C SER O 47 50.84 15.75 -6.00
N GLY O 48 49.62 16.29 -6.01
CA GLY O 48 49.45 17.66 -6.43
C GLY O 48 50.28 18.64 -5.62
N VAL O 49 50.33 18.43 -4.30
CA VAL O 49 51.14 19.31 -3.46
C VAL O 49 52.62 19.03 -3.65
N LYS O 50 52.99 17.75 -3.80
CA LYS O 50 54.40 17.38 -3.86
C LYS O 50 55.07 17.92 -5.11
N TYR O 51 54.38 17.91 -6.25
CA TYR O 51 54.95 18.31 -7.52
C TYR O 51 54.53 19.71 -7.94
N GLU O 52 54.07 20.53 -7.00
CA GLU O 52 53.62 21.88 -7.29
C GLU O 52 52.57 21.88 -8.41
N ARG O 53 51.39 21.35 -8.03
CA ARG O 53 50.26 21.19 -8.96
C ARG O 53 50.65 20.23 -10.07
N VAL O 54 50.82 18.96 -9.69
CA VAL O 54 51.60 17.93 -10.37
C VAL O 54 52.28 18.44 -11.63
N ASP P 5 35.89 -38.42 -13.74
CA ASP P 5 36.24 -37.01 -13.86
C ASP P 5 35.01 -36.17 -14.16
N LEU P 6 34.31 -35.77 -13.10
CA LEU P 6 33.13 -34.94 -13.23
C LEU P 6 33.51 -33.47 -13.08
N SER P 7 32.78 -32.61 -13.78
CA SER P 7 32.90 -31.17 -13.62
C SER P 7 31.52 -30.59 -13.36
N PHE P 8 31.52 -29.42 -12.75
CA PHE P 8 30.28 -28.66 -12.63
C PHE P 8 29.83 -28.09 -13.97
N THR P 9 30.76 -27.94 -14.92
CA THR P 9 30.54 -27.08 -16.08
C THR P 9 30.29 -27.81 -17.39
N GLY P 10 30.64 -29.09 -17.48
CA GLY P 10 30.52 -29.81 -18.72
C GLY P 10 31.75 -29.77 -19.60
N LEU P 11 32.70 -28.88 -19.32
CA LEU P 11 33.99 -28.93 -19.98
C LEU P 11 34.76 -30.16 -19.52
N THR P 12 35.65 -30.65 -20.38
CA THR P 12 36.55 -31.72 -19.98
C THR P 12 37.91 -31.11 -19.64
N ASP P 13 38.84 -31.98 -19.23
CA ASP P 13 40.15 -31.49 -18.81
C ASP P 13 40.90 -30.83 -19.96
N GLN P 14 40.81 -31.41 -21.16
CA GLN P 14 41.50 -30.83 -22.30
C GLN P 14 40.91 -29.48 -22.70
N GLN P 15 39.59 -29.38 -22.75
CA GLN P 15 38.97 -28.10 -23.08
C GLN P 15 39.25 -27.06 -22.02
N ALA P 16 39.36 -27.47 -20.75
CA ALA P 16 39.66 -26.52 -19.69
C ALA P 16 41.04 -25.89 -19.88
N GLN P 17 42.03 -26.70 -20.25
CA GLN P 17 43.37 -26.17 -20.48
C GLN P 17 43.40 -25.22 -21.67
N GLU P 18 42.71 -25.57 -22.75
CA GLU P 18 42.67 -24.69 -23.92
C GLU P 18 42.00 -23.37 -23.58
N LEU P 19 40.84 -23.44 -22.91
CA LEU P 19 40.16 -22.24 -22.45
C LEU P 19 41.08 -21.39 -21.61
N HIS P 20 41.77 -22.00 -20.65
CA HIS P 20 42.63 -21.24 -19.75
C HIS P 20 43.78 -20.59 -20.49
N SER P 21 44.38 -21.30 -21.45
CA SER P 21 45.48 -20.73 -22.20
C SER P 21 45.02 -19.50 -22.97
N VAL P 22 43.88 -19.60 -23.64
CA VAL P 22 43.41 -18.45 -24.41
C VAL P 22 43.04 -17.30 -23.49
N TYR P 23 42.41 -17.60 -22.36
CA TYR P 23 42.04 -16.57 -21.40
C TYR P 23 43.27 -15.89 -20.82
N LEU P 24 44.31 -16.66 -20.55
CA LEU P 24 45.55 -16.09 -20.04
C LEU P 24 46.18 -15.15 -21.07
N GLN P 25 46.18 -15.55 -22.35
CA GLN P 25 46.72 -14.65 -23.36
C GLN P 25 45.92 -13.35 -23.43
N GLY P 26 44.58 -13.44 -23.39
CA GLY P 26 43.78 -12.23 -23.39
C GLY P 26 44.09 -11.34 -22.21
N MET P 27 44.17 -11.93 -21.02
CA MET P 27 44.51 -11.18 -19.81
C MET P 27 45.89 -10.54 -19.89
N TRP P 28 46.87 -11.25 -20.44
CA TRP P 28 48.21 -10.69 -20.56
C TRP P 28 48.23 -9.51 -21.53
N LEU P 29 47.52 -9.62 -22.65
CA LEU P 29 47.44 -8.49 -23.57
C LEU P 29 46.82 -7.27 -22.89
N PHE P 30 45.69 -7.47 -22.20
CA PHE P 30 45.04 -6.36 -21.53
C PHE P 30 45.96 -5.70 -20.51
N ILE P 31 46.65 -6.52 -19.71
CA ILE P 31 47.51 -5.95 -18.68
C ILE P 31 48.74 -5.29 -19.28
N SER P 32 49.28 -5.81 -20.38
CA SER P 32 50.41 -5.14 -21.03
C SER P 32 50.00 -3.75 -21.49
N VAL P 33 48.83 -3.64 -22.12
CA VAL P 33 48.37 -2.32 -22.56
C VAL P 33 48.16 -1.40 -21.37
N ALA P 34 47.57 -1.92 -20.30
CA ALA P 34 47.35 -1.11 -19.10
C ALA P 34 48.67 -0.63 -18.50
N ILE P 35 49.68 -1.50 -18.46
CA ILE P 35 50.98 -1.12 -17.91
C ILE P 35 51.59 -0.01 -18.72
N VAL P 36 51.53 -0.12 -20.05
CA VAL P 36 52.09 0.94 -20.89
C VAL P 36 51.35 2.25 -20.65
N ALA P 37 50.02 2.19 -20.55
CA ALA P 37 49.25 3.39 -20.25
C ALA P 37 49.68 4.00 -18.93
N HIS P 38 49.93 3.17 -17.91
CA HIS P 38 50.27 3.71 -16.61
C HIS P 38 51.65 4.35 -16.60
N LEU P 39 52.61 3.75 -17.31
CA LEU P 39 53.91 4.42 -17.42
C LEU P 39 53.77 5.76 -18.12
N ALA P 40 52.99 5.82 -19.20
CA ALA P 40 52.80 7.08 -19.91
C ALA P 40 52.14 8.12 -19.00
N VAL P 41 51.11 7.72 -18.26
CA VAL P 41 50.42 8.65 -17.38
C VAL P 41 51.33 9.09 -16.24
N PHE P 42 52.17 8.19 -15.73
CA PHE P 42 53.06 8.55 -14.65
C PHE P 42 54.09 9.58 -15.12
N ILE P 43 54.60 9.40 -16.34
CA ILE P 43 55.50 10.41 -16.89
C ILE P 43 54.77 11.74 -17.08
N TRP P 44 53.52 11.68 -17.53
CA TRP P 44 52.79 12.92 -17.82
C TRP P 44 52.45 13.68 -16.54
N ARG P 45 51.85 13.00 -15.56
CA ARG P 45 51.58 13.59 -14.24
C ARG P 45 51.76 12.49 -13.18
N PRO P 46 52.91 12.45 -12.52
CA PRO P 46 53.12 11.46 -11.46
C PRO P 46 52.14 11.62 -10.32
N TRP P 47 51.71 10.50 -9.75
CA TRP P 47 50.77 10.53 -8.65
C TRP P 47 51.36 9.99 -7.35
N LEU P 48 52.60 9.53 -7.36
CA LEU P 48 53.26 9.10 -6.15
C LEU P 48 54.54 9.92 -5.96
N LYS Q 3 -29.35 1.36 -40.75
CA LYS Q 3 -29.45 0.03 -40.18
C LYS Q 3 -28.72 0.04 -38.83
N PHE Q 4 -28.38 1.25 -38.38
CA PHE Q 4 -27.57 1.43 -37.17
C PHE Q 4 -28.28 0.95 -35.91
N TYR Q 5 -29.60 0.79 -35.95
CA TYR Q 5 -30.33 0.46 -34.73
C TYR Q 5 -29.86 -0.85 -34.10
N LYS Q 6 -29.21 -1.72 -34.88
CA LYS Q 6 -28.70 -2.97 -34.35
C LYS Q 6 -27.74 -2.76 -33.19
N ILE Q 7 -27.19 -1.55 -33.02
CA ILE Q 7 -26.32 -1.32 -31.88
C ILE Q 7 -27.05 -1.59 -30.57
N TRP Q 8 -28.36 -1.38 -30.53
CA TRP Q 8 -29.12 -1.62 -29.31
C TRP Q 8 -29.35 -3.10 -29.05
N LEU Q 9 -28.99 -3.96 -29.98
CA LEU Q 9 -28.91 -5.39 -29.67
C LEU Q 9 -27.58 -5.76 -29.03
N ILE Q 10 -26.58 -4.88 -29.10
CA ILE Q 10 -25.25 -5.15 -28.58
C ILE Q 10 -25.09 -4.46 -27.24
N PHE Q 11 -25.22 -3.14 -27.24
CA PHE Q 11 -25.08 -2.36 -26.03
C PHE Q 11 -26.41 -2.23 -25.32
N ASP Q 12 -26.37 -2.24 -24.00
CA ASP Q 12 -27.59 -2.08 -23.23
C ASP Q 12 -28.04 -0.63 -23.30
N PRO Q 13 -29.22 -0.34 -23.83
CA PRO Q 13 -29.65 1.06 -23.95
C PRO Q 13 -29.79 1.76 -22.62
N ARG Q 14 -30.05 1.01 -21.54
CA ARG Q 14 -30.25 1.65 -20.23
C ARG Q 14 -28.99 2.35 -19.77
N ARG Q 15 -27.87 1.64 -19.76
CA ARG Q 15 -26.60 2.23 -19.31
C ARG Q 15 -26.18 3.38 -20.21
N VAL Q 16 -26.29 3.19 -21.53
CA VAL Q 16 -25.88 4.23 -22.46
C VAL Q 16 -26.72 5.48 -22.28
N PHE Q 17 -28.04 5.32 -22.16
CA PHE Q 17 -28.92 6.47 -22.01
C PHE Q 17 -28.62 7.21 -20.73
N VAL Q 18 -28.44 6.48 -19.62
CA VAL Q 18 -28.16 7.16 -18.36
C VAL Q 18 -26.85 7.91 -18.44
N ALA Q 19 -25.81 7.29 -19.00
CA ALA Q 19 -24.51 7.95 -19.07
C ALA Q 19 -24.56 9.20 -19.95
N GLN Q 20 -25.19 9.09 -21.11
CA GLN Q 20 -25.31 10.26 -21.97
C GLN Q 20 -26.10 11.36 -21.29
N GLY Q 21 -27.19 11.01 -20.60
CA GLY Q 21 -27.97 12.01 -19.90
C GLY Q 21 -27.17 12.72 -18.82
N VAL Q 22 -26.43 11.97 -18.01
CA VAL Q 22 -25.59 12.57 -16.98
C VAL Q 22 -24.58 13.51 -17.62
N PHE Q 23 -23.95 13.09 -18.72
CA PHE Q 23 -22.94 13.92 -19.34
C PHE Q 23 -23.55 15.23 -19.86
N LEU Q 24 -24.66 15.15 -20.57
CA LEU Q 24 -25.28 16.37 -21.08
C LEU Q 24 -25.72 17.28 -19.94
N PHE Q 25 -26.29 16.70 -18.87
CA PHE Q 25 -26.73 17.49 -17.74
C PHE Q 25 -25.56 18.23 -17.09
N LEU Q 26 -24.44 17.54 -16.87
CA LEU Q 26 -23.29 18.21 -16.25
C LEU Q 26 -22.69 19.26 -17.18
N LEU Q 27 -22.65 18.99 -18.48
CA LEU Q 27 -22.14 19.98 -19.42
C LEU Q 27 -22.98 21.24 -19.38
N ALA Q 28 -24.31 21.10 -19.41
CA ALA Q 28 -25.19 22.27 -19.31
C ALA Q 28 -25.02 22.98 -17.98
N VAL Q 29 -24.91 22.21 -16.89
CA VAL Q 29 -24.75 22.82 -15.57
C VAL Q 29 -23.48 23.66 -15.51
N MET Q 30 -22.38 23.14 -16.04
CA MET Q 30 -21.12 23.85 -15.91
C MET Q 30 -21.03 25.00 -16.90
N ILE Q 31 -21.70 24.93 -18.04
CA ILE Q 31 -21.80 26.10 -18.91
C ILE Q 31 -22.60 27.20 -18.21
N HIS Q 32 -23.71 26.85 -17.56
CA HIS Q 32 -24.47 27.82 -16.81
C HIS Q 32 -23.64 28.45 -15.70
N LEU Q 33 -22.85 27.62 -15.00
CA LEU Q 33 -21.95 28.16 -13.98
C LEU Q 33 -20.91 29.10 -14.57
N MET Q 34 -20.38 28.78 -15.76
CA MET Q 34 -19.52 29.75 -16.44
C MET Q 34 -20.23 31.09 -16.62
N LEU Q 35 -21.42 31.06 -17.21
CA LEU Q 35 -22.11 32.30 -17.52
C LEU Q 35 -22.44 33.08 -16.25
N LEU Q 36 -22.89 32.38 -15.21
CA LEU Q 36 -23.20 33.05 -13.95
C LEU Q 36 -21.94 33.52 -13.24
N SER Q 37 -20.82 32.82 -13.43
CA SER Q 37 -19.55 33.33 -12.92
C SER Q 37 -19.08 34.54 -13.72
N ASN Q 38 -19.40 34.60 -15.00
CA ASN Q 38 -19.00 35.73 -15.83
C ASN Q 38 -19.91 36.91 -15.57
N PRO Q 39 -19.39 38.05 -15.13
CA PRO Q 39 -20.27 39.19 -14.86
C PRO Q 39 -20.55 40.01 -16.10
N GLY Q 40 -20.81 39.33 -17.21
CA GLY Q 40 -21.19 40.00 -18.43
C GLY Q 40 -22.51 39.47 -18.94
N PHE Q 41 -22.84 38.23 -18.60
CA PHE Q 41 -24.11 37.63 -19.00
C PHE Q 41 -25.05 37.49 -17.82
N ASN Q 42 -24.66 36.72 -16.79
CA ASN Q 42 -25.09 36.91 -15.40
C ASN Q 42 -26.49 37.49 -15.26
N TRP Q 43 -27.50 36.79 -15.79
CA TRP Q 43 -28.79 37.44 -16.04
C TRP Q 43 -29.41 37.99 -14.75
N LEU Q 44 -29.17 37.35 -13.62
CA LEU Q 44 -29.74 37.81 -12.35
C LEU Q 44 -29.23 39.21 -12.01
N ASP Q 45 -27.92 39.34 -11.83
CA ASP Q 45 -27.35 40.60 -11.36
C ASP Q 45 -27.69 41.74 -12.30
N ILE Q 46 -27.57 41.50 -13.61
CA ILE Q 46 -27.85 42.55 -14.58
C ILE Q 46 -29.30 42.99 -14.49
N SER Q 47 -30.20 42.08 -14.13
CA SER Q 47 -31.59 42.48 -13.93
C SER Q 47 -31.69 43.51 -12.82
N GLY Q 48 -30.94 43.32 -11.73
CA GLY Q 48 -30.91 44.25 -10.62
C GLY Q 48 -30.35 45.61 -11.01
N VAL Q 49 -29.92 45.74 -12.27
CA VAL Q 49 -29.54 47.02 -12.81
C VAL Q 49 -30.47 47.47 -13.93
N LYS Q 50 -31.11 46.54 -14.65
CA LYS Q 50 -32.03 46.95 -15.71
C LYS Q 50 -33.27 47.63 -15.13
N TYR Q 51 -33.85 47.04 -14.08
CA TYR Q 51 -35.02 47.60 -13.42
C TYR Q 51 -34.67 48.37 -12.14
N GLU Q 52 -33.38 48.57 -11.87
CA GLU Q 52 -32.90 49.29 -10.69
C GLU Q 52 -33.36 48.59 -9.40
N ARG Q 53 -32.79 47.40 -9.21
CA ARG Q 53 -33.09 46.44 -8.15
C ARG Q 53 -34.43 45.76 -8.37
N VAL Q 54 -35.13 46.09 -9.45
CA VAL Q 54 -36.33 45.38 -9.88
C VAL Q 54 -37.45 45.52 -8.86
N ASP R 5 -45.62 -13.29 -19.54
CA ASP R 5 -44.96 -12.11 -20.06
C ASP R 5 -43.74 -11.73 -19.22
N LEU R 6 -42.72 -12.58 -19.24
CA LEU R 6 -41.48 -12.25 -18.54
C LEU R 6 -40.71 -11.18 -19.32
N SER R 7 -41.27 -9.99 -19.40
CA SER R 7 -40.55 -8.86 -19.96
C SER R 7 -39.46 -8.43 -18.98
N PHE R 8 -38.59 -7.54 -19.47
CA PHE R 8 -37.51 -7.05 -18.59
C PHE R 8 -38.06 -6.27 -17.41
N THR R 9 -39.20 -5.62 -17.58
CA THR R 9 -39.84 -4.90 -16.49
C THR R 9 -41.03 -5.64 -15.93
N GLY R 10 -41.31 -6.85 -16.42
CA GLY R 10 -42.43 -7.62 -15.93
C GLY R 10 -43.79 -7.05 -16.23
N LEU R 11 -43.88 -6.03 -17.06
CA LEU R 11 -45.15 -5.40 -17.40
C LEU R 11 -45.73 -6.03 -18.66
N THR R 12 -46.85 -5.50 -19.10
CA THR R 12 -47.46 -5.87 -20.36
C THR R 12 -47.68 -4.61 -21.19
N ASP R 13 -48.05 -4.80 -22.46
CA ASP R 13 -48.33 -3.65 -23.30
C ASP R 13 -49.52 -2.87 -22.78
N GLN R 14 -50.56 -3.57 -22.33
CA GLN R 14 -51.74 -2.86 -21.81
C GLN R 14 -51.42 -2.10 -20.53
N GLN R 15 -50.60 -2.69 -19.66
CA GLN R 15 -50.17 -1.98 -18.46
C GLN R 15 -49.28 -0.81 -18.81
N ALA R 16 -48.51 -0.94 -19.89
CA ALA R 16 -47.61 0.14 -20.30
C ALA R 16 -48.37 1.38 -20.69
N GLN R 17 -49.47 1.25 -21.44
CA GLN R 17 -50.21 2.45 -21.83
C GLN R 17 -50.77 3.18 -20.62
N GLU R 18 -51.36 2.46 -19.67
CA GLU R 18 -51.97 3.13 -18.53
C GLU R 18 -50.91 3.75 -17.62
N LEU R 19 -49.78 3.07 -17.45
CA LEU R 19 -48.70 3.63 -16.64
C LEU R 19 -48.13 4.87 -17.31
N HIS R 20 -47.96 4.82 -18.63
CA HIS R 20 -47.50 5.99 -19.36
C HIS R 20 -48.51 7.12 -19.30
N SER R 21 -49.80 6.79 -19.26
CA SER R 21 -50.83 7.81 -19.20
C SER R 21 -50.78 8.54 -17.86
N VAL R 22 -50.69 7.80 -16.76
CA VAL R 22 -50.59 8.46 -15.47
C VAL R 22 -49.29 9.24 -15.36
N TYR R 23 -48.22 8.71 -15.95
CA TYR R 23 -46.94 9.45 -16.00
C TYR R 23 -47.10 10.78 -16.74
N LEU R 24 -47.76 10.77 -17.89
CA LEU R 24 -47.90 11.99 -18.65
C LEU R 24 -48.83 12.97 -17.96
N GLN R 25 -49.88 12.47 -17.32
CA GLN R 25 -50.75 13.34 -16.54
C GLN R 25 -49.97 14.06 -15.44
N GLY R 26 -49.20 13.30 -14.67
CA GLY R 26 -48.40 13.92 -13.62
C GLY R 26 -47.38 14.88 -14.17
N MET R 27 -46.72 14.50 -15.27
CA MET R 27 -45.68 15.35 -15.85
C MET R 27 -46.24 16.68 -16.32
N TRP R 28 -47.35 16.63 -17.07
CA TRP R 28 -47.95 17.86 -17.57
C TRP R 28 -48.50 18.70 -16.43
N LEU R 29 -49.04 18.07 -15.39
CA LEU R 29 -49.51 18.81 -14.23
C LEU R 29 -48.36 19.56 -13.57
N PHE R 30 -47.23 18.88 -13.37
CA PHE R 30 -46.07 19.51 -12.77
C PHE R 30 -45.57 20.66 -13.63
N ILE R 31 -45.53 20.46 -14.95
CA ILE R 31 -45.02 21.49 -15.85
C ILE R 31 -45.94 22.70 -15.86
N SER R 32 -47.25 22.48 -15.85
CA SER R 32 -48.19 23.60 -15.81
C SER R 32 -48.05 24.39 -14.51
N VAL R 33 -47.92 23.70 -13.38
CA VAL R 33 -47.70 24.42 -12.13
C VAL R 33 -46.40 25.20 -12.19
N ALA R 34 -45.36 24.61 -12.79
CA ALA R 34 -44.08 25.30 -12.92
C ALA R 34 -44.18 26.53 -13.81
N ILE R 35 -44.94 26.45 -14.91
CA ILE R 35 -45.00 27.59 -15.81
C ILE R 35 -45.78 28.74 -15.14
N VAL R 36 -46.87 28.41 -14.44
CA VAL R 36 -47.58 29.50 -13.76
C VAL R 36 -46.72 30.07 -12.64
N ALA R 37 -45.92 29.24 -11.98
CA ALA R 37 -45.00 29.75 -10.95
C ALA R 37 -43.98 30.70 -11.55
N HIS R 38 -43.40 30.34 -12.70
CA HIS R 38 -42.42 31.21 -13.34
C HIS R 38 -43.07 32.50 -13.82
N LEU R 39 -44.32 32.43 -14.29
CA LEU R 39 -45.02 33.65 -14.66
C LEU R 39 -45.19 34.57 -13.47
N ALA R 40 -45.59 34.01 -12.33
CA ALA R 40 -45.74 34.83 -11.12
C ALA R 40 -44.42 35.44 -10.69
N VAL R 41 -43.34 34.65 -10.71
CA VAL R 41 -42.04 35.19 -10.30
C VAL R 41 -41.57 36.25 -11.27
N PHE R 42 -41.84 36.08 -12.57
CA PHE R 42 -41.41 37.08 -13.54
C PHE R 42 -42.17 38.38 -13.34
N ILE R 43 -43.47 38.31 -13.06
CA ILE R 43 -44.21 39.53 -12.78
C ILE R 43 -43.69 40.18 -11.51
N TRP R 44 -43.37 39.38 -10.50
CA TRP R 44 -43.01 39.92 -9.19
C TRP R 44 -41.62 40.53 -9.19
N ARG R 45 -40.67 39.91 -9.90
CA ARG R 45 -39.26 40.27 -9.83
C ARG R 45 -38.61 39.79 -11.14
N PRO R 46 -38.88 40.45 -12.26
CA PRO R 46 -38.40 39.92 -13.55
C PRO R 46 -36.89 39.81 -13.63
N TRP R 47 -36.43 38.76 -14.28
CA TRP R 47 -35.00 38.50 -14.43
C TRP R 47 -34.57 38.63 -15.89
N ALA S 2 -9.20 -16.17 -52.33
CA ALA S 2 -8.05 -15.32 -52.58
C ALA S 2 -7.16 -15.22 -51.34
N GLU S 3 -6.16 -16.11 -51.25
CA GLU S 3 -5.28 -16.11 -50.10
C GLU S 3 -4.16 -15.10 -50.31
N LYS S 4 -4.53 -13.88 -50.72
CA LYS S 4 -3.72 -12.65 -50.85
C LYS S 4 -4.64 -11.45 -50.90
N HIS S 5 -4.35 -10.42 -50.10
CA HIS S 5 -5.26 -9.28 -50.01
C HIS S 5 -5.44 -8.58 -51.35
N TYR S 6 -4.54 -8.79 -52.30
CA TYR S 6 -4.87 -8.59 -53.70
C TYR S 6 -4.23 -9.72 -54.50
N LEU S 7 -4.96 -10.18 -55.53
CA LEU S 7 -4.44 -11.15 -56.47
C LEU S 7 -4.35 -10.57 -57.87
N ASP S 8 -5.49 -10.12 -58.42
CA ASP S 8 -5.48 -9.49 -59.73
C ASP S 8 -4.85 -8.11 -59.67
N GLY S 9 -5.19 -7.32 -58.65
CA GLY S 9 -4.46 -6.11 -58.34
C GLY S 9 -4.81 -4.90 -59.18
N ALA S 10 -5.05 -5.11 -60.47
CA ALA S 10 -5.31 -4.06 -61.46
C ALA S 10 -4.06 -3.23 -61.68
N THR S 11 -3.04 -3.47 -60.85
CA THR S 11 -1.65 -3.10 -61.11
C THR S 11 -1.40 -1.59 -61.08
N LYS S 12 -2.44 -0.78 -61.24
CA LYS S 12 -2.27 0.67 -61.10
C LYS S 12 -3.40 1.38 -60.38
N VAL S 13 -4.62 0.85 -60.36
CA VAL S 13 -5.78 1.57 -59.83
C VAL S 13 -6.31 0.89 -58.57
N GLY S 14 -6.48 -0.42 -58.59
CA GLY S 14 -6.87 -1.11 -57.37
C GLY S 14 -5.83 -0.98 -56.28
N MET S 15 -4.55 -1.15 -56.66
CA MET S 15 -3.46 -0.94 -55.73
C MET S 15 -3.43 0.49 -55.22
N ALA S 16 -3.63 1.46 -56.12
CA ALA S 16 -3.57 2.86 -55.72
C ALA S 16 -4.69 3.20 -54.74
N THR S 17 -5.90 2.68 -55.00
CA THR S 17 -7.00 2.94 -54.08
C THR S 17 -6.78 2.26 -52.75
N MET S 18 -6.27 1.02 -52.76
CA MET S 18 -5.97 0.34 -51.51
C MET S 18 -4.94 1.12 -50.70
N GLY S 19 -3.88 1.58 -51.35
CA GLY S 19 -2.85 2.31 -50.65
C GLY S 19 -3.34 3.65 -50.13
N ALA S 20 -4.14 4.35 -50.92
CA ALA S 20 -4.72 5.59 -50.45
C ALA S 20 -5.64 5.35 -49.26
N ALA S 21 -6.45 4.30 -49.32
CA ALA S 21 -7.35 3.98 -48.22
C ALA S 21 -6.56 3.68 -46.95
N ALA S 22 -5.51 2.87 -47.06
CA ALA S 22 -4.74 2.46 -45.88
C ALA S 22 -3.97 3.64 -45.29
N MET S 23 -3.25 4.39 -46.12
CA MET S 23 -2.50 5.52 -45.60
C MET S 23 -3.42 6.59 -45.04
N GLY S 24 -4.56 6.83 -45.71
CA GLY S 24 -5.52 7.77 -45.18
C GLY S 24 -6.14 7.32 -43.88
N LYS S 25 -6.36 6.01 -43.74
CA LYS S 25 -6.86 5.49 -42.47
C LYS S 25 -5.86 5.73 -41.35
N GLY S 26 -4.60 5.39 -41.57
CA GLY S 26 -3.61 5.61 -40.53
C GLY S 26 -3.48 7.07 -40.15
N MET S 27 -3.37 7.93 -41.15
CA MET S 27 -3.27 9.37 -40.91
C MET S 27 -4.53 9.90 -40.24
N GLY S 28 -5.70 9.39 -40.63
CA GLY S 28 -6.95 9.90 -40.09
C GLY S 28 -7.16 9.54 -38.64
N ILE S 29 -6.88 8.29 -38.26
CA ILE S 29 -6.96 7.94 -36.85
C ILE S 29 -5.95 8.74 -36.03
N THR S 30 -4.73 8.90 -36.55
CA THR S 30 -3.76 9.70 -35.81
C THR S 30 -4.25 11.14 -35.65
N ALA S 31 -4.84 11.69 -36.71
CA ALA S 31 -5.38 13.04 -36.64
C ALA S 31 -6.50 13.14 -35.62
N VAL S 32 -7.37 12.14 -35.57
CA VAL S 32 -8.48 12.14 -34.62
C VAL S 32 -7.96 12.13 -33.20
N VAL S 33 -7.01 11.25 -32.91
CA VAL S 33 -6.46 11.17 -31.55
C VAL S 33 -5.77 12.47 -31.17
N PHE S 34 -4.95 13.01 -32.09
CA PHE S 34 -4.20 14.21 -31.78
C PHE S 34 -5.10 15.41 -31.55
N PHE S 35 -6.11 15.58 -32.41
CA PHE S 35 -6.97 16.74 -32.25
C PHE S 35 -7.91 16.58 -31.06
N GLY S 36 -8.31 15.36 -30.73
CA GLY S 36 -9.02 15.15 -29.48
C GLY S 36 -8.21 15.56 -28.28
N THR S 37 -6.93 15.17 -28.24
CA THR S 37 -6.08 15.56 -27.12
C THR S 37 -5.89 17.07 -27.07
N VAL S 38 -5.63 17.70 -28.22
CA VAL S 38 -5.43 19.15 -28.23
C VAL S 38 -6.70 19.86 -27.79
N PHE S 39 -7.86 19.37 -28.24
CA PHE S 39 -9.12 19.96 -27.83
C PHE S 39 -9.35 19.81 -26.34
N PHE S 40 -9.01 18.65 -25.78
CA PHE S 40 -9.15 18.47 -24.33
C PHE S 40 -8.29 19.46 -23.56
N VAL S 41 -7.04 19.65 -24.00
CA VAL S 41 -6.19 20.60 -23.29
C VAL S 41 -6.70 22.03 -23.45
N VAL S 42 -7.14 22.39 -24.66
CA VAL S 42 -7.64 23.74 -24.90
C VAL S 42 -8.91 23.99 -24.10
N ALA S 43 -9.77 22.98 -23.99
CA ALA S 43 -10.96 23.08 -23.16
C ALA S 43 -10.60 23.26 -21.69
N LEU S 44 -9.59 22.55 -21.21
CA LEU S 44 -9.18 22.72 -19.81
C LEU S 44 -8.66 24.12 -19.57
N ALA S 45 -7.87 24.66 -20.51
CA ALA S 45 -7.40 26.04 -20.35
C ALA S 45 -8.55 27.02 -20.36
N PHE S 46 -9.52 26.81 -21.26
CA PHE S 46 -10.69 27.68 -21.35
C PHE S 46 -11.48 27.64 -20.05
N ILE S 47 -11.72 26.45 -19.51
CA ILE S 47 -12.42 26.31 -18.24
C ILE S 47 -11.65 27.01 -17.13
N GLY S 48 -10.33 26.82 -17.09
CA GLY S 48 -9.54 27.47 -16.07
C GLY S 48 -9.63 28.97 -16.12
N GLN S 49 -9.93 29.53 -17.29
CA GLN S 49 -10.19 30.97 -17.35
C GLN S 49 -11.38 31.40 -16.51
N PHE S 50 -12.31 30.50 -16.19
CA PHE S 50 -13.49 30.84 -15.42
C PHE S 50 -13.36 30.51 -13.94
N LEU S 51 -12.22 30.00 -13.51
CA LEU S 51 -11.96 29.76 -12.11
C LEU S 51 -11.77 31.09 -11.40
N PRO S 52 -11.86 31.10 -10.06
CA PRO S 52 -11.63 32.35 -9.33
C PRO S 52 -10.27 32.95 -9.62
N ASP S 53 -10.18 34.28 -9.51
CA ASP S 53 -8.95 34.98 -9.85
C ASP S 53 -7.74 34.45 -9.06
N ARG S 54 -7.97 33.97 -7.84
CA ARG S 54 -6.89 33.45 -7.02
C ARG S 54 -6.32 32.14 -7.57
N SER S 55 -6.86 31.60 -8.66
CA SER S 55 -6.20 30.52 -9.37
C SER S 55 -4.96 31.01 -10.12
N ARG S 56 -4.73 32.30 -10.19
CA ARG S 56 -3.56 32.86 -10.85
C ARG S 56 -2.60 33.53 -9.88
N GLU S 57 -2.70 33.22 -8.59
CA GLU S 57 -1.83 33.80 -7.58
C GLU S 57 -0.73 32.86 -7.12
N ALA S 58 -0.83 31.57 -7.42
CA ALA S 58 0.18 30.63 -6.95
C ALA S 58 1.55 30.97 -7.53
N PRO S 59 2.59 31.05 -6.72
CA PRO S 59 3.92 31.37 -7.25
C PRO S 59 4.49 30.19 -8.00
N TYR S 60 5.60 30.45 -8.68
CA TYR S 60 6.31 29.42 -9.41
C TYR S 60 6.77 28.33 -8.44
N PRO S 61 6.36 27.08 -8.61
CA PRO S 61 6.61 26.05 -7.61
C PRO S 61 7.94 25.31 -7.72
N ASN S 62 8.81 25.67 -8.65
CA ASN S 62 10.05 24.94 -8.85
C ASN S 62 11.22 25.81 -8.42
N THR S 63 12.23 25.18 -7.83
CA THR S 63 13.41 25.89 -7.36
C THR S 63 14.51 25.83 -8.41
N ILE S 64 15.04 26.99 -8.79
CA ILE S 64 16.12 27.08 -9.76
C ILE S 64 17.43 27.14 -8.98
N PHE S 65 18.32 26.18 -9.21
CA PHE S 65 19.45 25.94 -8.30
C PHE S 65 20.77 26.51 -8.76
N GLN S 66 20.81 27.25 -9.87
CA GLN S 66 22.02 27.91 -10.36
C GLN S 66 23.05 26.91 -10.90
N VAL S 67 22.82 25.63 -10.68
CA VAL S 67 23.60 24.56 -11.29
C VAL S 67 22.80 23.84 -12.34
N ASN S 68 21.51 24.15 -12.45
CA ASN S 68 20.61 23.64 -13.48
C ASN S 68 20.12 24.76 -14.39
N ASP S 69 20.63 25.98 -14.21
CA ASP S 69 20.11 27.17 -14.88
C ASP S 69 20.77 27.27 -16.26
N ILE S 70 20.02 26.93 -17.29
CA ILE S 70 20.55 26.81 -18.65
C ILE S 70 20.12 27.98 -19.53
N ASP S 71 19.58 29.04 -18.94
CA ASP S 71 19.09 30.19 -19.70
C ASP S 71 20.21 30.90 -20.45
N GLY S 72 21.43 30.88 -19.91
CA GLY S 72 22.52 31.60 -20.52
C GLY S 72 23.35 32.38 -19.53
N THR S 73 22.72 32.84 -18.45
CA THR S 73 23.40 33.60 -17.40
C THR S 73 23.36 32.81 -16.09
N VAL S 74 24.42 32.96 -15.29
CA VAL S 74 24.56 32.21 -14.04
C VAL S 74 24.01 33.08 -12.92
N ASP S 75 22.72 32.94 -12.65
CA ASP S 75 22.07 33.73 -11.62
C ASP S 75 21.11 32.94 -10.75
N GLY S 76 20.80 31.68 -11.08
CA GLY S 76 19.85 30.93 -10.30
C GLY S 76 18.40 31.27 -10.55
N LYS S 77 18.07 31.81 -11.70
CA LYS S 77 16.70 32.17 -12.02
C LYS S 77 16.53 32.20 -13.53
N TYR S 78 15.27 32.19 -13.97
CA TYR S 78 14.94 32.43 -15.37
C TYR S 78 15.15 33.91 -15.67
N THR S 79 16.26 34.22 -16.33
CA THR S 79 16.61 35.61 -16.56
C THR S 79 15.68 36.23 -17.61
N ARG S 80 15.77 37.57 -17.70
CA ARG S 80 14.99 38.38 -18.63
C ARG S 80 13.53 38.48 -18.20
N PHE S 81 13.16 37.75 -17.16
CA PHE S 81 11.87 37.93 -16.49
C PHE S 81 12.04 38.52 -15.10
N ALA S 82 12.82 37.87 -14.24
CA ALA S 82 12.95 38.29 -12.85
C ALA S 82 14.08 37.53 -12.16
N SER T 2 -58.20 9.44 -10.43
CA SER T 2 -58.78 8.59 -11.47
C SER T 2 -58.59 7.11 -11.13
N LYS T 3 -57.44 6.55 -11.51
CA LYS T 3 -57.11 5.16 -11.18
C LYS T 3 -55.66 5.05 -10.77
N PHE T 4 -55.19 5.97 -9.94
CA PHE T 4 -53.78 5.97 -9.55
C PHE T 4 -53.42 4.81 -8.62
N TYR T 5 -54.40 4.14 -8.01
CA TYR T 5 -54.09 3.07 -7.06
C TYR T 5 -53.29 1.95 -7.70
N LYS T 6 -53.26 1.89 -9.02
CA LYS T 6 -52.45 0.90 -9.71
C LYS T 6 -50.97 1.00 -9.32
N ILE T 7 -50.51 2.18 -8.91
CA ILE T 7 -49.11 2.33 -8.55
C ILE T 7 -48.79 1.50 -7.33
N TRP T 8 -49.79 1.24 -6.49
CA TRP T 8 -49.59 0.40 -5.31
C TRP T 8 -49.50 -1.07 -5.66
N LEU T 9 -49.79 -1.43 -6.90
CA LEU T 9 -49.46 -2.73 -7.45
C LEU T 9 -48.09 -2.75 -8.10
N ILE T 10 -47.42 -1.62 -8.20
CA ILE T 10 -46.13 -1.52 -8.88
C ILE T 10 -45.00 -1.21 -7.91
N PHE T 11 -45.21 -0.26 -7.00
CA PHE T 11 -44.21 0.13 -6.03
C PHE T 11 -44.62 -0.37 -4.66
N ASP T 12 -43.67 -1.00 -3.96
CA ASP T 12 -43.96 -1.58 -2.67
C ASP T 12 -44.36 -0.50 -1.68
N PRO T 13 -45.51 -0.62 -1.02
CA PRO T 13 -45.93 0.42 -0.07
C PRO T 13 -44.93 0.66 1.04
N ARG T 14 -44.26 -0.38 1.55
CA ARG T 14 -43.34 -0.17 2.67
C ARG T 14 -42.17 0.72 2.28
N ARG T 15 -41.50 0.38 1.18
CA ARG T 15 -40.34 1.15 0.75
C ARG T 15 -40.74 2.57 0.38
N VAL T 16 -41.85 2.73 -0.34
CA VAL T 16 -42.32 4.06 -0.75
C VAL T 16 -42.67 4.91 0.48
N PHE T 17 -43.38 4.32 1.44
CA PHE T 17 -43.78 5.06 2.63
C PHE T 17 -42.58 5.45 3.47
N VAL T 18 -41.61 4.55 3.61
CA VAL T 18 -40.43 4.89 4.40
C VAL T 18 -39.64 6.01 3.74
N ALA T 19 -39.47 5.92 2.42
CA ALA T 19 -38.76 6.99 1.71
C ALA T 19 -39.51 8.30 1.82
N GLN T 20 -40.84 8.26 1.72
CA GLN T 20 -41.63 9.48 1.81
C GLN T 20 -41.52 10.11 3.19
N GLY T 21 -41.59 9.28 4.24
CA GLY T 21 -41.46 9.83 5.59
C GLY T 21 -40.10 10.46 5.83
N VAL T 22 -39.04 9.75 5.44
CA VAL T 22 -37.69 10.30 5.63
C VAL T 22 -37.54 11.58 4.84
N PHE T 23 -38.04 11.60 3.60
CA PHE T 23 -37.92 12.78 2.76
C PHE T 23 -38.65 13.98 3.36
N LEU T 24 -39.88 13.75 3.83
CA LEU T 24 -40.64 14.87 4.38
C LEU T 24 -40.00 15.40 5.65
N PHE T 25 -39.47 14.52 6.49
CA PHE T 25 -38.76 14.99 7.67
C PHE T 25 -37.52 15.79 7.30
N LEU T 26 -36.71 15.29 6.37
CA LEU T 26 -35.52 16.06 5.99
C LEU T 26 -35.91 17.41 5.42
N LEU T 27 -36.98 17.46 4.64
CA LEU T 27 -37.42 18.72 4.06
C LEU T 27 -37.87 19.70 5.12
N ALA T 28 -38.70 19.25 6.05
CA ALA T 28 -39.20 20.14 7.10
C ALA T 28 -38.07 20.63 7.98
N VAL T 29 -37.15 19.73 8.35
CA VAL T 29 -35.99 20.13 9.14
C VAL T 29 -35.15 21.15 8.38
N MET T 30 -34.92 20.91 7.09
CA MET T 30 -34.08 21.84 6.33
C MET T 30 -34.72 23.21 6.23
N ILE T 31 -36.05 23.25 6.04
CA ILE T 31 -36.72 24.54 5.94
C ILE T 31 -36.66 25.27 7.27
N HIS T 32 -36.89 24.55 8.38
CA HIS T 32 -36.82 25.18 9.68
C HIS T 32 -35.42 25.71 9.98
N LEU T 33 -34.37 24.93 9.67
CA LEU T 33 -33.02 25.41 9.90
C LEU T 33 -32.69 26.59 9.00
N MET T 34 -33.20 26.59 7.77
CA MET T 34 -33.03 27.74 6.91
C MET T 34 -33.62 28.99 7.55
N LEU T 35 -34.84 28.87 8.08
CA LEU T 35 -35.48 30.00 8.73
C LEU T 35 -34.72 30.45 9.97
N LEU T 36 -34.26 29.49 10.78
CA LEU T 36 -33.51 29.84 11.99
C LEU T 36 -32.18 30.49 11.66
N SER T 37 -31.57 30.13 10.51
CA SER T 37 -30.31 30.75 10.12
C SER T 37 -30.49 32.23 9.81
N ASN T 38 -31.58 32.58 9.15
CA ASN T 38 -31.81 33.97 8.78
C ASN T 38 -32.14 34.78 10.02
N PRO T 39 -31.43 35.86 10.30
CA PRO T 39 -31.82 36.71 11.44
C PRO T 39 -32.96 37.64 11.07
N GLY T 40 -33.94 37.12 10.35
CA GLY T 40 -35.15 37.85 10.06
C GLY T 40 -36.35 36.99 10.38
N PHE T 41 -36.14 35.68 10.40
CA PHE T 41 -37.21 34.74 10.67
C PHE T 41 -36.87 33.76 11.78
N ASN T 42 -35.82 34.02 12.55
CA ASN T 42 -35.52 33.24 13.76
C ASN T 42 -36.53 33.61 14.83
N TRP T 43 -37.51 32.74 15.05
CA TRP T 43 -38.63 33.11 15.91
C TRP T 43 -38.22 33.27 17.36
N LEU T 44 -37.19 32.55 17.79
CA LEU T 44 -36.74 32.67 19.18
C LEU T 44 -36.16 34.06 19.44
N ASP T 45 -35.29 34.55 18.56
CA ASP T 45 -34.74 35.88 18.72
C ASP T 45 -35.82 36.96 18.55
N ILE T 46 -36.78 36.71 17.66
CA ILE T 46 -37.88 37.65 17.47
C ILE T 46 -38.68 37.77 18.75
N SER T 47 -39.00 36.64 19.37
CA SER T 47 -39.71 36.68 20.64
C SER T 47 -38.89 37.35 21.72
N GLY T 48 -37.57 37.15 21.70
CA GLY T 48 -36.71 37.82 22.66
C GLY T 48 -36.80 39.33 22.55
N VAL T 49 -36.70 39.85 21.32
CA VAL T 49 -36.80 41.29 21.12
C VAL T 49 -38.21 41.78 21.45
N LYS T 50 -39.22 40.97 21.13
CA LYS T 50 -40.60 41.40 21.29
C LYS T 50 -40.95 41.67 22.74
N TYR T 51 -40.60 40.74 23.63
CA TYR T 51 -40.93 40.85 25.05
C TYR T 51 -39.79 41.45 25.88
N GLU T 52 -38.82 42.10 25.23
CA GLU T 52 -37.66 42.67 25.92
C GLU T 52 -36.94 41.58 26.72
N ARG T 53 -36.35 40.64 25.97
CA ARG T 53 -35.65 39.48 26.52
C ARG T 53 -36.63 38.53 27.22
N VAL T 54 -37.71 38.18 26.51
CA VAL T 54 -38.80 37.29 26.95
C VAL T 54 -38.95 37.18 28.47
N ASP U 5 -56.49 -14.20 5.05
CA ASP U 5 -55.95 -12.94 5.53
C ASP U 5 -54.48 -12.82 5.17
N LEU U 6 -54.22 -12.35 3.95
CA LEU U 6 -52.86 -12.12 3.51
C LEU U 6 -52.19 -11.08 4.42
N SER U 7 -50.97 -11.38 4.86
CA SER U 7 -50.28 -10.54 5.84
C SER U 7 -48.78 -10.72 5.64
N PHE U 8 -48.09 -9.63 5.30
CA PHE U 8 -46.64 -9.67 5.21
C PHE U 8 -46.02 -9.95 6.58
N THR U 9 -46.54 -9.28 7.61
CA THR U 9 -45.99 -9.39 8.95
C THR U 9 -46.24 -10.76 9.58
N GLY U 10 -47.24 -11.48 9.10
CA GLY U 10 -47.62 -12.76 9.65
C GLY U 10 -48.71 -12.68 10.70
N LEU U 11 -48.91 -11.51 11.30
CA LEU U 11 -49.99 -11.34 12.25
C LEU U 11 -51.33 -11.52 11.55
N THR U 12 -52.24 -12.24 12.19
CA THR U 12 -53.60 -12.33 11.66
C THR U 12 -54.35 -11.05 12.03
N ASP U 13 -55.66 -11.05 11.83
CA ASP U 13 -56.42 -9.82 11.99
C ASP U 13 -56.46 -9.37 13.44
N GLN U 14 -56.56 -10.32 14.40
CA GLN U 14 -56.88 -9.94 15.76
C GLN U 14 -55.78 -9.09 16.40
N GLN U 15 -54.52 -9.32 16.02
CA GLN U 15 -53.43 -8.53 16.56
C GLN U 15 -53.48 -7.10 16.07
N ALA U 16 -53.99 -6.89 14.85
CA ALA U 16 -53.97 -5.56 14.25
C ALA U 16 -54.74 -4.55 15.10
N GLN U 17 -55.97 -4.90 15.49
CA GLN U 17 -56.80 -3.94 16.20
C GLN U 17 -56.26 -3.63 17.60
N GLU U 18 -55.84 -4.65 18.34
CA GLU U 18 -55.34 -4.39 19.69
C GLU U 18 -54.02 -3.66 19.65
N LEU U 19 -53.15 -4.02 18.70
CA LEU U 19 -51.91 -3.30 18.49
C LEU U 19 -52.20 -1.82 18.20
N HIS U 20 -53.13 -1.57 17.28
CA HIS U 20 -53.49 -0.19 16.97
C HIS U 20 -54.07 0.52 18.17
N SER U 21 -54.88 -0.19 18.96
CA SER U 21 -55.53 0.45 20.11
C SER U 21 -54.50 0.88 21.15
N VAL U 22 -53.60 -0.02 21.52
CA VAL U 22 -52.59 0.35 22.51
C VAL U 22 -51.64 1.40 21.95
N TYR U 23 -51.33 1.31 20.66
CA TYR U 23 -50.50 2.32 20.01
C TYR U 23 -51.14 3.69 20.06
N LEU U 24 -52.44 3.76 19.76
CA LEU U 24 -53.15 5.03 19.79
C LEU U 24 -53.25 5.57 21.20
N GLN U 25 -53.44 4.70 22.19
CA GLN U 25 -53.51 5.17 23.56
C GLN U 25 -52.17 5.78 23.98
N GLY U 26 -51.06 5.09 23.70
CA GLY U 26 -49.76 5.66 24.00
C GLY U 26 -49.52 6.96 23.26
N MET U 27 -49.93 7.01 21.98
CA MET U 27 -49.79 8.21 21.19
C MET U 27 -50.52 9.38 21.83
N TRP U 28 -51.80 9.19 22.14
CA TRP U 28 -52.59 10.27 22.70
C TRP U 28 -52.02 10.71 24.04
N LEU U 29 -51.56 9.77 24.86
CA LEU U 29 -50.93 10.15 26.12
C LEU U 29 -49.71 11.02 25.87
N PHE U 30 -48.88 10.62 24.90
CA PHE U 30 -47.67 11.38 24.62
C PHE U 30 -48.01 12.80 24.20
N ILE U 31 -48.94 12.96 23.25
CA ILE U 31 -49.28 14.32 22.81
C ILE U 31 -49.95 15.10 23.92
N SER U 32 -50.78 14.46 24.75
CA SER U 32 -51.42 15.21 25.83
C SER U 32 -50.40 15.77 26.79
N VAL U 33 -49.42 14.95 27.18
CA VAL U 33 -48.36 15.44 28.06
C VAL U 33 -47.57 16.54 27.37
N ALA U 34 -47.29 16.37 26.08
CA ALA U 34 -46.57 17.39 25.34
C ALA U 34 -47.34 18.71 25.30
N ILE U 35 -48.66 18.64 25.15
CA ILE U 35 -49.49 19.84 25.13
C ILE U 35 -49.42 20.55 26.48
N VAL U 36 -49.54 19.79 27.57
CA VAL U 36 -49.46 20.42 28.89
C VAL U 36 -48.09 21.08 29.06
N ALA U 37 -47.03 20.39 28.63
CA ALA U 37 -45.69 20.95 28.72
C ALA U 37 -45.56 22.23 27.91
N HIS U 38 -46.11 22.26 26.69
CA HIS U 38 -46.00 23.44 25.85
C HIS U 38 -46.78 24.61 26.43
N LEU U 39 -47.96 24.34 26.98
CA LEU U 39 -48.70 25.42 27.63
C LEU U 39 -47.90 25.99 28.80
N ALA U 40 -47.29 25.12 29.60
CA ALA U 40 -46.48 25.58 30.71
C ALA U 40 -45.29 26.40 30.23
N VAL U 41 -44.60 25.91 29.21
CA VAL U 41 -43.40 26.59 28.71
C VAL U 41 -43.78 27.92 28.07
N PHE U 42 -44.91 27.97 27.38
CA PHE U 42 -45.37 29.22 26.78
C PHE U 42 -45.72 30.24 27.86
N ILE U 43 -46.37 29.80 28.93
CA ILE U 43 -46.63 30.72 30.03
C ILE U 43 -45.31 31.21 30.62
N TRP U 44 -44.34 30.32 30.78
CA TRP U 44 -43.08 30.68 31.41
C TRP U 44 -42.28 31.66 30.54
N ARG U 45 -42.11 31.36 29.27
CA ARG U 45 -41.41 32.23 28.33
C ARG U 45 -42.10 32.12 26.97
N PRO U 46 -42.97 33.08 26.63
CA PRO U 46 -43.67 32.99 25.35
C PRO U 46 -42.71 33.18 24.18
N TRP U 47 -42.92 32.38 23.14
CA TRP U 47 -42.07 32.45 21.96
C TRP U 47 -42.80 32.95 20.71
N LEU U 48 -44.10 33.14 20.78
CA LEU U 48 -44.87 33.62 19.64
C LEU U 48 -45.52 34.96 19.99
N SER V 2 -38.37 -7.61 44.57
CA SER V 2 -39.40 -8.57 44.20
C SER V 2 -38.79 -9.89 43.79
N LYS V 3 -39.15 -10.38 42.60
CA LYS V 3 -38.77 -11.70 42.15
C LYS V 3 -37.81 -11.62 40.97
N PHE V 4 -36.78 -10.79 41.13
CA PHE V 4 -35.84 -10.52 40.07
C PHE V 4 -35.09 -11.76 39.60
N TYR V 5 -35.07 -12.84 40.39
CA TYR V 5 -34.21 -13.98 40.09
C TYR V 5 -34.44 -14.56 38.69
N LYS V 6 -35.68 -14.53 38.21
CA LYS V 6 -35.97 -15.18 36.93
C LYS V 6 -35.18 -14.60 35.77
N ILE V 7 -34.60 -13.41 35.94
CA ILE V 7 -33.79 -12.82 34.88
C ILE V 7 -32.62 -13.73 34.52
N TRP V 8 -32.15 -14.53 35.47
CA TRP V 8 -31.04 -15.42 35.18
C TRP V 8 -31.44 -16.57 34.29
N LEU V 9 -32.74 -16.80 34.09
CA LEU V 9 -33.18 -17.73 33.08
C LEU V 9 -33.15 -17.13 31.68
N ILE V 10 -33.06 -15.81 31.58
CA ILE V 10 -33.06 -15.10 30.31
C ILE V 10 -31.67 -14.59 29.95
N PHE V 11 -30.99 -13.94 30.90
CA PHE V 11 -29.64 -13.43 30.68
C PHE V 11 -28.59 -14.41 31.15
N ASP V 12 -27.55 -14.58 30.34
CA ASP V 12 -26.43 -15.43 30.71
C ASP V 12 -25.65 -14.78 31.84
N PRO V 13 -25.47 -15.45 32.97
CA PRO V 13 -24.70 -14.83 34.06
C PRO V 13 -23.26 -14.50 33.71
N ARG V 14 -22.63 -15.27 32.82
CA ARG V 14 -21.27 -14.94 32.41
C ARG V 14 -21.21 -13.55 31.80
N ARG V 15 -22.04 -13.29 30.79
CA ARG V 15 -22.02 -12.01 30.10
C ARG V 15 -22.36 -10.88 31.05
N VAL V 16 -23.41 -11.06 31.85
CA VAL V 16 -23.86 -9.98 32.74
C VAL V 16 -22.79 -9.66 33.76
N PHE V 17 -22.21 -10.68 34.37
CA PHE V 17 -21.20 -10.46 35.41
C PHE V 17 -19.97 -9.77 34.84
N VAL V 18 -19.48 -10.26 33.69
CA VAL V 18 -18.30 -9.66 33.09
C VAL V 18 -18.56 -8.20 32.71
N ALA V 19 -19.72 -7.94 32.10
CA ALA V 19 -20.04 -6.58 31.69
C ALA V 19 -20.18 -5.65 32.88
N GLN V 20 -20.83 -6.10 33.94
CA GLN V 20 -20.95 -5.26 35.12
C GLN V 20 -19.59 -4.98 35.74
N GLY V 21 -18.73 -5.99 35.79
CA GLY V 21 -17.40 -5.78 36.33
C GLY V 21 -16.63 -4.73 35.56
N VAL V 22 -16.62 -4.86 34.23
CA VAL V 22 -15.90 -3.90 33.40
C VAL V 22 -16.49 -2.51 33.56
N PHE V 23 -17.81 -2.41 33.51
CA PHE V 23 -18.46 -1.11 33.58
C PHE V 23 -18.17 -0.43 34.92
N LEU V 24 -18.25 -1.18 36.02
CA LEU V 24 -18.02 -0.59 37.33
C LEU V 24 -16.57 -0.16 37.48
N PHE V 25 -15.63 -0.99 37.01
CA PHE V 25 -14.23 -0.61 37.07
C PHE V 25 -13.98 0.69 36.31
N LEU V 26 -14.50 0.77 35.07
CA LEU V 26 -14.26 1.95 34.25
C LEU V 26 -14.93 3.18 34.83
N LEU V 27 -16.13 3.01 35.40
CA LEU V 27 -16.81 4.12 36.04
C LEU V 27 -16.03 4.64 37.23
N ALA V 28 -15.52 3.73 38.07
CA ALA V 28 -14.74 4.15 39.23
C ALA V 28 -13.46 4.86 38.81
N VAL V 29 -12.78 4.35 37.79
CA VAL V 29 -11.56 5.01 37.30
C VAL V 29 -11.90 6.41 36.80
N MET V 30 -12.97 6.53 36.03
CA MET V 30 -13.37 7.83 35.52
C MET V 30 -13.67 8.80 36.66
N ILE V 31 -14.44 8.37 37.66
CA ILE V 31 -14.79 9.29 38.73
C ILE V 31 -13.55 9.74 39.49
N HIS V 32 -12.64 8.82 39.79
CA HIS V 32 -11.43 9.18 40.52
C HIS V 32 -10.56 10.15 39.72
N LEU V 33 -10.43 9.90 38.41
CA LEU V 33 -9.63 10.81 37.59
C LEU V 33 -10.27 12.18 37.49
N MET V 34 -11.59 12.23 37.40
CA MET V 34 -12.29 13.51 37.38
C MET V 34 -12.09 14.26 38.69
N LEU V 35 -12.11 13.54 39.82
CA LEU V 35 -11.86 14.17 41.12
C LEU V 35 -10.42 14.66 41.23
N LEU V 36 -9.46 13.88 40.74
CA LEU V 36 -8.07 14.32 40.79
C LEU V 36 -7.83 15.55 39.93
N SER V 37 -8.57 15.70 38.83
CA SER V 37 -8.41 16.87 37.98
C SER V 37 -8.91 18.14 38.66
N ASN V 38 -9.95 18.03 39.46
CA ASN V 38 -10.43 19.20 40.18
C ASN V 38 -9.43 19.61 41.25
N PRO V 39 -8.96 20.85 41.26
CA PRO V 39 -8.08 21.27 42.34
C PRO V 39 -8.85 21.73 43.57
N GLY V 40 -9.89 20.99 43.93
CA GLY V 40 -10.62 21.23 45.15
C GLY V 40 -10.90 19.90 45.82
N PHE V 41 -10.68 18.83 45.07
CA PHE V 41 -10.88 17.48 45.56
C PHE V 41 -9.69 16.58 45.26
N ASN V 42 -8.55 17.17 44.90
CA ASN V 42 -7.30 16.45 44.68
C ASN V 42 -6.74 16.07 46.04
N TRP V 43 -6.99 14.84 46.50
CA TRP V 43 -6.70 14.52 47.89
C TRP V 43 -5.21 14.46 48.17
N LEU V 44 -4.40 14.08 47.18
CA LEU V 44 -2.95 14.08 47.36
C LEU V 44 -2.43 15.49 47.63
N ASP V 45 -2.84 16.45 46.82
CA ASP V 45 -2.44 17.84 47.06
C ASP V 45 -3.06 18.40 48.32
N ILE V 46 -4.29 17.99 48.65
CA ILE V 46 -4.93 18.47 49.87
C ILE V 46 -4.13 18.02 51.08
N SER V 47 -3.71 16.75 51.11
CA SER V 47 -2.89 16.29 52.21
C SER V 47 -1.54 16.97 52.23
N GLY V 48 -0.99 17.27 51.05
CA GLY V 48 0.23 18.05 51.01
C GLY V 48 0.09 19.37 51.71
N VAL V 49 -1.01 20.07 51.46
CA VAL V 49 -1.25 21.36 52.11
C VAL V 49 -1.50 21.18 53.60
N LYS V 50 -2.26 20.16 53.97
CA LYS V 50 -2.72 20.01 55.35
C LYS V 50 -1.57 19.80 56.31
N TYR V 51 -0.57 19.02 55.91
CA TYR V 51 0.55 18.68 56.78
C TYR V 51 1.80 19.50 56.50
N GLU V 52 1.70 20.55 55.67
CA GLU V 52 2.85 21.35 55.24
C GLU V 52 3.90 20.46 54.55
N ARG V 53 3.48 19.91 53.40
CA ARG V 53 4.25 19.00 52.57
C ARG V 53 4.36 17.61 53.17
N VAL V 54 3.36 17.23 53.95
CA VAL V 54 3.24 15.90 54.53
C VAL V 54 4.52 15.46 55.21
N ASP W 5 -25.00 -33.26 37.59
CA ASP W 5 -24.84 -31.92 38.14
C ASP W 5 -24.40 -30.93 37.06
N LEU W 6 -25.03 -29.77 37.04
CA LEU W 6 -24.74 -28.77 36.01
C LEU W 6 -23.26 -28.39 36.04
N SER W 7 -22.64 -28.33 34.86
CA SER W 7 -21.24 -27.94 34.75
C SER W 7 -21.05 -27.13 33.46
N PHE W 8 -21.12 -25.80 33.58
CA PHE W 8 -20.60 -24.97 32.50
C PHE W 8 -19.11 -25.16 32.34
N THR W 9 -18.42 -25.48 33.43
CA THR W 9 -16.96 -25.52 33.45
C THR W 9 -16.39 -26.91 33.55
N GLY W 10 -17.22 -27.94 33.74
CA GLY W 10 -16.71 -29.27 33.97
C GLY W 10 -16.18 -29.50 35.36
N LEU W 11 -16.61 -28.71 36.34
CA LEU W 11 -16.11 -28.77 37.70
C LEU W 11 -17.18 -29.39 38.60
N THR W 12 -16.80 -30.40 39.37
CA THR W 12 -17.73 -30.95 40.34
C THR W 12 -17.70 -30.12 41.62
N ASP W 13 -18.80 -30.19 42.37
CA ASP W 13 -18.97 -29.29 43.51
C ASP W 13 -17.86 -29.46 44.54
N GLN W 14 -17.40 -30.70 44.74
CA GLN W 14 -16.29 -30.91 45.66
C GLN W 14 -14.99 -30.31 45.15
N GLN W 15 -14.80 -30.27 43.83
CA GLN W 15 -13.63 -29.57 43.29
C GLN W 15 -13.77 -28.07 43.48
N ALA W 16 -14.99 -27.56 43.39
CA ALA W 16 -15.22 -26.14 43.62
C ALA W 16 -14.91 -25.75 45.05
N GLN W 17 -15.26 -26.61 46.02
CA GLN W 17 -14.92 -26.34 47.42
C GLN W 17 -13.44 -26.10 47.59
N GLU W 18 -12.61 -27.03 47.11
CA GLU W 18 -11.18 -26.92 47.32
C GLU W 18 -10.61 -25.74 46.56
N LEU W 19 -11.05 -25.55 45.31
CA LEU W 19 -10.55 -24.44 44.52
C LEU W 19 -10.87 -23.11 45.18
N HIS W 20 -12.10 -22.97 45.68
CA HIS W 20 -12.50 -21.75 46.35
C HIS W 20 -11.73 -21.53 47.64
N SER W 21 -11.48 -22.59 48.39
CA SER W 21 -10.71 -22.46 49.63
C SER W 21 -9.30 -21.97 49.35
N VAL W 22 -8.65 -22.52 48.33
CA VAL W 22 -7.30 -22.10 48.00
C VAL W 22 -7.29 -20.68 47.47
N TYR W 23 -8.27 -20.34 46.63
CA TYR W 23 -8.40 -18.98 46.13
C TYR W 23 -8.55 -17.99 47.27
N LEU W 24 -9.38 -18.32 48.26
CA LEU W 24 -9.57 -17.44 49.40
C LEU W 24 -8.29 -17.29 50.20
N GLN W 25 -7.56 -18.39 50.40
CA GLN W 25 -6.30 -18.31 51.12
C GLN W 25 -5.33 -17.35 50.44
N GLY W 26 -5.19 -17.48 49.12
CA GLY W 26 -4.33 -16.55 48.40
C GLY W 26 -4.82 -15.12 48.45
N MET W 27 -6.12 -14.91 48.28
CA MET W 27 -6.67 -13.55 48.33
C MET W 27 -6.44 -12.92 49.69
N TRP W 28 -6.65 -13.68 50.76
CA TRP W 28 -6.45 -13.14 52.10
C TRP W 28 -4.99 -12.79 52.32
N LEU W 29 -4.08 -13.64 51.85
CA LEU W 29 -2.66 -13.32 51.98
C LEU W 29 -2.33 -12.02 51.26
N PHE W 30 -2.81 -11.88 50.02
CA PHE W 30 -2.56 -10.67 49.25
C PHE W 30 -3.11 -9.43 49.94
N ILE W 31 -4.36 -9.51 50.41
CA ILE W 31 -4.99 -8.37 51.07
C ILE W 31 -4.27 -8.01 52.36
N SER W 32 -3.87 -9.01 53.14
CA SER W 32 -3.18 -8.72 54.40
C SER W 32 -1.86 -8.01 54.14
N VAL W 33 -1.11 -8.45 53.12
CA VAL W 33 0.12 -7.76 52.78
C VAL W 33 -0.17 -6.32 52.37
N ALA W 34 -1.20 -6.13 51.53
CA ALA W 34 -1.53 -4.78 51.07
C ALA W 34 -1.95 -3.89 52.24
N ILE W 35 -2.66 -4.46 53.22
CA ILE W 35 -3.07 -3.71 54.41
C ILE W 35 -1.86 -3.24 55.19
N VAL W 36 -0.90 -4.15 55.41
CA VAL W 36 0.31 -3.78 56.14
C VAL W 36 1.05 -2.67 55.39
N ALA W 37 1.14 -2.80 54.07
CA ALA W 37 1.81 -1.78 53.27
C ALA W 37 1.12 -0.43 53.40
N HIS W 38 -0.21 -0.43 53.45
CA HIS W 38 -0.93 0.83 53.55
C HIS W 38 -0.76 1.47 54.91
N LEU W 39 -0.73 0.65 55.97
CA LEU W 39 -0.45 1.21 57.29
C LEU W 39 0.92 1.86 57.32
N ALA W 40 1.91 1.18 56.75
CA ALA W 40 3.27 1.74 56.74
C ALA W 40 3.32 3.02 55.93
N VAL W 41 2.69 3.04 54.75
CA VAL W 41 2.72 4.24 53.93
C VAL W 41 1.96 5.38 54.60
N PHE W 42 0.86 5.06 55.29
CA PHE W 42 0.11 6.11 55.97
C PHE W 42 0.93 6.73 57.09
N ILE W 43 1.64 5.91 57.84
CA ILE W 43 2.55 6.45 58.86
C ILE W 43 3.63 7.29 58.22
N TRP W 44 4.14 6.87 57.06
CA TRP W 44 5.23 7.60 56.43
C TRP W 44 4.78 8.95 55.87
N ARG W 45 3.75 8.96 55.02
CA ARG W 45 3.13 10.19 54.53
C ARG W 45 1.62 10.01 54.51
N PRO W 46 0.91 10.57 55.48
CA PRO W 46 -0.56 10.42 55.49
C PRO W 46 -1.21 11.19 54.36
N TRP W 47 -2.19 10.56 53.72
CA TRP W 47 -2.83 11.15 52.56
C TRP W 47 -4.24 11.66 52.82
N LEU W 48 -4.88 11.27 53.92
CA LEU W 48 -6.07 12.00 54.38
C LEU W 48 -5.73 12.85 55.59
N SER X 2 20.13 -30.74 40.90
CA SER X 2 18.85 -31.43 41.12
C SER X 2 18.61 -32.47 40.03
N LYS X 3 17.64 -32.19 39.17
CA LYS X 3 17.35 -33.02 38.01
C LYS X 3 17.05 -32.11 36.83
N PHE X 4 17.64 -30.92 36.81
CA PHE X 4 17.25 -29.88 35.88
C PHE X 4 17.35 -30.31 34.42
N TYR X 5 18.17 -31.33 34.11
CA TYR X 5 18.44 -31.68 32.72
C TYR X 5 17.16 -32.01 31.95
N LYS X 6 16.08 -32.37 32.64
CA LYS X 6 14.86 -32.78 31.96
C LYS X 6 14.32 -31.67 31.05
N ILE X 7 14.63 -30.40 31.35
CA ILE X 7 14.09 -29.33 30.53
C ILE X 7 14.67 -29.37 29.13
N TRP X 8 15.82 -30.03 28.96
CA TRP X 8 16.38 -30.19 27.62
C TRP X 8 15.55 -31.14 26.77
N LEU X 9 14.84 -32.06 27.41
CA LEU X 9 13.85 -32.85 26.70
C LEU X 9 12.56 -32.10 26.47
N ILE X 10 12.43 -30.91 27.04
CA ILE X 10 11.24 -30.08 26.88
C ILE X 10 11.47 -29.06 25.78
N PHE X 11 12.44 -28.17 25.98
CA PHE X 11 12.73 -27.10 25.04
C PHE X 11 13.82 -27.55 24.07
N ASP X 12 13.57 -27.34 22.77
CA ASP X 12 14.52 -27.76 21.74
C ASP X 12 15.86 -27.06 21.94
N PRO X 13 16.96 -27.79 22.10
CA PRO X 13 18.24 -27.14 22.42
C PRO X 13 18.65 -26.09 21.41
N ARG X 14 18.37 -26.33 20.13
CA ARG X 14 18.79 -25.40 19.08
C ARG X 14 18.26 -24.00 19.35
N ARG X 15 16.94 -23.89 19.56
CA ARG X 15 16.32 -22.58 19.65
C ARG X 15 16.64 -21.91 20.97
N VAL X 16 16.65 -22.66 22.07
CA VAL X 16 16.96 -22.06 23.35
C VAL X 16 18.40 -21.57 23.40
N PHE X 17 19.31 -22.32 22.78
CA PHE X 17 20.71 -21.90 22.73
C PHE X 17 20.88 -20.64 21.89
N VAL X 18 20.26 -20.60 20.71
CA VAL X 18 20.36 -19.41 19.88
C VAL X 18 19.77 -18.22 20.60
N ALA X 19 18.62 -18.41 21.26
CA ALA X 19 17.97 -17.31 21.95
C ALA X 19 18.83 -16.79 23.08
N GLN X 20 19.39 -17.68 23.89
CA GLN X 20 20.21 -17.24 25.01
C GLN X 20 21.46 -16.52 24.53
N GLY X 21 22.10 -17.05 23.49
CA GLY X 21 23.29 -16.39 22.97
C GLY X 21 22.99 -15.02 22.43
N VAL X 22 21.91 -14.89 21.64
CA VAL X 22 21.53 -13.59 21.11
C VAL X 22 21.22 -12.63 22.24
N PHE X 23 20.49 -13.09 23.26
CA PHE X 23 20.12 -12.23 24.37
C PHE X 23 21.34 -11.73 25.12
N LEU X 24 22.28 -12.63 25.39
CA LEU X 24 23.49 -12.25 26.12
C LEU X 24 24.33 -11.27 25.31
N PHE X 25 24.45 -11.51 24.01
CA PHE X 25 25.23 -10.60 23.17
C PHE X 25 24.61 -9.21 23.15
N LEU X 26 23.30 -9.12 22.93
CA LEU X 26 22.66 -7.82 22.91
C LEU X 26 22.72 -7.12 24.26
N LEU X 27 22.60 -7.88 25.35
CA LEU X 27 22.75 -7.28 26.68
C LEU X 27 24.15 -6.71 26.87
N ALA X 28 25.19 -7.48 26.50
CA ALA X 28 26.55 -6.99 26.65
C ALA X 28 26.79 -5.76 25.79
N VAL X 29 26.29 -5.77 24.55
CA VAL X 29 26.46 -4.63 23.67
C VAL X 29 25.77 -3.40 24.24
N MET X 30 24.56 -3.57 24.76
CA MET X 30 23.84 -2.44 25.33
C MET X 30 24.60 -1.87 26.52
N ILE X 31 25.11 -2.72 27.40
CA ILE X 31 25.83 -2.20 28.57
C ILE X 31 27.08 -1.46 28.13
N HIS X 32 27.85 -2.02 27.18
CA HIS X 32 29.04 -1.35 26.72
C HIS X 32 28.73 -0.01 26.09
N LEU X 33 27.67 0.05 25.27
CA LEU X 33 27.30 1.31 24.64
C LEU X 33 26.85 2.33 25.67
N MET X 34 26.10 1.88 26.69
CA MET X 34 25.69 2.79 27.75
C MET X 34 26.89 3.35 28.49
N LEU X 35 27.92 2.53 28.72
CA LEU X 35 29.12 3.03 29.37
C LEU X 35 29.88 3.98 28.45
N LEU X 36 29.92 3.69 27.15
CA LEU X 36 30.60 4.56 26.20
C LEU X 36 29.93 5.92 26.13
N SER X 37 28.60 5.95 26.17
CA SER X 37 27.87 7.21 26.09
C SER X 37 28.12 8.09 27.30
N ASN X 38 28.42 7.51 28.44
CA ASN X 38 28.62 8.27 29.67
C ASN X 38 30.03 8.86 29.71
N PRO X 39 30.17 10.17 29.86
CA PRO X 39 31.53 10.73 29.94
C PRO X 39 32.13 10.63 31.33
N GLY X 40 31.93 9.48 31.97
CA GLY X 40 32.56 9.18 33.24
C GLY X 40 33.07 7.77 33.18
N PHE X 41 32.66 7.07 32.12
CA PHE X 41 33.06 5.68 31.92
C PHE X 41 33.50 5.40 30.49
N ASN X 42 33.71 6.45 29.68
CA ASN X 42 34.24 6.28 28.33
C ASN X 42 35.74 6.01 28.43
N TRP X 43 36.12 4.75 28.25
CA TRP X 43 37.50 4.38 28.56
C TRP X 43 38.50 4.94 27.54
N LEU X 44 38.07 5.16 26.31
CA LEU X 44 38.96 5.80 25.33
C LEU X 44 39.34 7.21 25.77
N ASP X 45 38.35 8.02 26.14
CA ASP X 45 38.65 9.38 26.59
C ASP X 45 39.35 9.39 27.93
N ILE X 46 39.03 8.44 28.81
CA ILE X 46 39.69 8.36 30.11
C ILE X 46 41.17 8.08 29.92
N SER X 47 41.50 7.11 29.07
CA SER X 47 42.90 6.84 28.76
C SER X 47 43.56 8.05 28.11
N GLY X 48 42.84 8.73 27.22
CA GLY X 48 43.40 9.91 26.59
C GLY X 48 43.81 10.96 27.60
N VAL X 49 42.96 11.24 28.58
CA VAL X 49 43.30 12.22 29.61
C VAL X 49 44.40 11.69 30.53
N LYS X 50 44.35 10.41 30.88
CA LYS X 50 45.28 9.86 31.85
C LYS X 50 46.72 9.97 31.39
N TYR X 51 46.98 9.59 30.14
CA TYR X 51 48.33 9.61 29.60
C TYR X 51 48.67 10.90 28.88
N GLU X 52 47.93 11.99 29.15
CA GLU X 52 48.13 13.25 28.45
C GLU X 52 48.19 13.05 26.93
N ARG X 53 47.04 12.68 26.34
CA ARG X 53 46.92 12.37 24.92
C ARG X 53 47.72 11.13 24.57
N VAL X 54 47.29 9.99 25.12
CA VAL X 54 47.99 8.70 25.18
C VAL X 54 49.28 8.64 24.36
N ASP Y 5 21.91 -43.26 15.65
CA ASP Y 5 22.71 -42.06 15.81
C ASP Y 5 21.95 -40.82 15.36
N LEU Y 6 21.26 -40.18 16.31
CA LEU Y 6 20.55 -38.95 16.01
C LEU Y 6 21.51 -37.89 15.48
N SER Y 7 21.08 -37.18 14.44
CA SER Y 7 21.92 -36.16 13.81
C SER Y 7 21.01 -35.13 13.16
N PHE Y 8 20.90 -33.97 13.81
CA PHE Y 8 20.23 -32.85 13.17
C PHE Y 8 20.98 -32.36 11.95
N THR Y 9 22.22 -32.81 11.76
CA THR Y 9 23.05 -32.39 10.65
C THR Y 9 23.36 -33.51 9.67
N GLY Y 10 23.28 -34.78 10.10
CA GLY Y 10 23.70 -35.90 9.30
C GLY Y 10 25.16 -36.27 9.46
N LEU Y 11 25.94 -35.48 10.19
CA LEU Y 11 27.34 -35.78 10.44
C LEU Y 11 27.46 -37.06 11.28
N THR Y 12 28.45 -37.88 10.94
CA THR Y 12 28.72 -39.08 11.70
C THR Y 12 29.55 -38.73 12.93
N ASP Y 13 29.88 -39.73 13.74
CA ASP Y 13 30.69 -39.46 14.93
C ASP Y 13 32.08 -38.97 14.56
N GLN Y 14 32.78 -39.69 13.69
CA GLN Y 14 34.18 -39.39 13.46
C GLN Y 14 34.36 -38.16 12.56
N GLN Y 15 33.39 -37.87 11.71
CA GLN Y 15 33.45 -36.61 10.97
C GLN Y 15 33.31 -35.42 11.91
N ALA Y 16 32.41 -35.53 12.90
CA ALA Y 16 32.29 -34.47 13.90
C ALA Y 16 33.59 -34.27 14.64
N GLN Y 17 34.31 -35.37 14.93
CA GLN Y 17 35.64 -35.29 15.52
C GLN Y 17 36.54 -34.35 14.71
N GLU Y 18 36.77 -34.69 13.44
CA GLU Y 18 37.72 -33.95 12.62
C GLU Y 18 37.28 -32.52 12.42
N LEU Y 19 35.98 -32.31 12.22
CA LEU Y 19 35.45 -30.97 12.06
C LEU Y 19 35.70 -30.13 13.30
N HIS Y 20 35.40 -30.68 14.48
CA HIS Y 20 35.66 -29.95 15.72
C HIS Y 20 37.14 -29.67 15.88
N SER Y 21 38.00 -30.61 15.47
CA SER Y 21 39.43 -30.42 15.59
C SER Y 21 39.90 -29.22 14.76
N VAL Y 22 39.52 -29.20 13.47
CA VAL Y 22 39.96 -28.10 12.63
C VAL Y 22 39.33 -26.79 13.08
N TYR Y 23 38.09 -26.83 13.57
CA TYR Y 23 37.47 -25.62 14.07
C TYR Y 23 38.21 -25.07 15.28
N LEU Y 24 38.62 -25.95 16.19
CA LEU Y 24 39.40 -25.49 17.34
C LEU Y 24 40.74 -24.93 16.92
N GLN Y 25 41.39 -25.58 15.96
CA GLN Y 25 42.66 -25.04 15.46
C GLN Y 25 42.48 -23.64 14.90
N GLY Y 26 41.44 -23.45 14.09
CA GLY Y 26 41.21 -22.13 13.51
C GLY Y 26 40.90 -21.08 14.57
N MET Y 27 40.04 -21.43 15.53
CA MET Y 27 39.68 -20.50 16.58
C MET Y 27 40.88 -20.12 17.44
N TRP Y 28 41.70 -21.11 17.82
CA TRP Y 28 42.86 -20.82 18.63
C TRP Y 28 43.86 -19.96 17.88
N LEU Y 29 44.04 -20.22 16.58
CA LEU Y 29 44.95 -19.38 15.79
C LEU Y 29 44.46 -17.94 15.72
N PHE Y 30 43.16 -17.77 15.47
CA PHE Y 30 42.59 -16.43 15.44
C PHE Y 30 42.81 -15.70 16.77
N ILE Y 31 42.56 -16.39 17.89
CA ILE Y 31 42.71 -15.76 19.19
C ILE Y 31 44.17 -15.43 19.47
N SER Y 32 45.09 -16.32 19.07
CA SER Y 32 46.51 -16.03 19.27
C SER Y 32 46.93 -14.76 18.55
N VAL Y 33 46.49 -14.62 17.29
CA VAL Y 33 46.82 -13.40 16.55
C VAL Y 33 46.19 -12.18 17.21
N ALA Y 34 44.94 -12.30 17.65
CA ALA Y 34 44.28 -11.16 18.30
C ALA Y 34 45.00 -10.78 19.59
N ILE Y 35 45.49 -11.75 20.34
CA ILE Y 35 46.22 -11.47 21.57
C ILE Y 35 47.50 -10.73 21.27
N VAL Y 36 48.24 -11.17 20.25
CA VAL Y 36 49.44 -10.44 19.85
C VAL Y 36 49.10 -9.01 19.44
N ALA Y 37 48.02 -8.86 18.67
CA ALA Y 37 47.62 -7.53 18.22
C ALA Y 37 47.30 -6.62 19.39
N HIS Y 38 46.59 -7.14 20.40
CA HIS Y 38 46.24 -6.32 21.55
C HIS Y 38 47.46 -5.96 22.38
N LEU Y 39 48.39 -6.90 22.54
CA LEU Y 39 49.64 -6.56 23.22
C LEU Y 39 50.36 -5.42 22.51
N ALA Y 40 50.46 -5.52 21.19
CA ALA Y 40 51.15 -4.49 20.42
C ALA Y 40 50.42 -3.15 20.52
N VAL Y 41 49.10 -3.17 20.39
CA VAL Y 41 48.33 -1.92 20.44
C VAL Y 41 48.43 -1.29 21.82
N PHE Y 42 48.43 -2.12 22.87
CA PHE Y 42 48.52 -1.57 24.23
C PHE Y 42 49.88 -0.96 24.48
N ILE Y 43 50.94 -1.58 23.97
CA ILE Y 43 52.25 -0.94 24.07
C ILE Y 43 52.25 0.38 23.30
N TRP Y 44 51.66 0.38 22.11
CA TRP Y 44 51.69 1.55 21.25
C TRP Y 44 50.91 2.73 21.84
N ARG Y 45 49.73 2.48 22.38
CA ARG Y 45 48.82 3.52 22.83
C ARG Y 45 47.86 2.94 23.86
N PRO Y 46 48.26 2.84 25.14
CA PRO Y 46 47.46 2.10 26.12
C PRO Y 46 46.08 2.70 26.35
N TRP Y 47 45.09 1.83 26.53
CA TRP Y 47 43.71 2.25 26.71
C TRP Y 47 43.15 1.98 28.10
N LEU Y 48 43.81 1.16 28.91
CA LEU Y 48 43.38 0.99 30.29
C LEU Y 48 44.40 1.62 31.22
N SER Z 2 -1.64 -22.52 51.51
CA SER Z 2 -0.91 -23.70 51.94
C SER Z 2 -0.71 -24.68 50.80
N LYS Z 3 -1.82 -25.20 50.28
CA LYS Z 3 -1.81 -26.20 49.21
C LYS Z 3 -1.88 -25.54 47.82
N PHE Z 4 -1.00 -24.56 47.62
CA PHE Z 4 -0.94 -23.79 46.39
C PHE Z 4 -0.43 -24.59 45.20
N TYR Z 5 0.06 -25.81 45.42
CA TYR Z 5 0.65 -26.60 44.34
C TYR Z 5 -0.34 -26.93 43.24
N LYS Z 6 -1.64 -26.99 43.55
CA LYS Z 6 -2.61 -27.38 42.55
C LYS Z 6 -2.77 -26.37 41.40
N ILE Z 7 -2.09 -25.23 41.45
CA ILE Z 7 -2.06 -24.38 40.27
C ILE Z 7 -1.48 -25.13 39.09
N TRP Z 8 -0.56 -26.06 39.35
CA TRP Z 8 0.02 -26.81 38.26
C TRP Z 8 -0.97 -27.79 37.64
N LEU Z 9 -2.08 -28.07 38.32
CA LEU Z 9 -3.14 -28.85 37.71
C LEU Z 9 -4.03 -28.00 36.81
N ILE Z 10 -3.93 -26.69 36.90
CA ILE Z 10 -4.79 -25.79 36.15
C ILE Z 10 -4.04 -25.15 34.99
N PHE Z 11 -2.89 -24.55 35.26
CA PHE Z 11 -2.11 -23.86 34.25
C PHE Z 11 -0.93 -24.71 33.82
N ASP Z 12 -0.60 -24.62 32.53
CA ASP Z 12 0.49 -25.41 31.98
C ASP Z 12 1.82 -24.89 32.51
N PRO Z 13 2.65 -25.73 33.14
CA PRO Z 13 3.92 -25.24 33.67
C PRO Z 13 4.82 -24.57 32.64
N ARG Z 14 4.92 -25.11 31.43
CA ARG Z 14 5.81 -24.51 30.43
C ARG Z 14 5.43 -23.06 30.14
N ARG Z 15 4.15 -22.82 29.89
CA ARG Z 15 3.74 -21.49 29.48
C ARG Z 15 3.84 -20.52 30.65
N VAL Z 16 3.54 -20.97 31.87
CA VAL Z 16 3.65 -20.08 33.01
C VAL Z 16 5.10 -19.75 33.31
N PHE Z 17 6.02 -20.71 33.13
CA PHE Z 17 7.44 -20.35 33.30
C PHE Z 17 7.92 -19.38 32.23
N VAL Z 18 7.53 -19.59 30.98
CA VAL Z 18 7.97 -18.66 29.93
C VAL Z 18 7.44 -17.26 30.19
N ALA Z 19 6.15 -17.16 30.51
CA ALA Z 19 5.56 -15.85 30.78
C ALA Z 19 6.17 -15.22 32.01
N GLN Z 20 6.42 -16.01 33.06
CA GLN Z 20 7.01 -15.47 34.26
C GLN Z 20 8.40 -14.92 33.99
N GLY Z 21 9.20 -15.66 33.22
CA GLY Z 21 10.53 -15.18 32.90
C GLY Z 21 10.53 -13.89 32.12
N VAL Z 22 9.69 -13.81 31.09
CA VAL Z 22 9.68 -12.59 30.29
C VAL Z 22 9.15 -11.42 31.12
N PHE Z 23 8.14 -11.67 31.95
CA PHE Z 23 7.60 -10.63 32.81
C PHE Z 23 8.66 -10.11 33.77
N LEU Z 24 9.38 -11.02 34.43
CA LEU Z 24 10.39 -10.59 35.38
C LEU Z 24 11.52 -9.83 34.70
N PHE Z 25 11.94 -10.27 33.52
CA PHE Z 25 13.00 -9.56 32.82
C PHE Z 25 12.57 -8.13 32.48
N LEU Z 26 11.37 -7.99 31.92
CA LEU Z 26 10.91 -6.65 31.54
C LEU Z 26 10.72 -5.77 32.76
N LEU Z 27 10.21 -6.33 33.86
CA LEU Z 27 10.09 -5.56 35.08
C LEU Z 27 11.44 -5.07 35.59
N ALA Z 28 12.45 -5.94 35.59
CA ALA Z 28 13.77 -5.54 36.05
C ALA Z 28 14.35 -4.44 35.18
N VAL Z 29 14.24 -4.60 33.86
CA VAL Z 29 14.76 -3.57 32.96
C VAL Z 29 14.05 -2.26 33.20
N MET Z 30 12.73 -2.32 33.38
CA MET Z 30 11.92 -1.14 33.57
C MET Z 30 12.32 -0.39 34.84
N ILE Z 31 12.52 -1.10 35.94
CA ILE Z 31 12.93 -0.45 37.18
C ILE Z 31 14.32 0.16 37.06
N HIS Z 32 15.27 -0.57 36.45
CA HIS Z 32 16.60 -0.01 36.29
C HIS Z 32 16.56 1.25 35.45
N LEU Z 33 15.71 1.27 34.42
CA LEU Z 33 15.61 2.46 33.59
C LEU Z 33 14.91 3.61 34.32
N MET Z 34 13.96 3.34 35.20
CA MET Z 34 13.45 4.42 36.03
C MET Z 34 14.57 5.03 36.84
N LEU Z 35 15.38 4.17 37.47
CA LEU Z 35 16.42 4.66 38.36
C LEU Z 35 17.46 5.47 37.60
N LEU Z 36 17.85 5.01 36.41
CA LEU Z 36 18.78 5.77 35.60
C LEU Z 36 18.18 7.07 35.11
N SER Z 37 16.86 7.09 34.88
CA SER Z 37 16.20 8.33 34.49
C SER Z 37 16.31 9.39 35.57
N ASN Z 38 16.08 9.00 36.81
CA ASN Z 38 16.09 9.94 37.92
C ASN Z 38 17.52 10.36 38.25
N PRO Z 39 17.82 11.65 38.31
CA PRO Z 39 19.17 12.06 38.71
C PRO Z 39 19.33 12.10 40.21
N GLY Z 40 18.82 11.08 40.89
CA GLY Z 40 19.04 10.91 42.31
C GLY Z 40 19.40 9.47 42.54
N PHE Z 41 19.25 8.68 41.48
CA PHE Z 41 19.58 7.27 41.54
C PHE Z 41 20.34 6.79 40.31
N ASN Z 42 20.85 7.70 39.50
CA ASN Z 42 21.74 7.35 38.39
C ASN Z 42 23.10 7.01 38.97
N TRP Z 43 23.43 5.72 39.05
CA TRP Z 43 24.59 5.32 39.83
C TRP Z 43 25.90 5.69 39.15
N LEU Z 44 25.93 5.72 37.81
CA LEU Z 44 27.16 6.13 37.13
C LEU Z 44 27.53 7.56 37.47
N ASP Z 45 26.56 8.47 37.43
CA ASP Z 45 26.86 9.88 37.70
C ASP Z 45 27.10 10.12 39.19
N ILE Z 46 26.39 9.38 40.04
CA ILE Z 46 26.63 9.46 41.48
C ILE Z 46 28.05 9.05 41.80
N SER Z 47 28.51 7.94 41.21
CA SER Z 47 29.88 7.50 41.48
C SER Z 47 30.89 8.47 40.87
N GLY Z 48 30.56 9.06 39.73
CA GLY Z 48 31.42 10.09 39.17
C GLY Z 48 31.62 11.25 40.12
N VAL Z 49 30.54 11.70 40.75
CA VAL Z 49 30.67 12.85 41.64
C VAL Z 49 31.26 12.45 43.00
N LYS Z 50 31.05 11.20 43.43
CA LYS Z 50 31.49 10.79 44.75
C LYS Z 50 33.01 10.81 44.87
N TYR Z 51 33.71 10.23 43.89
CA TYR Z 51 35.16 10.17 43.89
C TYR Z 51 35.81 11.31 43.13
N GLU Z 52 35.07 12.39 42.85
CA GLU Z 52 35.57 13.53 42.09
C GLU Z 52 36.05 13.08 40.70
N ARG Z 53 35.07 12.65 39.89
CA ARG Z 53 35.27 12.08 38.56
C ARG Z 53 36.02 10.75 38.62
N VAL Z 54 35.82 10.02 39.72
CA VAL Z 54 36.40 8.71 39.92
C VAL Z 54 37.92 8.76 39.74
N ASP AA 5 10.97 -43.04 26.96
CA ASP AA 5 11.30 -41.91 27.81
C ASP AA 5 10.74 -40.61 27.23
N LEU AA 6 10.14 -39.79 28.10
CA LEU AA 6 9.41 -38.61 27.67
C LEU AA 6 10.37 -37.58 27.05
N SER AA 7 10.23 -37.36 25.75
CA SER AA 7 11.11 -36.45 25.01
C SER AA 7 10.26 -35.58 24.09
N PHE AA 8 10.01 -34.34 24.52
CA PHE AA 8 9.26 -33.39 23.70
C PHE AA 8 10.06 -32.85 22.53
N THR AA 9 11.37 -33.08 22.48
CA THR AA 9 12.21 -32.63 21.38
C THR AA 9 12.75 -33.75 20.51
N GLY AA 10 13.17 -34.86 21.11
CA GLY AA 10 13.69 -35.96 20.35
C GLY AA 10 15.00 -36.53 20.86
N LEU AA 11 15.59 -35.89 21.87
CA LEU AA 11 16.85 -36.36 22.40
C LEU AA 11 16.63 -37.56 23.33
N THR AA 12 17.70 -38.33 23.51
CA THR AA 12 17.69 -39.38 24.51
C THR AA 12 17.93 -38.79 25.89
N ASP AA 13 17.45 -39.51 26.92
CA ASP AA 13 17.63 -39.02 28.28
C ASP AA 13 19.11 -38.94 28.65
N GLN AA 14 19.91 -39.92 28.22
CA GLN AA 14 21.33 -39.87 28.51
C GLN AA 14 21.99 -38.67 27.84
N GLN AA 15 21.45 -38.22 26.71
CA GLN AA 15 21.94 -36.99 26.11
C GLN AA 15 21.63 -35.78 26.97
N ALA AA 16 20.55 -35.84 27.77
CA ALA AA 16 20.21 -34.72 28.63
C ALA AA 16 21.31 -34.48 29.66
N GLN AA 17 21.85 -35.54 30.25
CA GLN AA 17 22.92 -35.37 31.23
C GLN AA 17 24.15 -34.74 30.60
N GLU AA 18 24.55 -35.23 29.42
CA GLU AA 18 25.73 -34.68 28.76
C GLU AA 18 25.54 -33.22 28.43
N LEU AA 19 24.40 -32.88 27.83
CA LEU AA 19 24.16 -31.50 27.43
C LEU AA 19 24.06 -30.58 28.65
N HIS AA 20 23.36 -31.02 29.70
CA HIS AA 20 23.25 -30.18 30.87
C HIS AA 20 24.60 -29.97 31.54
N SER AA 21 25.41 -31.03 31.65
CA SER AA 21 26.70 -30.89 32.29
C SER AA 21 27.60 -29.94 31.51
N VAL AA 22 27.64 -30.08 30.18
CA VAL AA 22 28.48 -29.15 29.40
C VAL AA 22 27.92 -27.73 29.50
N TYR AA 23 26.59 -27.59 29.60
CA TYR AA 23 25.98 -26.28 29.74
C TYR AA 23 26.41 -25.61 31.05
N LEU AA 24 26.38 -26.36 32.15
CA LEU AA 24 26.85 -25.80 33.43
C LEU AA 24 28.33 -25.49 33.39
N GLN AA 25 29.13 -26.32 32.72
CA GLN AA 25 30.54 -25.99 32.58
C GLN AA 25 30.72 -24.63 31.91
N GLY AA 26 30.09 -24.45 30.74
CA GLY AA 26 30.19 -23.18 30.05
C GLY AA 26 29.65 -22.01 30.85
N MET AA 27 28.52 -22.21 31.51
CA MET AA 27 27.90 -21.15 32.29
C MET AA 27 28.81 -20.72 33.43
N TRP AA 28 29.33 -21.67 34.20
CA TRP AA 28 30.19 -21.34 35.32
C TRP AA 28 31.44 -20.64 34.82
N LEU AA 29 32.00 -21.08 33.69
CA LEU AA 29 33.17 -20.42 33.14
C LEU AA 29 32.88 -18.98 32.76
N PHE AA 30 31.75 -18.73 32.10
CA PHE AA 30 31.38 -17.38 31.69
C PHE AA 30 31.18 -16.48 32.91
N ILE AA 31 30.46 -16.96 33.92
CA ILE AA 31 30.23 -16.14 35.11
C ILE AA 31 31.52 -15.91 35.87
N SER AA 32 32.41 -16.89 35.90
CA SER AA 32 33.69 -16.71 36.59
C SER AA 32 34.49 -15.58 35.94
N VAL AA 33 34.59 -15.61 34.61
CA VAL AA 33 35.29 -14.55 33.92
C VAL AA 33 34.61 -13.21 34.17
N ALA AA 34 33.28 -13.19 34.15
CA ALA AA 34 32.55 -11.95 34.37
C ALA AA 34 32.82 -11.39 35.77
N ILE AA 35 32.88 -12.27 36.77
CA ILE AA 35 33.17 -11.83 38.13
C ILE AA 35 34.55 -11.19 38.19
N VAL AA 36 35.55 -11.86 37.60
CA VAL AA 36 36.90 -11.29 37.60
C VAL AA 36 36.91 -9.94 36.90
N ALA AA 37 36.20 -9.84 35.78
CA ALA AA 37 36.14 -8.57 35.05
C ALA AA 37 35.53 -7.48 35.91
N HIS AA 38 34.43 -7.79 36.61
CA HIS AA 38 33.78 -6.77 37.43
C HIS AA 38 34.67 -6.35 38.59
N LEU AA 39 35.40 -7.29 39.19
CA LEU AA 39 36.31 -6.92 40.27
C LEU AA 39 37.40 -5.99 39.76
N ALA AA 40 37.99 -6.32 38.61
CA ALA AA 40 39.03 -5.47 38.04
C ALA AA 40 38.48 -4.09 37.69
N VAL AA 41 37.29 -4.04 37.10
CA VAL AA 41 36.70 -2.77 36.72
C VAL AA 41 36.36 -1.94 37.95
N PHE AA 42 35.88 -2.58 39.01
CA PHE AA 42 35.56 -1.83 40.23
C PHE AA 42 36.81 -1.25 40.87
N ILE AA 43 37.90 -2.02 40.90
CA ILE AA 43 39.15 -1.46 41.40
C ILE AA 43 39.61 -0.31 40.52
N TRP AA 44 39.46 -0.45 39.20
CA TRP AA 44 39.94 0.59 38.28
C TRP AA 44 39.10 1.86 38.39
N ARG AA 45 37.78 1.74 38.38
CA ARG AA 45 36.86 2.86 38.60
C ARG AA 45 35.68 2.34 39.38
N PRO AA 46 35.60 2.61 40.69
CA PRO AA 46 34.43 2.16 41.47
C PRO AA 46 33.17 2.89 41.05
N TRP AA 47 32.11 2.12 40.80
CA TRP AA 47 30.83 2.70 40.38
C TRP AA 47 29.83 2.79 41.52
N LEU AA 48 30.24 2.53 42.75
CA LEU AA 48 29.36 2.70 43.89
C LEU AA 48 30.00 3.60 44.95
N ALA BA 2 16.13 -17.45 -25.99
CA ALA BA 2 15.96 -18.20 -24.75
C ALA BA 2 14.54 -18.10 -24.25
N LEU BA 3 13.82 -19.21 -24.39
CA LEU BA 3 12.43 -19.32 -23.97
C LEU BA 3 12.33 -20.11 -22.68
N LEU BA 4 11.40 -19.72 -21.82
CA LEU BA 4 11.03 -20.56 -20.70
C LEU BA 4 10.53 -21.90 -21.22
N SER BA 5 10.66 -22.94 -20.40
CA SER BA 5 10.42 -24.29 -20.88
C SER BA 5 8.96 -24.55 -21.25
N PHE BA 6 8.05 -23.64 -20.92
CA PHE BA 6 6.66 -23.75 -21.35
C PHE BA 6 6.24 -22.64 -22.30
N GLU BA 7 7.17 -21.75 -22.69
CA GLU BA 7 6.82 -20.52 -23.39
C GLU BA 7 6.40 -20.75 -24.84
N ARG BA 8 6.94 -21.79 -25.50
CA ARG BA 8 6.83 -21.88 -26.96
C ARG BA 8 5.37 -21.91 -27.41
N LYS BA 9 4.54 -22.69 -26.73
CA LYS BA 9 3.16 -22.86 -27.16
C LYS BA 9 2.35 -21.58 -27.08
N TYR BA 10 2.85 -20.54 -26.43
CA TYR BA 10 2.15 -19.27 -26.37
C TYR BA 10 2.67 -18.25 -27.37
N ARG BA 11 3.68 -18.57 -28.17
CA ARG BA 11 4.25 -17.59 -29.09
C ARG BA 11 3.62 -17.80 -30.45
N VAL BA 12 2.40 -17.29 -30.60
CA VAL BA 12 1.61 -17.48 -31.81
C VAL BA 12 1.38 -16.11 -32.43
N PRO BA 13 1.02 -16.06 -33.70
CA PRO BA 13 0.61 -14.78 -34.29
C PRO BA 13 -0.76 -14.37 -33.81
N GLY BA 14 -1.00 -13.06 -33.83
CA GLY BA 14 -2.29 -12.50 -33.48
C GLY BA 14 -2.22 -11.61 -32.26
N GLY BA 15 -3.35 -10.96 -32.00
CA GLY BA 15 -3.50 -10.10 -30.84
C GLY BA 15 -3.15 -8.65 -31.06
N THR BA 16 -2.66 -8.28 -32.23
CA THR BA 16 -2.19 -6.93 -32.48
C THR BA 16 -3.36 -5.98 -32.76
N LEU BA 17 -3.11 -4.69 -32.59
CA LEU BA 17 -4.14 -3.67 -32.74
C LEU BA 17 -3.97 -2.79 -33.97
N ILE BA 18 -2.74 -2.51 -34.40
CA ILE BA 18 -2.47 -1.53 -35.45
C ILE BA 18 -1.91 -2.18 -36.69
N GLY BA 19 -0.72 -2.76 -36.60
CA GLY BA 19 0.04 -3.04 -37.80
C GLY BA 19 0.11 -4.48 -38.25
N GLY BA 20 -0.84 -5.30 -37.85
CA GLY BA 20 -0.84 -6.69 -38.28
C GLY BA 20 0.44 -7.41 -37.88
N ASN BA 21 1.00 -8.17 -38.80
CA ASN BA 21 2.21 -8.93 -38.54
C ASN BA 21 3.48 -8.16 -38.84
N LEU BA 22 3.36 -6.85 -39.07
CA LEU BA 22 4.52 -6.04 -39.39
C LEU BA 22 5.52 -6.02 -38.24
N PHE BA 23 5.03 -5.87 -37.01
CA PHE BA 23 5.88 -5.83 -35.83
C PHE BA 23 5.64 -6.99 -34.89
N ASP BA 24 4.88 -7.99 -35.31
CA ASP BA 24 4.51 -9.12 -34.45
C ASP BA 24 5.69 -10.07 -34.29
N PHE BA 25 6.66 -9.66 -33.48
CA PHE BA 25 7.84 -10.47 -33.19
C PHE BA 25 8.44 -10.03 -31.87
N TRP BA 26 9.31 -10.87 -31.34
CA TRP BA 26 9.98 -10.62 -30.07
C TRP BA 26 11.44 -10.22 -30.31
N VAL BA 27 11.97 -9.43 -29.38
CA VAL BA 27 13.39 -9.11 -29.33
C VAL BA 27 13.87 -9.57 -27.97
N GLY BA 28 14.53 -10.72 -27.93
CA GLY BA 28 14.88 -11.34 -26.68
C GLY BA 28 13.65 -11.80 -25.93
N PRO BA 29 13.46 -11.29 -24.71
CA PRO BA 29 12.20 -11.53 -24.00
C PRO BA 29 11.08 -10.61 -24.46
N PHE BA 30 11.43 -9.41 -24.88
CA PHE BA 30 10.46 -8.33 -25.07
C PHE BA 30 9.65 -8.53 -26.34
N TYR BA 31 8.34 -8.55 -26.19
CA TYR BA 31 7.45 -8.40 -27.34
C TYR BA 31 7.54 -6.97 -27.86
N VAL BA 32 7.51 -6.81 -29.16
CA VAL BA 32 7.66 -5.46 -29.70
C VAL BA 32 6.32 -4.88 -30.07
N GLY BA 33 5.68 -5.41 -31.10
CA GLY BA 33 4.47 -4.83 -31.64
C GLY BA 33 4.62 -3.37 -32.07
N PHE BA 34 3.52 -2.80 -32.57
CA PHE BA 34 3.54 -1.42 -33.03
C PHE BA 34 3.86 -0.46 -31.89
N PHE BA 35 3.30 -0.71 -30.70
CA PHE BA 35 3.50 0.22 -29.60
C PHE BA 35 4.81 0.00 -28.86
N GLY BA 36 5.45 -1.15 -29.06
CA GLY BA 36 6.82 -1.29 -28.64
C GLY BA 36 7.76 -0.39 -29.42
N VAL BA 37 7.50 -0.24 -30.72
CA VAL BA 37 8.30 0.68 -31.52
C VAL BA 37 8.11 2.11 -31.04
N THR BA 38 6.86 2.50 -30.80
CA THR BA 38 6.61 3.87 -30.37
C THR BA 38 7.05 4.10 -28.93
N SER BA 39 6.92 3.10 -28.07
CA SER BA 39 7.35 3.30 -26.69
C SER BA 39 8.86 3.38 -26.60
N VAL BA 40 9.57 2.56 -27.38
CA VAL BA 40 11.03 2.65 -27.41
C VAL BA 40 11.46 4.02 -27.92
N PHE BA 41 10.84 4.49 -29.00
CA PHE BA 41 11.26 5.77 -29.55
C PHE BA 41 11.00 6.89 -28.57
N PHE BA 42 9.82 6.91 -27.94
CA PHE BA 42 9.49 7.98 -27.00
C PHE BA 42 10.41 7.94 -25.78
N ALA BA 43 10.64 6.74 -25.24
CA ALA BA 43 11.49 6.58 -24.08
C ALA BA 43 12.93 7.00 -24.39
N ALA BA 44 13.46 6.56 -25.55
CA ALA BA 44 14.81 6.93 -25.94
C ALA BA 44 14.92 8.43 -26.15
N LEU BA 45 13.94 9.05 -26.79
CA LEU BA 45 14.06 10.47 -27.07
C LEU BA 45 13.96 11.28 -25.78
N GLY BA 46 13.08 10.86 -24.86
CA GLY BA 46 12.97 11.56 -23.60
C GLY BA 46 14.21 11.42 -22.73
N THR BA 47 14.74 10.20 -22.63
CA THR BA 47 15.99 9.99 -21.92
C THR BA 47 17.11 10.82 -22.52
N LEU BA 48 17.15 10.88 -23.84
CA LEU BA 48 18.26 11.49 -24.52
C LEU BA 48 18.16 13.01 -24.47
N MET BA 49 16.94 13.56 -24.42
CA MET BA 49 16.77 14.98 -24.12
C MET BA 49 17.02 15.31 -22.66
N ILE BA 50 16.76 14.37 -21.75
CA ILE BA 50 17.19 14.59 -20.37
C ILE BA 50 18.70 14.69 -20.29
N LEU BA 51 19.40 13.79 -20.98
CA LEU BA 51 20.86 13.84 -20.98
C LEU BA 51 21.36 15.10 -21.64
N TRP BA 52 20.72 15.52 -22.74
CA TRP BA 52 21.12 16.75 -23.41
C TRP BA 52 20.88 17.97 -22.52
N GLY BA 53 19.77 17.99 -21.80
CA GLY BA 53 19.53 19.08 -20.86
C GLY BA 53 20.51 19.08 -19.71
N ALA BA 54 20.90 17.90 -19.23
CA ALA BA 54 21.94 17.81 -18.22
C ALA BA 54 23.25 18.39 -18.73
N SER BA 55 23.59 18.11 -19.99
CA SER BA 55 24.81 18.63 -20.58
C SER BA 55 24.85 20.15 -20.56
N LEU BA 56 23.70 20.80 -20.67
CA LEU BA 56 23.67 22.26 -20.68
C LEU BA 56 23.78 22.87 -19.29
N GLY BA 57 23.66 22.07 -18.23
CA GLY BA 57 23.86 22.53 -16.88
C GLY BA 57 25.31 22.47 -16.45
N ASP BA 58 25.51 22.43 -15.13
CA ASP BA 58 26.85 22.42 -14.57
C ASP BA 58 27.16 21.15 -13.78
N THR BA 59 26.31 20.15 -13.79
CA THR BA 59 26.60 18.94 -13.05
C THR BA 59 26.26 17.74 -13.89
N TRP BA 60 27.05 16.69 -13.71
CA TRP BA 60 26.74 15.38 -14.25
C TRP BA 60 26.32 14.42 -13.16
N ASN BA 61 26.24 14.90 -11.93
CA ASN BA 61 25.78 14.11 -10.81
C ASN BA 61 24.31 13.73 -11.03
N PRO BA 62 23.99 12.43 -11.13
CA PRO BA 62 22.62 12.04 -11.45
C PRO BA 62 21.61 12.34 -10.36
N LEU BA 63 22.04 12.90 -9.23
CA LEU BA 63 21.14 13.33 -8.17
C LEU BA 63 21.01 14.84 -8.11
N LEU BA 64 21.72 15.57 -8.96
CA LEU BA 64 21.58 17.00 -9.04
C LEU BA 64 21.06 17.47 -10.39
N ILE BA 65 20.92 16.59 -11.37
CA ILE BA 65 20.43 16.95 -12.69
C ILE BA 65 18.94 17.28 -12.59
N SER BA 66 18.54 18.41 -13.16
CA SER BA 66 17.13 18.76 -13.14
C SER BA 66 16.75 19.58 -14.36
N ILE BA 67 15.64 19.18 -14.98
CA ILE BA 67 15.06 19.87 -16.13
C ILE BA 67 13.84 20.63 -15.65
N ASN BA 68 13.85 21.92 -15.85
CA ASN BA 68 12.85 22.74 -15.20
C ASN BA 68 11.77 23.20 -16.18
N PRO BA 69 10.52 23.30 -15.71
CA PRO BA 69 9.44 23.78 -16.56
C PRO BA 69 9.61 25.24 -16.92
N PRO BA 70 8.88 25.74 -17.91
CA PRO BA 70 9.04 27.15 -18.29
C PRO BA 70 8.59 28.07 -17.17
N PRO BA 71 9.13 29.28 -17.11
CA PRO BA 71 8.59 30.26 -16.17
C PRO BA 71 7.12 30.55 -16.43
N LEU BA 72 6.47 31.13 -15.43
CA LEU BA 72 5.03 31.36 -15.51
C LEU BA 72 4.67 32.36 -16.60
N GLU BA 73 5.58 33.27 -16.92
CA GLU BA 73 5.30 34.31 -17.90
C GLU BA 73 5.06 33.76 -19.31
N TYR BA 74 5.46 32.53 -19.59
CA TYR BA 74 5.13 31.92 -20.88
C TYR BA 74 3.74 31.33 -20.91
N GLY BA 75 3.05 31.27 -19.78
CA GLY BA 75 1.68 30.78 -19.76
C GLY BA 75 1.61 29.37 -20.26
N LEU BA 76 0.71 29.13 -21.21
CA LEU BA 76 0.56 27.82 -21.80
C LEU BA 76 1.19 27.74 -23.19
N GLY BA 77 2.05 28.70 -23.53
CA GLY BA 77 2.75 28.66 -24.79
C GLY BA 77 3.96 27.72 -24.78
N ALA BA 78 4.46 27.43 -25.96
CA ALA BA 78 5.69 26.67 -26.12
C ALA BA 78 6.89 27.56 -25.83
N ALA BA 79 7.72 27.14 -24.91
CA ALA BA 79 8.83 27.95 -24.43
C ALA BA 79 10.06 27.78 -25.30
N PRO BA 80 10.97 28.74 -25.29
CA PRO BA 80 12.28 28.51 -25.92
C PRO BA 80 12.96 27.32 -25.26
N LEU BA 81 13.68 26.57 -26.06
CA LEU BA 81 14.03 25.21 -25.70
C LEU BA 81 14.98 25.16 -24.50
N ARG BA 82 15.73 26.23 -24.25
CA ARG BA 82 16.56 26.29 -23.05
C ARG BA 82 15.90 27.01 -21.90
N GLU BA 83 14.68 27.50 -22.07
CA GLU BA 83 13.96 28.21 -21.03
C GLU BA 83 12.66 27.50 -20.66
N GLY BA 84 12.72 26.17 -20.59
CA GLY BA 84 11.56 25.35 -20.28
C GLY BA 84 11.13 24.46 -21.42
N GLY BA 85 11.63 24.67 -22.63
CA GLY BA 85 11.22 23.88 -23.77
C GLY BA 85 11.65 22.43 -23.69
N ILE BA 86 12.83 22.17 -23.13
CA ILE BA 86 13.27 20.80 -22.97
C ILE BA 86 12.34 20.03 -22.05
N TRP BA 87 11.85 20.70 -21.00
CA TRP BA 87 10.88 20.08 -20.10
C TRP BA 87 9.61 19.68 -20.85
N GLN BA 88 9.12 20.55 -21.74
CA GLN BA 88 7.92 20.25 -22.50
C GLN BA 88 8.15 19.11 -23.46
N VAL BA 89 9.32 19.06 -24.10
CA VAL BA 89 9.63 17.95 -24.99
C VAL BA 89 9.66 16.64 -24.22
N VAL BA 90 10.31 16.63 -23.06
CA VAL BA 90 10.38 15.41 -22.26
C VAL BA 90 8.99 15.00 -21.80
N THR BA 91 8.18 15.96 -21.35
CA THR BA 91 6.82 15.68 -20.91
C THR BA 91 5.99 15.05 -22.03
N LEU BA 92 6.09 15.60 -23.24
CA LEU BA 92 5.38 15.00 -24.36
C LEU BA 92 5.92 13.61 -24.68
N CYS BA 93 7.24 13.43 -24.58
CA CYS BA 93 7.82 12.10 -24.77
C CYS BA 93 7.36 11.15 -23.68
N ALA BA 94 7.28 11.63 -22.43
CA ALA BA 94 6.84 10.78 -21.34
C ALA BA 94 5.41 10.31 -21.54
N ILE BA 95 4.52 11.23 -21.93
CA ILE BA 95 3.14 10.85 -22.19
C ILE BA 95 3.07 9.83 -23.31
N GLY BA 96 3.81 10.08 -24.39
CA GLY BA 96 3.84 9.13 -25.50
C GLY BA 96 4.31 7.76 -25.08
N ALA BA 97 5.35 7.70 -24.26
CA ALA BA 97 5.87 6.39 -23.85
C ALA BA 97 4.93 5.70 -22.88
N PHE BA 98 4.36 6.43 -21.92
CA PHE BA 98 3.46 5.82 -20.96
C PHE BA 98 2.23 5.27 -21.65
N VAL BA 99 1.65 6.04 -22.58
CA VAL BA 99 0.47 5.58 -23.29
C VAL BA 99 0.81 4.42 -24.21
N SER BA 100 1.96 4.50 -24.89
CA SER BA 100 2.39 3.39 -25.75
C SER BA 100 2.62 2.13 -24.93
N TRP BA 101 3.17 2.27 -23.73
CA TRP BA 101 3.40 1.14 -22.85
C TRP BA 101 2.09 0.44 -22.51
N ALA BA 102 1.05 1.20 -22.20
CA ALA BA 102 -0.25 0.61 -21.91
C ALA BA 102 -0.84 -0.08 -23.13
N MET BA 103 -0.71 0.52 -24.30
CA MET BA 103 -1.26 -0.09 -25.50
C MET BA 103 -0.51 -1.37 -25.86
N ARG BA 104 0.80 -1.38 -25.63
CA ARG BA 104 1.59 -2.59 -25.79
C ARG BA 104 1.15 -3.66 -24.80
N GLU BA 105 0.84 -3.27 -23.57
CA GLU BA 105 0.31 -4.22 -22.60
C GLU BA 105 -1.01 -4.81 -23.05
N VAL BA 106 -1.86 -4.00 -23.70
CA VAL BA 106 -3.12 -4.49 -24.23
C VAL BA 106 -2.87 -5.60 -25.25
N GLU BA 107 -1.92 -5.38 -26.16
CA GLU BA 107 -1.65 -6.35 -27.21
C GLU BA 107 -1.13 -7.66 -26.64
N ILE BA 108 -0.29 -7.60 -25.61
CA ILE BA 108 0.19 -8.82 -24.97
C ILE BA 108 -0.96 -9.57 -24.29
N CYS BA 109 -1.87 -8.84 -23.64
CA CYS BA 109 -3.06 -9.48 -23.08
C CYS BA 109 -3.90 -10.14 -24.16
N ARG BA 110 -4.04 -9.49 -25.31
CA ARG BA 110 -4.85 -10.08 -26.37
C ARG BA 110 -4.21 -11.35 -26.92
N LYS BA 111 -2.88 -11.40 -27.00
CA LYS BA 111 -2.19 -12.57 -27.51
C LYS BA 111 -2.28 -13.76 -26.55
N LEU BA 112 -2.09 -13.51 -25.26
CA LEU BA 112 -2.32 -14.50 -24.21
C LEU BA 112 -3.72 -14.23 -23.70
N GLY BA 113 -4.72 -14.91 -24.24
CA GLY BA 113 -6.06 -14.38 -24.00
C GLY BA 113 -6.43 -14.30 -22.53
N ILE BA 114 -6.29 -13.10 -21.98
CA ILE BA 114 -6.47 -12.82 -20.56
C ILE BA 114 -7.08 -11.44 -20.45
N GLY BA 115 -7.57 -11.10 -19.28
CA GLY BA 115 -8.20 -9.83 -19.07
C GLY BA 115 -7.25 -8.66 -19.21
N LEU BA 116 -7.84 -7.48 -19.30
CA LEU BA 116 -7.10 -6.24 -19.55
C LEU BA 116 -6.90 -5.43 -18.27
N HIS BA 117 -6.95 -6.08 -17.12
CA HIS BA 117 -6.88 -5.36 -15.84
C HIS BA 117 -5.58 -4.62 -15.68
N ILE BA 118 -4.46 -5.21 -16.11
CA ILE BA 118 -3.16 -4.57 -15.92
C ILE BA 118 -3.04 -3.23 -16.65
N PRO BA 119 -3.34 -3.13 -17.96
CA PRO BA 119 -3.29 -1.81 -18.60
C PRO BA 119 -4.25 -0.81 -17.98
N PHE BA 120 -5.42 -1.27 -17.53
CA PHE BA 120 -6.37 -0.42 -16.83
C PHE BA 120 -5.76 0.21 -15.57
N ALA BA 121 -5.15 -0.62 -14.73
CA ALA BA 121 -4.52 -0.12 -13.52
C ALA BA 121 -3.37 0.84 -13.83
N PHE BA 122 -2.54 0.46 -14.81
CA PHE BA 122 -1.46 1.35 -15.19
C PHE BA 122 -2.00 2.67 -15.74
N SER BA 123 -3.16 2.63 -16.39
CA SER BA 123 -3.76 3.87 -16.85
C SER BA 123 -4.16 4.76 -15.68
N PHE BA 124 -4.56 4.17 -14.56
CA PHE BA 124 -4.78 5.01 -13.37
C PHE BA 124 -3.48 5.70 -12.94
N ALA BA 125 -2.37 4.97 -12.96
CA ALA BA 125 -1.09 5.63 -12.65
C ALA BA 125 -0.76 6.74 -13.67
N ILE BA 126 -1.03 6.48 -14.94
CA ILE BA 126 -0.82 7.47 -15.99
C ILE BA 126 -1.68 8.70 -15.75
N PHE BA 127 -2.93 8.49 -15.31
CA PHE BA 127 -3.82 9.60 -15.04
C PHE BA 127 -3.30 10.47 -13.91
N ALA BA 128 -2.76 9.85 -12.86
CA ALA BA 128 -2.16 10.65 -11.81
C ALA BA 128 -1.02 11.52 -12.36
N TYR BA 129 -0.17 10.93 -13.20
CA TYR BA 129 0.92 11.71 -13.79
C TYR BA 129 0.40 12.85 -14.68
N ILE BA 130 -0.61 12.56 -15.51
CA ILE BA 130 -1.13 13.57 -16.44
C ILE BA 130 -1.85 14.67 -15.69
N THR BA 131 -2.53 14.33 -14.60
CA THR BA 131 -3.06 15.35 -13.71
C THR BA 131 -1.94 16.24 -13.20
N LEU BA 132 -0.80 15.65 -12.85
CA LEU BA 132 0.29 16.45 -12.30
C LEU BA 132 0.88 17.40 -13.34
N VAL BA 133 1.08 16.96 -14.58
CA VAL BA 133 1.80 17.79 -15.53
C VAL BA 133 0.93 18.48 -16.58
N VAL BA 134 -0.29 18.00 -16.79
CA VAL BA 134 -1.13 18.59 -17.84
C VAL BA 134 -2.36 19.27 -17.26
N ILE BA 135 -3.22 18.50 -16.60
CA ILE BA 135 -4.56 18.98 -16.25
C ILE BA 135 -4.49 20.14 -15.27
N ARG BA 136 -3.76 19.96 -14.18
CA ARG BA 136 -3.63 21.05 -13.21
C ARG BA 136 -2.93 22.28 -13.77
N PRO BA 137 -1.82 22.18 -14.50
CA PRO BA 137 -1.22 23.41 -15.06
C PRO BA 137 -2.06 24.08 -16.13
N ALA BA 138 -2.87 23.33 -16.89
CA ALA BA 138 -3.77 23.94 -17.86
C ALA BA 138 -4.83 24.78 -17.17
N LEU BA 139 -5.43 24.25 -16.10
CA LEU BA 139 -6.43 25.00 -15.35
C LEU BA 139 -5.83 26.23 -14.69
N MET BA 140 -4.58 26.15 -14.26
CA MET BA 140 -3.91 27.29 -13.66
C MET BA 140 -3.35 28.25 -14.69
N GLY BA 141 -3.28 27.84 -15.96
CA GLY BA 141 -2.83 28.73 -17.02
C GLY BA 141 -1.34 28.87 -17.21
N ALA BA 142 -0.54 27.89 -16.78
CA ALA BA 142 0.90 27.95 -17.02
C ALA BA 142 1.51 26.55 -16.90
N TRP BA 143 2.26 26.15 -17.93
CA TRP BA 143 2.99 24.89 -17.86
C TRP BA 143 3.97 24.87 -16.69
N GLY BA 144 4.47 26.03 -16.28
CA GLY BA 144 5.38 26.15 -15.17
C GLY BA 144 4.85 25.71 -13.81
N HIS BA 145 3.59 25.29 -13.73
CA HIS BA 145 3.11 24.65 -12.51
C HIS BA 145 3.32 23.16 -12.51
N GLY BA 146 3.82 22.59 -13.61
CA GLY BA 146 4.30 21.23 -13.57
C GLY BA 146 5.55 21.09 -12.74
N PHE BA 147 5.88 19.87 -12.38
CA PHE BA 147 7.02 19.64 -11.50
C PHE BA 147 8.30 19.38 -12.29
N GLN BA 148 9.38 20.02 -11.84
CA GLN BA 148 10.69 19.87 -12.43
C GLN BA 148 11.17 18.41 -12.37
N TYR BA 149 11.89 17.99 -13.40
CA TYR BA 149 12.32 16.60 -13.52
C TYR BA 149 13.71 16.46 -12.95
N GLY BA 150 13.83 15.77 -11.83
CA GLY BA 150 15.09 15.57 -11.13
C GLY BA 150 14.89 14.69 -9.93
N VAL BA 151 15.89 13.86 -9.61
CA VAL BA 151 15.73 12.84 -8.57
C VAL BA 151 15.42 13.49 -7.22
N PHE BA 152 16.03 14.62 -6.92
CA PHE BA 152 15.73 15.30 -5.67
C PHE BA 152 15.13 16.70 -5.85
N THR BA 153 15.06 17.23 -7.06
CA THR BA 153 14.45 18.55 -7.23
C THR BA 153 12.93 18.47 -7.38
N HIS BA 154 12.40 17.37 -7.89
CA HIS BA 154 10.95 17.26 -7.89
C HIS BA 154 10.40 17.16 -6.48
N LEU BA 155 11.22 16.72 -5.52
CA LEU BA 155 10.83 16.83 -4.13
C LEU BA 155 10.78 18.27 -3.68
N GLU BA 156 11.61 19.15 -4.24
CA GLU BA 156 11.46 20.57 -3.95
C GLU BA 156 10.13 21.07 -4.46
N TRP BA 157 9.70 20.57 -5.62
CA TRP BA 157 8.35 20.92 -6.07
C TRP BA 157 7.28 20.43 -5.08
N VAL BA 158 7.39 19.18 -4.65
CA VAL BA 158 6.41 18.63 -3.71
C VAL BA 158 6.37 19.48 -2.44
N ASN BA 159 7.53 19.89 -1.97
CA ASN BA 159 7.62 20.73 -0.78
C ASN BA 159 6.96 22.08 -1.00
N ASN BA 160 7.30 22.77 -2.09
CA ASN BA 160 6.80 24.12 -2.29
C ASN BA 160 5.29 24.12 -2.46
N VAL BA 161 4.77 23.18 -3.24
CA VAL BA 161 3.34 23.11 -3.45
C VAL BA 161 2.62 22.71 -2.16
N GLY BA 162 3.19 21.77 -1.40
CA GLY BA 162 2.60 21.41 -0.13
C GLY BA 162 2.51 22.58 0.81
N TYR BA 163 3.57 23.36 0.93
CA TYR BA 163 3.56 24.45 1.89
C TYR BA 163 2.92 25.71 1.36
N GLN BA 164 2.51 25.73 0.09
CA GLN BA 164 1.70 26.83 -0.39
C GLN BA 164 0.36 26.87 0.35
N TYR BA 165 -0.24 25.71 0.58
CA TYR BA 165 -1.50 25.59 1.31
C TYR BA 165 -1.28 25.17 2.76
N GLY BA 166 -0.45 25.94 3.45
CA GLY BA 166 -0.10 25.62 4.83
C GLY BA 166 0.44 24.22 4.96
N ASN BA 167 -0.04 23.50 5.97
CA ASN BA 167 0.27 22.08 6.11
C ASN BA 167 -0.71 21.28 5.27
N PHE BA 168 -0.18 20.61 4.25
CA PHE BA 168 -0.98 19.86 3.28
C PHE BA 168 -1.69 18.67 3.89
N HIS BA 169 -1.33 18.27 5.12
CA HIS BA 169 -2.03 17.17 5.78
C HIS BA 169 -3.53 17.46 5.90
N TYR BA 170 -3.90 18.72 6.11
CA TYR BA 170 -5.30 19.09 6.33
C TYR BA 170 -6.07 19.21 5.03
N ASN BA 171 -5.87 18.27 4.13
CA ASN BA 171 -6.49 18.24 2.82
C ASN BA 171 -7.27 16.95 2.85
N PRO BA 172 -8.60 16.99 2.87
CA PRO BA 172 -9.37 15.77 3.11
C PRO BA 172 -9.14 14.70 2.07
N LEU BA 173 -8.90 15.08 0.81
CA LEU BA 173 -8.62 14.09 -0.22
C LEU BA 173 -7.21 13.53 -0.05
N HIS BA 174 -6.29 14.36 0.45
CA HIS BA 174 -4.95 13.89 0.80
C HIS BA 174 -5.01 12.88 1.93
N MET BA 175 -5.81 13.15 2.97
CA MET BA 175 -6.06 12.18 4.02
C MET BA 175 -6.60 10.88 3.47
N LEU BA 176 -7.58 10.96 2.57
CA LEU BA 176 -8.15 9.75 2.01
C LEU BA 176 -7.11 8.99 1.20
N GLY BA 177 -6.29 9.71 0.43
CA GLY BA 177 -5.27 9.05 -0.35
C GLY BA 177 -4.19 8.40 0.49
N ILE BA 178 -3.77 9.07 1.56
CA ILE BA 178 -2.78 8.49 2.47
C ILE BA 178 -3.32 7.21 3.09
N SER BA 179 -4.57 7.23 3.52
CA SER BA 179 -5.16 6.04 4.12
C SER BA 179 -5.19 4.90 3.13
N LEU BA 180 -5.43 5.19 1.87
CA LEU BA 180 -5.47 4.13 0.87
C LEU BA 180 -4.07 3.60 0.58
N PHE BA 181 -3.06 4.48 0.57
CA PHE BA 181 -1.68 4.01 0.41
C PHE BA 181 -1.23 3.15 1.58
N PHE BA 182 -1.49 3.61 2.81
CA PHE BA 182 -1.14 2.84 3.99
C PHE BA 182 -1.86 1.50 4.01
N THR BA 183 -3.15 1.51 3.67
CA THR BA 183 -3.96 0.29 3.74
C THR BA 183 -3.55 -0.71 2.68
N THR BA 184 -3.21 -0.25 1.47
CA THR BA 184 -2.78 -1.18 0.44
C THR BA 184 -1.44 -1.82 0.78
N THR BA 185 -0.56 -1.08 1.45
CA THR BA 185 0.70 -1.64 1.92
C THR BA 185 0.46 -2.69 3.00
N LEU BA 186 -0.41 -2.37 3.97
CA LEU BA 186 -0.80 -3.36 4.97
C LEU BA 186 -1.39 -4.61 4.32
N ALA BA 187 -2.26 -4.42 3.34
CA ALA BA 187 -2.92 -5.57 2.70
C ALA BA 187 -1.91 -6.41 1.92
N LEU BA 188 -0.96 -5.76 1.26
CA LEU BA 188 0.10 -6.49 0.57
C LEU BA 188 0.92 -7.29 1.56
N GLY BA 189 1.28 -6.68 2.70
CA GLY BA 189 2.01 -7.40 3.72
C GLY BA 189 1.27 -8.63 4.21
N LEU BA 190 -0.03 -8.46 4.52
CA LEU BA 190 -0.79 -9.58 5.04
C LEU BA 190 -1.01 -10.65 3.98
N HIS BA 191 -1.24 -10.27 2.74
CA HIS BA 191 -1.48 -11.26 1.71
C HIS BA 191 -0.23 -12.06 1.40
N GLY BA 192 0.90 -11.36 1.22
CA GLY BA 192 2.14 -12.05 1.01
C GLY BA 192 2.50 -12.96 2.17
N ALA BA 193 2.33 -12.46 3.40
CA ALA BA 193 2.64 -13.26 4.58
C ALA BA 193 1.76 -14.50 4.63
N LEU BA 194 0.46 -14.36 4.34
CA LEU BA 194 -0.43 -15.50 4.44
C LEU BA 194 -0.10 -16.56 3.41
N ILE BA 195 0.16 -16.14 2.16
CA ILE BA 195 0.55 -17.11 1.13
C ILE BA 195 1.84 -17.82 1.53
N LEU BA 196 2.85 -17.05 1.96
CA LEU BA 196 4.13 -17.65 2.32
C LEU BA 196 3.99 -18.61 3.50
N SER BA 197 3.18 -18.24 4.50
CA SER BA 197 2.95 -19.11 5.65
C SER BA 197 2.29 -20.41 5.26
N ALA BA 198 1.34 -20.35 4.34
CA ALA BA 198 0.68 -21.59 3.93
C ALA BA 198 1.62 -22.45 3.10
N ALA BA 199 2.36 -21.84 2.16
CA ALA BA 199 3.24 -22.61 1.30
C ALA BA 199 4.48 -23.10 2.04
N ASN BA 200 4.93 -22.35 3.05
CA ASN BA 200 6.12 -22.68 3.83
C ASN BA 200 5.70 -22.90 5.27
N PRO BA 201 5.25 -24.10 5.61
CA PRO BA 201 4.78 -24.36 6.97
C PRO BA 201 5.91 -24.43 7.98
N GLU BA 202 5.58 -24.80 9.21
CA GLU BA 202 6.60 -25.21 10.16
C GLU BA 202 7.30 -26.47 9.66
N THR BA 203 8.58 -26.59 9.99
CA THR BA 203 9.43 -27.64 9.46
C THR BA 203 8.80 -29.02 9.64
N GLY BA 204 8.77 -29.79 8.56
CA GLY BA 204 8.26 -31.14 8.58
C GLY BA 204 6.77 -31.29 8.33
N LYS BA 205 6.02 -30.20 8.26
CA LYS BA 205 4.59 -30.29 8.05
C LYS BA 205 4.24 -30.21 6.57
N GLU BA 206 3.16 -30.88 6.20
CA GLU BA 206 2.64 -30.77 4.84
C GLU BA 206 2.24 -29.34 4.54
N MET BA 207 2.18 -29.02 3.25
CA MET BA 207 1.81 -27.67 2.85
C MET BA 207 0.37 -27.39 3.24
N ARG BA 208 0.11 -26.17 3.70
CA ARG BA 208 -1.21 -25.79 4.15
C ARG BA 208 -2.15 -25.56 2.96
N THR BA 209 -3.43 -25.66 3.23
CA THR BA 209 -4.48 -25.46 2.25
C THR BA 209 -5.01 -24.04 2.31
N PRO BA 210 -5.78 -23.61 1.30
CA PRO BA 210 -6.46 -22.30 1.42
C PRO BA 210 -7.53 -22.28 2.50
N ASP BA 211 -7.99 -23.44 2.97
CA ASP BA 211 -8.81 -23.48 4.18
C ASP BA 211 -8.04 -23.00 5.40
N HIS BA 212 -6.77 -23.40 5.51
CA HIS BA 212 -5.96 -23.01 6.66
C HIS BA 212 -5.79 -21.51 6.73
N GLU BA 213 -5.77 -20.83 5.60
CA GLU BA 213 -5.52 -19.40 5.61
C GLU BA 213 -6.80 -18.59 5.85
N ASP BA 214 -7.93 -19.08 5.35
CA ASP BA 214 -9.23 -18.62 5.85
C ASP BA 214 -9.30 -18.76 7.36
N THR BA 215 -8.94 -19.93 7.86
CA THR BA 215 -8.99 -20.18 9.30
C THR BA 215 -8.06 -19.24 10.04
N PHE BA 216 -6.89 -18.96 9.48
CA PHE BA 216 -5.94 -18.08 10.15
C PHE BA 216 -6.52 -16.67 10.32
N PHE BA 217 -7.00 -16.05 9.24
CA PHE BA 217 -7.61 -14.74 9.46
C PHE BA 217 -8.91 -14.78 10.25
N ARG BA 218 -9.72 -15.81 10.12
CA ARG BA 218 -10.93 -15.84 10.94
C ARG BA 218 -10.58 -15.90 12.41
N ASP BA 219 -9.56 -16.68 12.76
CA ASP BA 219 -9.08 -16.70 14.14
C ASP BA 219 -8.50 -15.36 14.55
N LEU BA 220 -7.72 -14.71 13.69
CA LEU BA 220 -7.04 -13.50 14.12
C LEU BA 220 -7.98 -12.30 14.22
N VAL BA 221 -8.84 -12.06 13.23
CA VAL BA 221 -9.67 -10.85 13.22
C VAL BA 221 -11.15 -11.15 13.14
N GLY BA 222 -11.55 -12.40 12.93
CA GLY BA 222 -12.95 -12.71 12.77
C GLY BA 222 -13.46 -12.72 11.35
N TYR BA 223 -12.67 -12.29 10.38
CA TYR BA 223 -13.12 -12.19 9.00
C TYR BA 223 -12.04 -12.68 8.04
N SER BA 224 -12.48 -13.27 6.94
CA SER BA 224 -11.59 -13.62 5.84
C SER BA 224 -12.23 -13.18 4.53
N VAL BA 225 -11.55 -12.30 3.78
CA VAL BA 225 -12.10 -11.82 2.52
C VAL BA 225 -12.07 -12.93 1.46
N GLY BA 226 -11.11 -13.84 1.54
CA GLY BA 226 -11.02 -14.94 0.59
C GLY BA 226 -10.00 -14.68 -0.49
N THR BA 227 -9.68 -15.75 -1.23
CA THR BA 227 -8.60 -15.69 -2.20
C THR BA 227 -8.92 -14.76 -3.36
N LEU BA 228 -10.08 -14.93 -3.97
CA LEU BA 228 -10.50 -13.99 -5.01
C LEU BA 228 -10.65 -12.59 -4.45
N GLY BA 229 -11.21 -12.47 -3.24
CA GLY BA 229 -11.50 -11.16 -2.68
C GLY BA 229 -10.28 -10.31 -2.38
N ILE BA 230 -9.18 -10.93 -1.95
CA ILE BA 230 -8.00 -10.15 -1.58
C ILE BA 230 -7.40 -9.47 -2.81
N HIS BA 231 -7.46 -10.10 -3.97
CA HIS BA 231 -6.92 -9.49 -5.18
C HIS BA 231 -7.81 -8.36 -5.69
N ARG BA 232 -9.13 -8.58 -5.70
CA ARG BA 232 -10.05 -7.48 -5.99
C ARG BA 232 -9.80 -6.31 -5.07
N LEU BA 233 -9.59 -6.62 -3.79
CA LEU BA 233 -9.43 -5.57 -2.79
C LEU BA 233 -8.14 -4.80 -3.00
N GLY BA 234 -7.04 -5.51 -3.22
CA GLY BA 234 -5.77 -4.83 -3.45
C GLY BA 234 -5.79 -3.98 -4.70
N LEU BA 235 -6.38 -4.51 -5.78
CA LEU BA 235 -6.51 -3.74 -7.00
C LEU BA 235 -7.29 -2.45 -6.76
N LEU BA 236 -8.48 -2.55 -6.16
CA LEU BA 236 -9.28 -1.34 -5.98
C LEU BA 236 -8.69 -0.38 -4.97
N LEU BA 237 -8.01 -0.90 -3.94
CA LEU BA 237 -7.34 -0.02 -3.00
C LEU BA 237 -6.28 0.82 -3.69
N ALA BA 238 -5.43 0.18 -4.49
CA ALA BA 238 -4.37 0.92 -5.18
C ALA BA 238 -4.94 1.90 -6.20
N LEU BA 239 -5.97 1.50 -6.95
CA LEU BA 239 -6.54 2.40 -7.95
C LEU BA 239 -7.20 3.60 -7.29
N ASN BA 240 -7.91 3.38 -6.18
CA ASN BA 240 -8.49 4.50 -5.46
C ASN BA 240 -7.42 5.41 -4.87
N ALA BA 241 -6.32 4.84 -4.39
CA ALA BA 241 -5.25 5.68 -3.88
C ALA BA 241 -4.73 6.61 -4.98
N ALA BA 242 -4.51 6.05 -6.17
CA ALA BA 242 -4.08 6.88 -7.30
C ALA BA 242 -5.10 7.97 -7.63
N PHE BA 243 -6.37 7.58 -7.76
CA PHE BA 243 -7.39 8.54 -8.19
C PHE BA 243 -7.60 9.64 -7.17
N TRP BA 244 -7.69 9.29 -5.89
CA TRP BA 244 -7.94 10.32 -4.88
C TRP BA 244 -6.72 11.17 -4.62
N SER BA 245 -5.52 10.64 -4.85
CA SER BA 245 -4.34 11.51 -4.86
C SER BA 245 -4.42 12.54 -5.98
N ALA BA 246 -4.80 12.10 -7.17
CA ALA BA 246 -4.94 13.04 -8.29
C ALA BA 246 -5.98 14.10 -7.99
N MET BA 247 -7.10 13.71 -7.34
CA MET BA 247 -8.12 14.69 -6.97
C MET BA 247 -7.62 15.64 -5.90
N CYS BA 248 -6.93 15.12 -4.88
CA CYS BA 248 -6.23 15.93 -3.90
C CYS BA 248 -5.45 17.05 -4.53
N ILE BA 249 -4.54 16.71 -5.44
CA ILE BA 249 -3.66 17.74 -5.97
C ILE BA 249 -4.41 18.65 -6.94
N LEU BA 250 -5.36 18.10 -7.70
CA LEU BA 250 -6.12 18.91 -8.64
C LEU BA 250 -6.89 20.02 -7.94
N ALA BA 251 -7.46 19.71 -6.76
CA ALA BA 251 -8.25 20.71 -6.05
C ALA BA 251 -7.40 21.86 -5.53
N SER BA 252 -6.14 21.61 -5.22
CA SER BA 252 -5.30 22.63 -4.61
C SER BA 252 -4.83 23.61 -5.68
N GLY BA 253 -5.14 24.89 -5.49
CA GLY BA 253 -4.78 25.92 -6.43
C GLY BA 253 -5.77 26.17 -7.53
N THR BA 254 -6.70 25.24 -7.77
CA THR BA 254 -7.79 25.46 -8.72
C THR BA 254 -9.08 25.89 -8.04
N VAL BA 255 -9.53 25.16 -7.03
CA VAL BA 255 -10.76 25.48 -6.33
C VAL BA 255 -10.55 25.80 -4.86
N TRP BA 256 -9.38 25.54 -4.31
CA TRP BA 256 -9.05 25.90 -2.93
C TRP BA 256 -7.72 26.64 -2.92
N PHE BA 257 -7.63 27.70 -2.14
CA PHE BA 257 -6.49 28.60 -2.21
C PHE BA 257 -5.89 28.99 -0.88
N ASP BA 258 -6.56 28.75 0.23
CA ASP BA 258 -6.05 29.12 1.54
C ASP BA 258 -5.31 27.93 2.15
N GLN BA 259 -4.83 28.10 3.37
CA GLN BA 259 -4.31 26.96 4.10
C GLN BA 259 -5.41 25.93 4.25
N TRP BA 260 -5.09 24.68 3.92
CA TRP BA 260 -6.09 23.63 3.95
C TRP BA 260 -6.67 23.41 5.34
N VAL BA 261 -6.01 23.90 6.39
CA VAL BA 261 -6.52 23.78 7.74
C VAL BA 261 -7.85 24.53 7.88
N PHE BA 262 -7.97 25.67 7.22
CA PHE BA 262 -9.18 26.49 7.29
C PHE BA 262 -10.39 25.85 6.61
N TRP BA 263 -10.20 24.76 5.87
CA TRP BA 263 -11.34 24.09 5.26
C TRP BA 263 -12.28 23.53 6.32
N TRP BA 264 -11.73 22.99 7.40
CA TRP BA 264 -12.50 22.38 8.48
C TRP BA 264 -13.23 23.42 9.33
N ASP BA 265 -13.09 24.70 9.02
CA ASP BA 265 -13.86 25.71 9.71
C ASP BA 265 -15.36 25.58 9.46
N TRP BA 266 -15.77 24.82 8.45
CA TRP BA 266 -17.20 24.52 8.30
C TRP BA 266 -17.70 23.72 9.48
N TRP BA 267 -16.91 22.75 9.96
CA TRP BA 267 -17.29 22.03 11.15
C TRP BA 267 -17.05 22.84 12.42
N TYR BA 268 -15.93 23.56 12.49
CA TYR BA 268 -15.62 24.27 13.72
C TYR BA 268 -16.47 25.52 13.92
N ASN BA 269 -17.14 25.99 12.87
CA ASN BA 269 -17.96 27.19 12.93
C ASN BA 269 -19.45 26.87 12.77
N LEU BA 270 -19.83 25.61 12.96
CA LEU BA 270 -21.25 25.26 13.00
C LEU BA 270 -21.92 26.08 14.08
N PRO BA 271 -23.08 26.70 13.81
CA PRO BA 271 -23.55 27.81 14.66
C PRO BA 271 -23.79 27.46 16.11
N PHE BA 272 -24.21 26.23 16.41
CA PHE BA 272 -24.49 25.88 17.81
C PHE BA 272 -23.23 25.88 18.68
N TRP BA 273 -22.17 25.20 18.27
CA TRP BA 273 -20.85 25.37 18.89
C TRP BA 273 -19.94 26.37 18.20
N ALA BA 274 -20.46 27.35 17.47
CA ALA BA 274 -19.56 28.28 16.81
C ALA BA 274 -18.70 29.03 17.82
N ASP BA 275 -19.32 29.56 18.87
CA ASP BA 275 -18.66 30.50 19.76
C ASP BA 275 -17.96 29.84 20.93
N LEU BA 276 -18.23 28.56 21.20
CA LEU BA 276 -17.64 27.88 22.33
C LEU BA 276 -16.11 27.82 22.18
N GLU CA 3 -17.28 -8.44 -21.66
CA GLU CA 3 -16.63 -9.53 -20.94
C GLU CA 3 -16.76 -9.33 -19.43
N TYR CA 4 -17.05 -10.40 -18.72
CA TYR CA 4 -17.15 -10.34 -17.27
C TYR CA 4 -15.80 -9.94 -16.68
N GLN CA 5 -15.78 -8.80 -16.00
CA GLN CA 5 -14.62 -8.40 -15.21
C GLN CA 5 -14.87 -8.97 -13.82
N ASN CA 6 -13.97 -9.81 -13.34
CA ASN CA 6 -14.21 -10.46 -12.05
C ASN CA 6 -14.06 -9.46 -10.90
N ILE CA 7 -14.83 -8.39 -10.93
CA ILE CA 7 -14.71 -7.35 -9.91
C ILE CA 7 -15.79 -7.54 -8.86
N PHE CA 8 -16.94 -8.06 -9.27
CA PHE CA 8 -18.06 -8.32 -8.38
C PHE CA 8 -18.65 -9.68 -8.70
N THR CA 9 -19.08 -10.37 -7.66
CA THR CA 9 -19.72 -11.66 -7.84
C THR CA 9 -21.10 -11.46 -8.46
N GLN CA 10 -21.50 -12.39 -9.31
CA GLN CA 10 -22.78 -12.28 -9.96
C GLN CA 10 -23.87 -12.99 -9.17
N VAL CA 11 -23.62 -14.22 -8.76
CA VAL CA 11 -24.56 -15.00 -7.96
C VAL CA 11 -23.82 -15.53 -6.75
N GLN CA 12 -24.33 -15.22 -5.56
CA GLN CA 12 -23.78 -15.74 -4.32
C GLN CA 12 -24.43 -17.07 -3.96
N VAL CA 13 -23.65 -17.92 -3.31
CA VAL CA 13 -24.11 -19.22 -2.87
C VAL CA 13 -23.59 -19.44 -1.46
N ALA CA 14 -24.28 -20.28 -0.69
CA ALA CA 14 -23.89 -20.51 0.69
C ALA CA 14 -24.34 -21.90 1.12
N GLY CA 15 -23.49 -22.58 1.86
CA GLY CA 15 -23.84 -23.85 2.44
C GLY CA 15 -23.78 -23.78 3.95
N LYS CA 16 -23.38 -24.88 4.58
CA LYS CA 16 -23.16 -24.84 6.01
C LYS CA 16 -22.01 -23.88 6.31
N PRO CA 17 -22.10 -23.10 7.37
CA PRO CA 17 -20.98 -22.21 7.72
C PRO CA 17 -19.72 -23.00 8.03
N GLU CA 18 -18.59 -22.42 7.65
CA GLU CA 18 -17.29 -23.03 7.86
C GLU CA 18 -16.70 -22.49 9.16
N LEU CA 19 -16.37 -23.39 10.08
CA LEU CA 19 -15.92 -23.01 11.40
C LEU CA 19 -14.40 -23.03 11.55
N GLY CA 20 -13.68 -23.55 10.57
CA GLY CA 20 -12.23 -23.50 10.57
C GLY CA 20 -11.59 -24.88 10.52
N MET CA 21 -10.29 -24.86 10.27
CA MET CA 21 -9.51 -26.08 10.35
C MET CA 21 -9.09 -26.33 11.80
N VAL CA 22 -9.03 -27.60 12.17
CA VAL CA 22 -8.60 -28.01 13.50
C VAL CA 22 -7.22 -28.61 13.34
N GLU CA 23 -6.18 -27.87 13.74
CA GLU CA 23 -4.81 -28.32 13.55
C GLU CA 23 -3.98 -28.06 14.79
N GLY CA 24 -4.56 -28.22 15.97
CA GLY CA 24 -3.90 -27.83 17.19
C GLY CA 24 -4.41 -26.56 17.81
N VAL CA 25 -5.52 -26.03 17.33
CA VAL CA 25 -6.18 -24.90 17.96
C VAL CA 25 -7.03 -25.42 19.10
N ASN CA 26 -7.03 -24.71 20.22
CA ASN CA 26 -7.92 -25.02 21.33
C ASN CA 26 -9.34 -24.61 20.98
N LEU CA 27 -10.18 -25.59 20.67
CA LEU CA 27 -11.50 -25.29 20.13
C LEU CA 27 -12.36 -24.50 21.10
N GLU CA 28 -12.16 -24.70 22.41
CA GLU CA 28 -13.00 -24.01 23.38
C GLU CA 28 -12.71 -22.52 23.45
N ASN CA 29 -11.64 -22.05 22.82
CA ASN CA 29 -11.37 -20.63 22.72
C ASN CA 29 -11.87 -20.03 21.41
N ARG CA 30 -12.51 -20.83 20.57
CA ARG CA 30 -13.04 -20.37 19.31
C ARG CA 30 -14.55 -20.20 19.46
N THR CA 31 -15.06 -19.01 19.18
CA THR CA 31 -16.49 -18.81 19.21
C THR CA 31 -17.19 -19.72 18.20
N THR CA 32 -18.50 -19.83 18.34
CA THR CA 32 -19.25 -20.77 17.53
C THR CA 32 -20.23 -20.12 16.57
N GLY CA 33 -20.49 -18.82 16.72
CA GLY CA 33 -21.52 -18.16 15.95
C GLY CA 33 -20.98 -17.44 14.74
N THR CA 34 -21.52 -17.79 13.58
CA THR CA 34 -21.24 -17.09 12.34
C THR CA 34 -22.53 -16.50 11.80
N THR CA 35 -22.41 -15.34 11.17
CA THR CA 35 -23.50 -14.74 10.41
C THR CA 35 -23.05 -14.59 8.97
N ASN CA 36 -24.02 -14.61 8.06
CA ASN CA 36 -23.74 -14.62 6.64
C ASN CA 36 -24.33 -13.35 6.04
N TRP CA 37 -23.46 -12.42 5.64
CA TRP CA 37 -23.86 -11.05 5.32
C TRP CA 37 -23.68 -10.80 3.83
N PRO CA 38 -24.75 -10.85 3.02
CA PRO CA 38 -24.57 -10.89 1.56
C PRO CA 38 -24.04 -9.60 0.95
N ILE CA 39 -24.07 -8.46 1.63
CA ILE CA 39 -23.52 -7.26 1.00
C ILE CA 39 -22.00 -7.38 0.87
N LEU CA 40 -21.36 -8.15 1.76
CA LEU CA 40 -19.94 -8.42 1.63
C LEU CA 40 -19.65 -9.45 0.55
N GLY CA 41 -20.58 -10.38 0.33
CA GLY CA 41 -20.41 -11.41 -0.67
C GLY CA 41 -20.39 -10.92 -2.10
N TRP CA 42 -20.71 -9.65 -2.34
CA TRP CA 42 -20.53 -9.10 -3.67
C TRP CA 42 -19.06 -8.90 -3.97
N PHE CA 43 -18.29 -8.49 -2.98
CA PHE CA 43 -16.86 -8.25 -3.12
C PHE CA 43 -16.02 -9.43 -2.70
N GLY CA 44 -16.27 -9.97 -1.51
CA GLY CA 44 -15.48 -11.07 -1.01
C GLY CA 44 -16.31 -12.17 -0.40
N ASN CA 45 -15.87 -12.68 0.74
CA ASN CA 45 -16.64 -13.67 1.48
C ASN CA 45 -17.79 -12.99 2.20
N ALA CA 46 -18.89 -13.71 2.34
CA ALA CA 46 -20.05 -13.20 3.05
C ALA CA 46 -20.07 -13.58 4.52
N GLN CA 47 -19.31 -14.61 4.92
CA GLN CA 47 -19.36 -15.12 6.28
C GLN CA 47 -18.59 -14.20 7.22
N LEU CA 48 -19.27 -13.69 8.24
CA LEU CA 48 -18.59 -13.06 9.38
C LEU CA 48 -18.34 -14.19 10.36
N GLY CA 49 -17.14 -14.76 10.28
CA GLY CA 49 -16.88 -16.06 10.84
C GLY CA 49 -16.67 -16.00 12.30
N PRO CA 50 -16.32 -17.15 12.88
CA PRO CA 50 -15.93 -17.16 14.28
C PRO CA 50 -14.60 -16.45 14.46
N ILE CA 51 -14.30 -16.11 15.70
CA ILE CA 51 -13.00 -15.59 16.05
C ILE CA 51 -12.44 -16.45 17.15
N TYR CA 52 -11.13 -16.44 17.28
CA TYR CA 52 -10.45 -17.13 18.36
C TYR CA 52 -10.18 -16.11 19.45
N LEU CA 53 -10.45 -16.49 20.69
CA LEU CA 53 -10.22 -15.60 21.83
C LEU CA 53 -9.56 -16.42 22.94
N GLY CA 54 -8.25 -16.28 23.06
CA GLY CA 54 -7.53 -16.93 24.12
C GLY CA 54 -6.95 -15.95 25.11
N THR CA 55 -5.86 -16.36 25.75
CA THR CA 55 -5.24 -15.52 26.75
C THR CA 55 -4.64 -14.26 26.13
N LEU CA 56 -3.85 -14.44 25.06
CA LEU CA 56 -3.15 -13.30 24.49
C LEU CA 56 -4.12 -12.28 23.93
N GLY CA 57 -5.14 -12.75 23.21
CA GLY CA 57 -6.11 -11.83 22.64
C GLY CA 57 -6.90 -11.08 23.70
N THR CA 58 -7.33 -11.78 24.74
CA THR CA 58 -8.05 -11.13 25.83
C THR CA 58 -7.19 -10.07 26.49
N MET CA 59 -5.94 -10.42 26.81
CA MET CA 59 -5.04 -9.48 27.46
C MET CA 59 -4.77 -8.27 26.57
N SER CA 60 -4.54 -8.52 25.28
CA SER CA 60 -4.28 -7.44 24.34
C SER CA 60 -5.47 -6.51 24.22
N LEU CA 61 -6.68 -7.09 24.15
CA LEU CA 61 -7.88 -6.28 24.05
C LEU CA 61 -8.09 -5.46 25.31
N ILE CA 62 -7.84 -6.04 26.48
CA ILE CA 62 -8.01 -5.31 27.73
C ILE CA 62 -7.05 -4.12 27.79
N PHE CA 63 -5.77 -4.37 27.50
CA PHE CA 63 -4.79 -3.28 27.57
C PHE CA 63 -5.07 -2.20 26.52
N GLY CA 64 -5.43 -2.60 25.31
CA GLY CA 64 -5.72 -1.62 24.28
C GLY CA 64 -6.99 -0.84 24.56
N ALA CA 65 -8.03 -1.51 25.03
CA ALA CA 65 -9.27 -0.83 25.39
C ALA CA 65 -9.04 0.15 26.51
N PHE CA 66 -8.21 -0.22 27.49
CA PHE CA 66 -7.92 0.71 28.56
C PHE CA 66 -7.12 1.90 28.06
N TRP CA 67 -6.20 1.69 27.13
CA TRP CA 67 -5.49 2.83 26.53
C TRP CA 67 -6.47 3.77 25.83
N PHE CA 68 -7.38 3.20 25.05
CA PHE CA 68 -8.40 3.96 24.35
C PHE CA 68 -9.26 4.75 25.33
N PHE CA 69 -9.73 4.08 26.38
CA PHE CA 69 -10.53 4.72 27.42
C PHE CA 69 -9.78 5.87 28.05
N LEU CA 70 -8.50 5.69 28.36
CA LEU CA 70 -7.75 6.75 29.03
C LEU CA 70 -7.55 7.94 28.12
N VAL CA 71 -7.33 7.71 26.82
CA VAL CA 71 -7.28 8.83 25.89
C VAL CA 71 -8.62 9.57 25.89
N GLY CA 72 -9.73 8.82 25.82
CA GLY CA 72 -11.03 9.46 25.86
C GLY CA 72 -11.27 10.29 27.10
N VAL CA 73 -10.91 9.76 28.26
CA VAL CA 73 -11.13 10.46 29.52
C VAL CA 73 -10.35 11.77 29.55
N SER CA 74 -9.12 11.75 29.03
CA SER CA 74 -8.33 12.98 28.97
C SER CA 74 -9.03 14.02 28.10
N PHE CA 75 -9.64 13.60 27.00
CA PHE CA 75 -10.41 14.50 26.14
C PHE CA 75 -11.57 15.10 26.90
N ILE CA 76 -12.30 14.27 27.65
CA ILE CA 76 -13.42 14.77 28.44
C ILE CA 76 -12.95 15.81 29.44
N ILE CA 77 -11.81 15.57 30.08
CA ILE CA 77 -11.34 16.50 31.10
C ILE CA 77 -10.85 17.80 30.48
N GLN CA 78 -10.17 17.74 29.34
CA GLN CA 78 -9.68 18.97 28.73
C GLN CA 78 -10.77 19.72 27.97
N ALA CA 79 -11.91 19.09 27.71
CA ALA CA 79 -13.10 19.79 27.25
C ALA CA 79 -13.80 20.55 28.35
N ASP CA 80 -13.24 20.55 29.57
CA ASP CA 80 -13.87 21.11 30.76
C ASP CA 80 -15.26 20.52 30.97
N TYR CA 81 -15.38 19.23 30.68
CA TYR CA 81 -16.49 18.33 30.92
C TYR CA 81 -17.59 18.47 29.88
N SER CA 82 -17.46 19.37 28.91
CA SER CA 82 -18.56 19.70 28.00
C SER CA 82 -18.72 18.62 26.94
N PRO CA 83 -19.86 17.95 26.88
CA PRO CA 83 -20.08 17.02 25.77
C PRO CA 83 -20.09 17.71 24.42
N ALA CA 84 -20.34 19.02 24.38
CA ALA CA 84 -20.32 19.74 23.11
C ALA CA 84 -18.89 19.97 22.62
N LEU CA 85 -18.02 20.50 23.47
CA LEU CA 85 -16.61 20.59 23.11
C LEU CA 85 -16.00 19.22 22.86
N PHE CA 86 -16.45 18.22 23.60
CA PHE CA 86 -15.88 16.89 23.38
C PHE CA 86 -16.14 16.42 21.97
N LEU CA 87 -17.35 16.62 21.45
CA LEU CA 87 -17.66 16.17 20.10
C LEU CA 87 -17.07 17.13 19.07
N ARG CA 88 -17.09 18.43 19.34
CA ARG CA 88 -16.50 19.38 18.41
C ARG CA 88 -15.00 19.19 18.25
N GLU CA 89 -14.31 18.65 19.27
CA GLU CA 89 -12.86 18.54 19.26
C GLU CA 89 -12.39 17.09 19.22
N LEU CA 90 -13.23 16.19 18.74
CA LEU CA 90 -12.87 14.77 18.74
C LEU CA 90 -11.65 14.48 17.86
N PHE CA 91 -11.38 15.32 16.86
CA PHE CA 91 -10.22 15.17 16.00
C PHE CA 91 -9.11 16.16 16.33
N ARG CA 92 -9.45 17.29 16.94
CA ARG CA 92 -8.49 18.35 17.22
C ARG CA 92 -7.84 18.22 18.60
N ALA CA 93 -8.39 17.40 19.48
CA ALA CA 93 -7.82 17.23 20.81
C ALA CA 93 -6.80 16.10 20.79
N GLY CA 94 -5.82 16.20 21.68
CA GLY CA 94 -4.87 15.13 21.86
C GLY CA 94 -4.43 15.00 23.29
N LEU CA 95 -4.04 13.79 23.66
CA LEU CA 95 -3.31 13.53 24.89
C LEU CA 95 -1.82 13.63 24.59
N PHE CA 96 -1.22 14.62 25.06
CA PHE CA 96 0.15 15.02 24.73
C PHE CA 96 1.16 14.47 25.73
N PRO CA 97 2.39 14.23 25.28
CA PRO CA 97 3.45 13.75 26.19
C PRO CA 97 3.90 14.86 27.13
N PRO CA 98 4.68 14.52 28.16
CA PRO CA 98 5.22 15.55 29.06
C PRO CA 98 6.08 16.57 28.34
N ALA CA 99 6.21 17.73 28.95
CA ALA CA 99 7.00 18.82 28.42
C ALA CA 99 8.49 18.49 28.48
N PRO CA 100 9.32 19.22 27.72
CA PRO CA 100 10.76 18.86 27.68
C PRO CA 100 11.44 18.91 29.04
N GLU CA 101 11.04 19.81 29.94
CA GLU CA 101 11.73 19.98 31.21
C GLU CA 101 11.69 18.74 32.09
N TYR CA 102 10.78 17.81 31.82
CA TYR CA 102 10.68 16.59 32.62
C TYR CA 102 11.55 15.47 32.09
N GLY CA 103 12.21 15.67 30.95
CA GLY CA 103 13.19 14.70 30.47
C GLY CA 103 12.55 13.36 30.20
N LEU CA 104 13.16 12.32 30.74
CA LEU CA 104 12.60 10.98 30.70
C LEU CA 104 12.07 10.54 32.05
N SER CA 105 11.95 11.47 33.00
CA SER CA 105 11.48 11.13 34.33
C SER CA 105 9.99 10.79 34.29
N LEU CA 106 9.55 10.03 35.28
CA LEU CA 106 8.17 9.66 35.42
C LEU CA 106 7.41 10.61 36.33
N SER CA 107 7.94 11.80 36.55
CA SER CA 107 7.35 12.76 37.47
C SER CA 107 6.89 13.99 36.71
N ALA CA 108 5.75 13.88 36.06
CA ALA CA 108 5.11 15.00 35.41
C ALA CA 108 3.65 14.97 35.82
N PRO CA 109 3.01 16.13 35.99
CA PRO CA 109 1.63 16.14 36.48
C PRO CA 109 0.74 15.27 35.61
N LEU CA 110 -0.29 14.71 36.26
CA LEU CA 110 -1.13 13.71 35.61
C LEU CA 110 -1.79 14.24 34.34
N MET CA 111 -2.13 15.52 34.30
CA MET CA 111 -2.77 16.13 33.15
C MET CA 111 -1.79 16.87 32.26
N GLU CA 112 -0.49 16.65 32.46
CA GLU CA 112 0.57 17.27 31.66
C GLU CA 112 1.60 16.24 31.23
N GLY CA 113 1.17 15.00 31.05
CA GLY CA 113 2.05 13.97 30.56
C GLY CA 113 1.96 12.67 31.32
N GLY CA 114 1.54 12.74 32.59
CA GLY CA 114 1.41 11.54 33.40
C GLY CA 114 0.39 10.57 32.83
N LEU CA 115 -0.78 11.08 32.48
CA LEU CA 115 -1.78 10.23 31.86
C LEU CA 115 -1.31 9.75 30.50
N TRP CA 116 -0.56 10.59 29.78
CA TRP CA 116 0.05 10.13 28.54
C TRP CA 116 0.98 8.96 28.80
N LEU CA 117 1.79 9.01 29.86
CA LEU CA 117 2.69 7.89 30.16
C LEU CA 117 1.93 6.62 30.51
N ILE CA 118 0.89 6.73 31.33
CA ILE CA 118 0.13 5.54 31.71
C ILE CA 118 -0.55 4.91 30.50
N ALA CA 119 -1.20 5.75 29.69
CA ALA CA 119 -1.84 5.25 28.48
C ALA CA 119 -0.82 4.64 27.53
N SER CA 120 0.35 5.27 27.39
CA SER CA 120 1.39 4.76 26.51
C SER CA 120 1.87 3.39 26.97
N PHE CA 121 2.03 3.21 28.28
CA PHE CA 121 2.41 1.91 28.81
C PHE CA 121 1.40 0.85 28.42
N PHE CA 122 0.11 1.13 28.59
CA PHE CA 122 -0.88 0.10 28.26
C PHE CA 122 -1.00 -0.11 26.76
N LEU CA 123 -0.79 0.92 25.96
CA LEU CA 123 -0.73 0.76 24.50
C LEU CA 123 0.44 -0.13 24.11
N MET CA 124 1.62 0.10 24.68
CA MET CA 124 2.76 -0.78 24.46
C MET CA 124 2.41 -2.21 24.81
N LEU CA 125 1.73 -2.43 25.94
CA LEU CA 125 1.43 -3.81 26.33
C LEU CA 125 0.52 -4.49 25.32
N SER CA 126 -0.47 -3.78 24.78
CA SER CA 126 -1.46 -4.44 23.93
C SER CA 126 -0.89 -4.79 22.56
N VAL CA 127 -0.05 -3.92 21.98
CA VAL CA 127 0.49 -4.23 20.66
C VAL CA 127 1.45 -5.41 20.73
N LEU CA 128 2.21 -5.51 21.81
CA LEU CA 128 3.11 -6.65 21.97
C LEU CA 128 2.34 -7.93 22.20
N LEU CA 129 1.26 -7.85 22.96
CA LEU CA 129 0.40 -9.02 23.13
C LEU CA 129 -0.29 -9.40 21.83
N TRP CA 130 -0.68 -8.41 21.04
CA TRP CA 130 -1.25 -8.72 19.74
C TRP CA 130 -0.21 -9.35 18.82
N TRP CA 131 1.03 -8.87 18.88
CA TRP CA 131 2.12 -9.51 18.14
C TRP CA 131 2.24 -10.97 18.52
N ALA CA 132 2.27 -11.26 19.82
CA ALA CA 132 2.33 -12.65 20.27
C ALA CA 132 1.14 -13.45 19.76
N ARG CA 133 -0.03 -12.82 19.68
CA ARG CA 133 -1.20 -13.46 19.11
C ARG CA 133 -0.98 -13.84 17.64
N THR CA 134 -0.52 -12.89 16.83
CA THR CA 134 -0.28 -13.19 15.41
C THR CA 134 0.68 -14.36 15.26
N TYR CA 135 1.70 -14.42 16.11
CA TYR CA 135 2.61 -15.55 16.13
C TYR CA 135 1.89 -16.84 16.50
N LYS CA 136 1.14 -16.82 17.59
CA LYS CA 136 0.60 -18.06 18.13
C LYS CA 136 -0.56 -18.60 17.30
N ARG CA 137 -1.33 -17.76 16.63
CA ARG CA 137 -2.36 -18.29 15.75
C ARG CA 137 -1.76 -19.02 14.57
N ALA CA 138 -0.64 -18.53 14.04
CA ALA CA 138 0.09 -19.28 13.02
C ALA CA 138 0.66 -20.58 13.59
N ALA CA 139 1.24 -20.51 14.78
CA ALA CA 139 1.83 -21.71 15.38
C ALA CA 139 0.80 -22.79 15.65
N ASP CA 140 -0.41 -22.40 16.06
CA ASP CA 140 -1.44 -23.38 16.36
C ASP CA 140 -1.99 -24.06 15.12
N LEU CA 141 -1.89 -23.44 13.95
CA LEU CA 141 -2.31 -24.08 12.71
C LEU CA 141 -1.18 -24.79 11.99
N GLY CA 142 0.05 -24.67 12.47
CA GLY CA 142 1.18 -25.28 11.81
C GLY CA 142 1.70 -24.48 10.63
N MET CA 143 1.52 -23.18 10.65
CA MET CA 143 1.91 -22.31 9.54
C MET CA 143 3.23 -21.63 9.86
N GLY CA 144 3.86 -21.11 8.81
CA GLY CA 144 5.03 -20.29 8.96
C GLY CA 144 4.70 -18.98 9.64
N LYS CA 145 5.74 -18.26 10.02
CA LYS CA 145 5.62 -17.12 10.91
C LYS CA 145 5.74 -15.79 10.20
N HIS CA 146 5.45 -15.77 8.89
CA HIS CA 146 5.67 -14.57 8.08
C HIS CA 146 4.82 -13.39 8.54
N THR CA 147 3.57 -13.64 8.96
CA THR CA 147 2.71 -12.55 9.40
C THR CA 147 3.29 -11.85 10.63
N ALA CA 148 3.77 -12.61 11.60
CA ALA CA 148 4.34 -12.02 12.81
C ALA CA 148 5.59 -11.21 12.51
N TRP CA 149 6.43 -11.68 11.58
CA TRP CA 149 7.62 -10.93 11.18
C TRP CA 149 7.26 -9.62 10.51
N ALA CA 150 6.28 -9.67 9.61
CA ALA CA 150 5.83 -8.46 8.95
C ALA CA 150 5.26 -7.47 9.95
N PHE CA 151 4.47 -7.97 10.91
CA PHE CA 151 3.96 -7.08 11.96
C PHE CA 151 5.08 -6.51 12.82
N ALA CA 152 6.14 -7.30 13.05
CA ALA CA 152 7.29 -6.81 13.80
C ALA CA 152 7.93 -5.62 13.11
N GLY CA 153 7.98 -5.62 11.78
CA GLY CA 153 8.53 -4.44 11.08
C GLY CA 153 7.74 -3.17 11.32
N ALA CA 154 6.42 -3.25 11.23
CA ALA CA 154 5.57 -2.09 11.49
C ALA CA 154 5.68 -1.65 12.95
N LEU CA 155 5.70 -2.62 13.86
CA LEU CA 155 5.91 -2.32 15.26
C LEU CA 155 7.25 -1.66 15.49
N TRP CA 156 8.26 -2.00 14.70
CA TRP CA 156 9.55 -1.36 14.85
C TRP CA 156 9.46 0.12 14.53
N LEU CA 157 8.76 0.47 13.45
CA LEU CA 157 8.57 1.89 13.21
C LEU CA 157 7.81 2.56 14.36
N MET CA 158 6.77 1.89 14.87
CA MET CA 158 5.99 2.44 15.97
C MET CA 158 6.85 2.71 17.21
N PHE CA 159 7.70 1.75 17.58
CA PHE CA 159 8.51 1.88 18.77
C PHE CA 159 9.65 2.87 18.58
N VAL CA 160 10.23 2.99 17.38
CA VAL CA 160 11.21 4.05 17.24
C VAL CA 160 10.50 5.38 17.36
N LEU CA 161 9.26 5.47 16.87
CA LEU CA 161 8.51 6.72 16.95
C LEU CA 161 8.36 7.17 18.40
N SER CA 162 7.90 6.29 19.29
CA SER CA 162 7.60 6.78 20.63
C SER CA 162 8.44 6.22 21.75
N PHE CA 163 9.11 5.07 21.57
CA PHE CA 163 9.94 4.53 22.65
C PHE CA 163 11.43 4.79 22.43
N PHE CA 164 12.00 4.26 21.34
CA PHE CA 164 13.46 4.24 21.19
C PHE CA 164 14.03 5.64 20.98
N ARG CA 165 13.50 6.37 20.01
CA ARG CA 165 14.03 7.70 19.73
C ARG CA 165 13.86 8.68 20.88
N PRO CA 166 12.70 8.77 21.55
CA PRO CA 166 12.62 9.69 22.71
C PRO CA 166 13.60 9.34 23.81
N ILE CA 167 13.89 8.06 24.02
CA ILE CA 167 14.89 7.68 25.00
C ILE CA 167 16.27 8.14 24.56
N LEU CA 168 16.64 7.88 23.31
CA LEU CA 168 17.94 8.32 22.83
C LEU CA 168 18.06 9.84 22.78
N MET CA 169 16.96 10.57 22.67
CA MET CA 169 17.00 12.01 22.72
C MET CA 169 16.87 12.56 24.13
N GLY CA 170 16.52 11.72 25.10
CA GLY CA 170 16.45 12.14 26.49
C GLY CA 170 15.24 12.94 26.89
N SER CA 171 14.08 12.68 26.28
CA SER CA 171 12.89 13.46 26.56
C SER CA 171 11.67 12.75 26.02
N TRP CA 172 10.67 12.53 26.87
CA TRP CA 172 9.40 12.02 26.38
C TRP CA 172 8.70 13.00 25.45
N SER CA 173 9.02 14.29 25.58
CA SER CA 173 8.36 15.36 24.84
C SER CA 173 8.45 15.20 23.33
N GLU CA 174 9.25 14.29 22.83
CA GLU CA 174 9.42 14.06 21.41
C GLU CA 174 8.60 12.90 20.89
N ALA CA 175 7.85 12.23 21.75
CA ALA CA 175 6.95 11.20 21.28
C ALA CA 175 5.69 11.84 20.69
N VAL CA 176 4.92 11.02 19.98
CA VAL CA 176 3.77 11.51 19.23
C VAL CA 176 2.54 11.55 20.14
N PRO CA 177 1.76 12.62 20.08
CA PRO CA 177 0.53 12.69 20.89
C PRO CA 177 -0.58 11.84 20.32
N TYR CA 178 -1.61 11.62 21.13
CA TYR CA 178 -2.71 10.73 20.79
C TYR CA 178 -3.93 11.46 20.25
N GLY CA 179 -3.76 12.48 19.41
CA GLY CA 179 -4.87 13.06 18.69
C GLY CA 179 -4.83 12.84 17.20
N ILE CA 180 -6.00 12.87 16.54
CA ILE CA 180 -6.06 12.66 15.10
C ILE CA 180 -5.36 13.77 14.34
N PHE CA 181 -5.71 15.00 14.63
CA PHE CA 181 -5.04 16.13 14.00
C PHE CA 181 -3.69 16.44 14.64
N PRO CA 182 -3.55 16.37 15.97
CA PRO CA 182 -2.24 16.64 16.56
C PRO CA 182 -1.13 15.66 16.16
N HIS CA 183 -1.42 14.42 15.74
CA HIS CA 183 -0.27 13.61 15.37
C HIS CA 183 0.19 13.94 13.95
N LEU CA 184 -0.74 14.41 13.09
CA LEU CA 184 -0.33 15.01 11.82
C LEU CA 184 0.47 16.29 12.05
N ASP CA 185 0.04 17.11 13.01
CA ASP CA 185 0.85 18.27 13.35
C ASP CA 185 2.23 17.85 13.83
N TRP CA 186 2.29 16.74 14.56
CA TRP CA 186 3.56 16.21 15.03
C TRP CA 186 4.45 15.81 13.88
N THR CA 187 3.89 15.13 12.88
CA THR CA 187 4.64 14.72 11.69
C THR CA 187 5.19 15.94 10.95
N ASN CA 188 4.35 16.95 10.75
CA ASN CA 188 4.79 18.17 10.11
C ASN CA 188 5.90 18.87 10.90
N ASN CA 189 5.73 18.96 12.23
CA ASN CA 189 6.74 19.59 13.06
C ASN CA 189 8.05 18.81 13.01
N PHE CA 190 7.96 17.49 12.98
CA PHE CA 190 9.16 16.67 12.96
C PHE CA 190 9.97 16.92 11.70
N SER CA 191 9.28 16.98 10.56
CA SER CA 191 10.02 17.31 9.34
C SER CA 191 10.58 18.73 9.41
N LEU CA 192 9.83 19.66 9.98
CA LEU CA 192 10.29 21.05 9.98
C LEU CA 192 11.49 21.27 10.92
N THR CA 193 11.60 20.49 11.99
CA THR CA 193 12.68 20.77 12.94
C THR CA 193 13.99 20.09 12.54
N HIS CA 194 13.90 18.98 11.83
CA HIS CA 194 15.08 18.28 11.33
C HIS CA 194 15.44 18.70 9.91
N GLY CA 195 15.48 20.00 9.67
CA GLY CA 195 15.66 20.49 8.32
C GLY CA 195 14.46 20.21 7.46
N ASN CA 196 14.59 19.23 6.57
CA ASN CA 196 13.52 18.82 5.68
C ASN CA 196 13.66 17.32 5.50
N LEU CA 197 12.63 16.57 5.81
CA LEU CA 197 12.79 15.14 5.86
C LEU CA 197 12.79 14.51 4.46
N PHE CA 198 12.54 15.30 3.41
CA PHE CA 198 12.71 14.82 2.04
C PHE CA 198 14.17 14.47 1.75
N TYR CA 199 15.11 15.18 2.38
CA TYR CA 199 16.53 14.93 2.23
C TYR CA 199 17.08 13.95 3.24
N ASN CA 200 16.24 13.08 3.76
CA ASN CA 200 16.62 11.97 4.60
C ASN CA 200 16.60 10.74 3.71
N PRO CA 201 17.74 10.12 3.44
CA PRO CA 201 17.78 9.02 2.46
C PRO CA 201 16.92 7.85 2.82
N PHE CA 202 16.72 7.58 4.11
CA PHE CA 202 15.87 6.48 4.51
C PHE CA 202 14.39 6.85 4.46
N HIS CA 203 14.08 8.14 4.56
CA HIS CA 203 12.74 8.61 4.24
C HIS CA 203 12.48 8.47 2.75
N GLY CA 204 13.48 8.74 1.92
CA GLY CA 204 13.36 8.49 0.49
C GLY CA 204 13.16 7.02 0.18
N LEU CA 205 13.92 6.15 0.84
CA LEU CA 205 13.78 4.72 0.59
C LEU CA 205 12.46 4.19 1.12
N SER CA 206 11.98 4.74 2.23
CA SER CA 206 10.70 4.32 2.75
C SER CA 206 9.59 4.67 1.76
N ILE CA 207 9.65 5.88 1.19
CA ILE CA 207 8.66 6.27 0.18
C ILE CA 207 8.75 5.37 -1.03
N ALA CA 208 9.98 5.00 -1.44
CA ALA CA 208 10.14 4.12 -2.58
C ALA CA 208 9.47 2.79 -2.33
N PHE CA 209 9.58 2.26 -1.11
CA PHE CA 209 8.94 0.99 -0.81
C PHE CA 209 7.43 1.13 -0.62
N LEU CA 210 6.95 2.26 -0.13
CA LEU CA 210 5.51 2.50 -0.06
C LEU CA 210 4.89 2.56 -1.47
N TYR CA 211 5.46 3.41 -2.34
CA TYR CA 211 5.02 3.48 -3.73
C TYR CA 211 5.12 2.12 -4.41
N GLY CA 212 6.26 1.44 -4.23
CA GLY CA 212 6.45 0.16 -4.86
C GLY CA 212 5.52 -0.91 -4.37
N SER CA 213 5.14 -0.85 -3.09
CA SER CA 213 4.20 -1.84 -2.58
C SER CA 213 2.79 -1.56 -3.08
N THR CA 214 2.43 -0.29 -3.22
CA THR CA 214 1.15 0.04 -3.84
C THR CA 214 1.14 -0.37 -5.31
N MET CA 215 2.17 0.01 -6.04
CA MET CA 215 2.28 -0.37 -7.45
C MET CA 215 2.33 -1.88 -7.60
N LEU CA 216 3.06 -2.56 -6.71
CA LEU CA 216 3.19 -4.00 -6.84
C LEU CA 216 1.86 -4.70 -6.65
N PHE CA 217 0.98 -4.16 -5.82
CA PHE CA 217 -0.24 -4.89 -5.54
C PHE CA 217 -1.37 -4.47 -6.46
N ALA CA 218 -1.29 -3.26 -7.04
CA ALA CA 218 -2.00 -3.01 -8.29
C ALA CA 218 -1.64 -4.04 -9.36
N MET CA 219 -0.35 -4.23 -9.60
CA MET CA 219 0.08 -5.18 -10.62
C MET CA 219 -0.38 -6.59 -10.30
N HIS CA 220 -0.25 -7.02 -9.06
CA HIS CA 220 -0.52 -8.41 -8.73
C HIS CA 220 -2.02 -8.69 -8.69
N GLY CA 221 -2.82 -7.78 -8.12
CA GLY CA 221 -4.25 -7.93 -8.17
C GLY CA 221 -4.79 -7.90 -9.59
N ALA CA 222 -4.26 -6.99 -10.43
CA ALA CA 222 -4.67 -6.97 -11.82
C ALA CA 222 -4.26 -8.25 -12.54
N THR CA 223 -3.06 -8.77 -12.25
CA THR CA 223 -2.62 -10.00 -12.89
C THR CA 223 -3.50 -11.17 -12.52
N ILE CA 224 -3.77 -11.34 -11.23
CA ILE CA 224 -4.58 -12.47 -10.79
C ILE CA 224 -6.00 -12.36 -11.35
N LEU CA 225 -6.56 -11.15 -11.35
CA LEU CA 225 -7.88 -10.97 -11.94
C LEU CA 225 -7.88 -11.26 -13.43
N ALA CA 226 -6.81 -10.88 -14.14
CA ALA CA 226 -6.76 -11.12 -15.57
C ALA CA 226 -6.64 -12.61 -15.89
N VAL CA 227 -5.99 -13.40 -15.03
CA VAL CA 227 -5.89 -14.83 -15.29
C VAL CA 227 -6.92 -15.62 -14.49
N SER CA 228 -7.92 -14.95 -13.92
CA SER CA 228 -9.01 -15.65 -13.24
C SER CA 228 -9.85 -16.53 -14.14
N ARG CA 229 -9.89 -16.26 -15.46
CA ARG CA 229 -10.60 -17.13 -16.38
C ARG CA 229 -10.10 -18.56 -16.30
N LEU CA 230 -8.81 -18.70 -16.07
CA LEU CA 230 -8.15 -19.94 -15.72
C LEU CA 230 -8.15 -20.03 -14.20
N GLY CA 231 -7.84 -21.18 -13.64
CA GLY CA 231 -7.99 -21.26 -12.19
C GLY CA 231 -7.01 -20.39 -11.43
N GLY CA 232 -7.03 -19.09 -11.72
CA GLY CA 232 -5.90 -18.23 -11.40
C GLY CA 232 -5.74 -17.95 -9.93
N GLU CA 233 -6.81 -17.53 -9.26
CA GLU CA 233 -6.69 -17.07 -7.88
C GLU CA 233 -6.47 -18.21 -6.90
N ARG CA 234 -6.63 -19.45 -7.33
CA ARG CA 234 -6.22 -20.58 -6.51
C ARG CA 234 -4.70 -20.65 -6.50
N GLU CA 235 -4.08 -19.63 -5.89
CA GLU CA 235 -2.63 -19.44 -6.00
C GLU CA 235 -1.86 -20.61 -5.42
N LEU CA 236 -2.17 -20.97 -4.18
CA LEU CA 236 -1.80 -22.29 -3.68
C LEU CA 236 -2.46 -23.35 -4.55
N GLU CA 237 -1.73 -24.41 -4.82
CA GLU CA 237 -1.99 -25.46 -5.81
C GLU CA 237 -1.61 -25.03 -7.22
N GLN CA 238 -1.36 -23.75 -7.48
CA GLN CA 238 -0.62 -23.38 -8.67
C GLN CA 238 0.86 -23.28 -8.37
N ILE CA 239 1.21 -23.12 -7.09
CA ILE CA 239 2.59 -23.19 -6.65
C ILE CA 239 3.13 -24.60 -6.80
N VAL CA 240 2.30 -25.61 -6.55
CA VAL CA 240 2.76 -26.99 -6.57
C VAL CA 240 2.35 -27.73 -7.83
N ASP CA 241 1.37 -27.24 -8.58
CA ASP CA 241 0.96 -27.84 -9.85
C ASP CA 241 0.69 -26.69 -10.81
N ARG CA 242 1.72 -26.29 -11.54
CA ARG CA 242 1.61 -25.12 -12.42
C ARG CA 242 0.60 -25.38 -13.53
N GLY CA 243 -0.36 -24.46 -13.67
CA GLY CA 243 -1.28 -24.46 -14.77
C GLY CA 243 -1.05 -23.27 -15.70
N THR CA 244 -1.96 -23.12 -16.66
CA THR CA 244 -1.79 -22.04 -17.61
C THR CA 244 -1.97 -20.67 -17.00
N ALA CA 245 -2.68 -20.55 -15.89
CA ALA CA 245 -2.82 -19.23 -15.26
C ALA CA 245 -1.47 -18.71 -14.82
N ALA CA 246 -0.70 -19.55 -14.13
CA ALA CA 246 0.64 -19.15 -13.71
C ALA CA 246 1.55 -18.90 -14.90
N GLU CA 247 1.47 -19.75 -15.93
CA GLU CA 247 2.31 -19.57 -17.11
C GLU CA 247 2.01 -18.26 -17.82
N ARG CA 248 0.74 -18.00 -18.10
CA ARG CA 248 0.35 -16.79 -18.81
C ARG CA 248 0.63 -15.55 -17.98
N ALA CA 249 0.46 -15.64 -16.66
CA ALA CA 249 0.86 -14.52 -15.80
C ALA CA 249 2.35 -14.26 -15.91
N ALA CA 250 3.16 -15.32 -15.95
CA ALA CA 250 4.60 -15.15 -16.10
C ALA CA 250 4.95 -14.60 -17.48
N LEU CA 251 4.30 -15.11 -18.53
CA LEU CA 251 4.63 -14.66 -19.87
C LEU CA 251 4.18 -13.24 -20.12
N PHE CA 252 3.11 -12.78 -19.48
CA PHE CA 252 2.71 -11.39 -19.64
C PHE CA 252 3.83 -10.47 -19.21
N TRP CA 253 4.38 -10.70 -18.02
CA TRP CA 253 5.37 -9.80 -17.47
C TRP CA 253 6.73 -10.00 -18.11
N ARG CA 254 7.06 -11.23 -18.49
CA ARG CA 254 8.29 -11.47 -19.23
C ARG CA 254 8.29 -10.74 -20.56
N TRP CA 255 7.18 -10.82 -21.31
CA TRP CA 255 7.14 -10.11 -22.59
C TRP CA 255 7.07 -8.62 -22.40
N THR CA 256 6.49 -8.17 -21.30
CA THR CA 256 6.32 -6.73 -21.07
C THR CA 256 7.62 -6.08 -20.60
N MET CA 257 8.22 -6.59 -19.55
CA MET CA 257 9.38 -5.94 -18.95
C MET CA 257 10.63 -6.78 -18.97
N GLY CA 258 10.60 -7.96 -19.57
CA GLY CA 258 11.81 -8.73 -19.77
C GLY CA 258 12.12 -9.74 -18.70
N PHE CA 259 11.41 -9.69 -17.57
CA PHE CA 259 11.60 -10.67 -16.51
C PHE CA 259 10.28 -10.82 -15.77
N ASN CA 260 10.14 -11.92 -15.07
CA ASN CA 260 8.89 -12.26 -14.43
C ASN CA 260 9.17 -12.86 -13.06
N ALA CA 261 8.10 -13.09 -12.33
CA ALA CA 261 8.12 -13.79 -11.05
C ALA CA 261 7.49 -15.16 -11.24
N THR CA 262 7.38 -15.88 -10.14
CA THR CA 262 6.65 -17.13 -10.10
C THR CA 262 5.45 -16.93 -9.18
N MET CA 263 4.56 -17.92 -9.15
CA MET CA 263 3.37 -17.80 -8.31
C MET CA 263 3.74 -17.66 -6.84
N GLU CA 264 4.69 -18.47 -6.38
CA GLU CA 264 5.11 -18.37 -4.99
C GLU CA 264 5.95 -17.11 -4.76
N GLY CA 265 6.79 -16.75 -5.72
CA GLY CA 265 7.79 -15.71 -5.50
C GLY CA 265 7.30 -14.29 -5.61
N ILE CA 266 6.18 -14.04 -6.30
CA ILE CA 266 5.62 -12.70 -6.31
C ILE CA 266 5.22 -12.28 -4.90
N HIS CA 267 4.78 -13.23 -4.08
CA HIS CA 267 4.42 -12.92 -2.70
C HIS CA 267 5.65 -12.63 -1.84
N ARG CA 268 6.82 -13.16 -2.19
CA ARG CA 268 8.04 -12.74 -1.50
C ARG CA 268 8.40 -11.31 -1.84
N TRP CA 269 8.27 -10.92 -3.11
CA TRP CA 269 8.50 -9.53 -3.48
C TRP CA 269 7.58 -8.61 -2.72
N GLY CA 270 6.30 -8.97 -2.64
CA GLY CA 270 5.35 -8.13 -1.96
C GLY CA 270 5.59 -8.08 -0.47
N TRP CA 271 5.90 -9.23 0.12
CA TRP CA 271 6.28 -9.28 1.53
C TRP CA 271 7.43 -8.33 1.81
N TRP CA 272 8.48 -8.39 1.01
CA TRP CA 272 9.66 -7.58 1.29
C TRP CA 272 9.40 -6.11 1.01
N PHE CA 273 8.63 -5.78 -0.03
CA PHE CA 273 8.34 -4.38 -0.28
C PHE CA 273 7.48 -3.78 0.82
N ALA CA 274 6.49 -4.53 1.30
CA ALA CA 274 5.65 -4.05 2.39
C ALA CA 274 6.45 -3.91 3.68
N VAL CA 275 7.23 -4.94 4.02
CA VAL CA 275 7.98 -4.94 5.28
C VAL CA 275 9.06 -3.86 5.26
N LEU CA 276 9.67 -3.62 4.11
CA LEU CA 276 10.77 -2.67 4.07
C LEU CA 276 10.33 -1.23 4.23
N THR CA 277 9.04 -0.94 4.05
CA THR CA 277 8.57 0.43 4.23
C THR CA 277 8.73 0.89 5.68
N PRO CA 278 8.18 0.19 6.68
CA PRO CA 278 8.41 0.63 8.06
C PRO CA 278 9.81 0.33 8.55
N VAL CA 279 10.46 -0.73 8.07
CA VAL CA 279 11.82 -1.04 8.51
C VAL CA 279 12.77 0.08 8.12
N THR CA 280 12.73 0.49 6.87
CA THR CA 280 13.60 1.56 6.41
C THR CA 280 13.16 2.89 6.99
N GLY CA 281 11.85 3.11 7.14
CA GLY CA 281 11.39 4.35 7.72
C GLY CA 281 11.82 4.53 9.16
N GLY CA 282 11.73 3.48 9.97
CA GLY CA 282 12.17 3.56 11.34
C GLY CA 282 13.64 3.92 11.47
N ILE CA 283 14.48 3.37 10.59
CA ILE CA 283 15.90 3.69 10.57
C ILE CA 283 16.11 5.19 10.35
N GLY CA 284 15.36 5.77 9.42
CA GLY CA 284 15.55 7.18 9.11
C GLY CA 284 15.08 8.11 10.20
N ILE CA 285 14.02 7.74 10.92
CA ILE CA 285 13.59 8.54 12.06
C ILE CA 285 14.58 8.41 13.21
N LEU CA 286 15.08 7.20 13.45
CA LEU CA 286 16.03 6.98 14.53
C LEU CA 286 17.29 7.82 14.33
N LEU CA 287 17.75 7.96 13.09
CA LEU CA 287 18.94 8.76 12.83
C LEU CA 287 18.68 10.25 12.91
N SER CA 288 17.42 10.67 12.87
CA SER CA 288 17.09 12.09 12.88
C SER CA 288 17.18 12.62 14.30
N GLY CA 289 17.95 13.69 14.48
CA GLY CA 289 18.21 14.22 15.80
C GLY CA 289 19.35 13.51 16.52
N THR CA 290 19.41 12.18 16.43
CA THR CA 290 20.48 11.45 17.09
C THR CA 290 21.80 11.61 16.34
N VAL CA 291 21.78 11.46 15.02
CA VAL CA 291 22.96 11.54 14.19
C VAL CA 291 22.95 12.80 13.33
N VAL CA 292 21.84 13.05 12.63
CA VAL CA 292 21.71 14.20 11.75
C VAL CA 292 20.68 15.14 12.36
N GLU CA 293 21.04 16.41 12.47
CA GLU CA 293 20.09 17.41 12.94
C GLU CA 293 19.34 18.09 11.81
N ASP CA 294 19.95 18.21 10.64
CA ASP CA 294 19.42 19.03 9.55
C ASP CA 294 19.71 18.26 8.26
N TRP CA 295 18.73 17.52 7.77
CA TRP CA 295 18.97 16.67 6.62
C TRP CA 295 19.25 17.47 5.36
N SER CA 296 18.88 18.74 5.33
CA SER CA 296 19.13 19.59 4.18
C SER CA 296 20.63 19.86 4.02
N VAL CA 297 21.29 20.32 5.07
CA VAL CA 297 22.72 20.57 4.99
C VAL CA 297 23.49 19.25 4.86
N TRP CA 298 22.97 18.17 5.44
CA TRP CA 298 23.60 16.86 5.25
C TRP CA 298 23.54 16.45 3.79
N ALA CA 299 22.43 16.71 3.11
CA ALA CA 299 22.32 16.42 1.70
C ALA CA 299 23.26 17.29 0.88
N GLN CA 300 23.41 18.56 1.28
CA GLN CA 300 24.35 19.43 0.59
C GLN CA 300 25.78 18.92 0.74
N VAL CA 301 26.14 18.45 1.93
CA VAL CA 301 27.48 17.93 2.16
C VAL CA 301 27.68 16.62 1.41
N HIS CA 302 26.63 15.79 1.35
CA HIS CA 302 26.73 14.48 0.71
C HIS CA 302 26.34 14.49 -0.75
N GLY CA 303 26.33 15.67 -1.37
CA GLY CA 303 26.21 15.79 -2.81
C GLY CA 303 24.93 15.34 -3.45
N TYR CA 304 23.78 15.63 -2.82
CA TYR CA 304 22.52 15.44 -3.51
C TYR CA 304 21.56 16.56 -3.22
N LYS CA 305 22.02 17.66 -2.63
CA LYS CA 305 21.32 18.92 -2.65
C LYS CA 305 22.31 19.96 -3.13
N ALA CA 306 21.86 20.82 -4.05
CA ALA CA 306 22.75 21.77 -4.70
C ALA CA 306 23.33 22.77 -3.70
N LEU CA 307 24.29 23.54 -4.18
CA LEU CA 307 25.00 24.55 -3.40
C LEU CA 307 25.83 23.90 -2.31
N MET DA 1 25.83 11.24 18.51
CA MET DA 1 26.65 11.01 17.33
C MET DA 1 26.49 12.09 16.26
N VAL DA 2 26.11 13.29 16.65
CA VAL DA 2 25.94 14.37 15.67
C VAL DA 2 27.30 15.00 15.39
N GLY DA 3 27.63 15.13 14.11
CA GLY DA 3 28.85 15.78 13.70
C GLY DA 3 30.10 14.94 13.86
N VAL DA 4 29.99 13.74 14.41
CA VAL DA 4 31.15 12.87 14.58
C VAL DA 4 31.12 11.84 13.46
N ASN DA 5 32.15 11.86 12.65
CA ASN DA 5 32.14 11.14 11.39
C ASN DA 5 33.37 10.26 11.25
N PHE DA 6 33.14 9.08 10.68
CA PHE DA 6 34.22 8.19 10.30
C PHE DA 6 34.82 8.76 9.02
N PHE DA 7 36.06 8.43 8.74
CA PHE DA 7 36.63 8.58 7.41
C PHE DA 7 36.61 10.02 6.89
N GLY DA 8 36.36 11.01 7.71
CA GLY DA 8 36.30 12.35 7.14
C GLY DA 8 35.08 12.67 6.29
N ASP DA 9 33.94 12.89 6.94
CA ASP DA 9 32.59 13.11 6.40
C ASP DA 9 31.79 11.85 6.06
N PHE DA 10 32.24 10.69 6.50
CA PHE DA 10 31.44 9.46 6.39
C PHE DA 10 30.84 9.17 7.76
N ASP DA 11 29.52 9.21 7.86
CA ASP DA 11 28.79 9.22 9.11
C ASP DA 11 28.30 7.84 9.50
N LEU DA 12 27.65 7.80 10.68
CA LEU DA 12 26.77 6.68 10.99
C LEU DA 12 25.59 6.64 10.04
N ALA DA 13 25.15 7.80 9.55
CA ALA DA 13 24.10 7.81 8.52
C ALA DA 13 24.62 7.32 7.18
N SER DA 14 25.81 7.77 6.77
CA SER DA 14 26.43 7.24 5.56
C SER DA 14 26.65 5.74 5.68
N LEU DA 15 27.12 5.29 6.83
CA LEU DA 15 27.31 3.87 7.07
C LEU DA 15 25.99 3.12 6.93
N ALA DA 16 24.92 3.66 7.50
CA ALA DA 16 23.63 2.98 7.44
C ALA DA 16 23.12 2.86 6.01
N ILE DA 17 23.25 3.92 5.22
CA ILE DA 17 22.70 3.89 3.87
C ILE DA 17 23.52 2.95 2.97
N TRP DA 18 24.85 2.97 3.11
CA TRP DA 18 25.66 2.02 2.34
C TRP DA 18 25.38 0.58 2.77
N SER DA 19 25.20 0.36 4.07
CA SER DA 19 24.83 -0.96 4.55
C SER DA 19 23.52 -1.42 3.95
N PHE DA 20 22.55 -0.50 3.86
CA PHE DA 20 21.27 -0.86 3.26
C PHE DA 20 21.44 -1.23 1.79
N TRP DA 21 22.24 -0.47 1.05
CA TRP DA 21 22.43 -0.80 -0.37
C TRP DA 21 23.03 -2.19 -0.53
N LEU DA 22 24.00 -2.53 0.32
CA LEU DA 22 24.58 -3.87 0.27
C LEU DA 22 23.52 -4.94 0.56
N PHE DA 23 22.76 -4.75 1.64
CA PHE DA 23 21.72 -5.71 1.98
C PHE DA 23 20.70 -5.82 0.86
N PHE DA 24 20.36 -4.70 0.23
CA PHE DA 24 19.31 -4.72 -0.80
C PHE DA 24 19.78 -5.41 -2.06
N ALA DA 25 21.05 -5.24 -2.42
CA ALA DA 25 21.59 -6.03 -3.53
C ALA DA 25 21.50 -7.52 -3.22
N LEU DA 26 21.84 -7.90 -1.98
CA LEU DA 26 21.72 -9.32 -1.62
C LEU DA 26 20.27 -9.80 -1.65
N LEU DA 27 19.34 -8.95 -1.21
CA LEU DA 27 17.93 -9.34 -1.22
C LEU DA 27 17.39 -9.44 -2.64
N VAL DA 28 17.83 -8.55 -3.54
CA VAL DA 28 17.42 -8.65 -4.93
C VAL DA 28 17.95 -9.95 -5.53
N TYR DA 29 19.20 -10.29 -5.24
CA TYR DA 29 19.73 -11.57 -5.70
C TYR DA 29 18.87 -12.72 -5.20
N TYR DA 30 18.55 -12.71 -3.89
CA TYR DA 30 17.74 -13.77 -3.31
C TYR DA 30 16.35 -13.84 -3.95
N LEU DA 31 15.70 -12.69 -4.12
CA LEU DA 31 14.35 -12.66 -4.68
C LEU DA 31 14.33 -13.14 -6.11
N GLN DA 32 15.30 -12.69 -6.92
CA GLN DA 32 15.36 -13.12 -8.31
C GLN DA 32 15.59 -14.62 -8.40
N THR DA 33 16.50 -15.15 -7.59
CA THR DA 33 16.78 -16.58 -7.70
C THR DA 33 15.62 -17.42 -7.17
N GLU DA 34 14.90 -16.92 -6.17
CA GLU DA 34 13.70 -17.61 -5.70
C GLU DA 34 12.64 -17.70 -6.80
N ASN DA 35 12.56 -16.68 -7.65
CA ASN DA 35 11.58 -16.60 -8.71
C ASN DA 35 11.98 -17.36 -9.96
N MET DA 36 13.05 -18.16 -9.89
CA MET DA 36 13.51 -18.95 -11.02
C MET DA 36 13.23 -20.44 -10.84
N ARG DA 37 12.28 -20.78 -9.98
CA ARG DA 37 11.98 -22.18 -9.71
C ARG DA 37 10.99 -22.78 -10.71
N GLU DA 38 10.44 -21.98 -11.62
CA GLU DA 38 9.62 -22.47 -12.70
C GLU DA 38 10.16 -21.95 -14.03
N GLY DA 39 10.18 -22.81 -15.03
CA GLY DA 39 10.52 -22.41 -16.38
C GLY DA 39 11.99 -22.43 -16.74
N TYR DA 40 12.85 -22.90 -15.87
CA TYR DA 40 14.25 -22.97 -16.16
C TYR DA 40 14.72 -24.42 -16.16
N PRO DA 41 15.78 -24.75 -16.90
CA PRO DA 41 16.61 -23.84 -17.71
C PRO DA 41 15.93 -23.36 -19.01
N LEU DA 42 16.36 -22.20 -19.48
CA LEU DA 42 15.86 -21.65 -20.74
C LEU DA 42 16.16 -22.58 -21.90
N GLU DA 43 15.20 -22.69 -22.82
CA GLU DA 43 15.33 -23.54 -23.99
C GLU DA 43 15.48 -22.68 -25.23
N ASN DA 44 15.82 -23.33 -26.33
CA ASN DA 44 15.73 -22.69 -27.64
C ASN DA 44 14.42 -23.07 -28.29
N GLU DA 45 14.16 -22.46 -29.42
CA GLU DA 45 12.86 -22.63 -30.06
C GLU DA 45 12.68 -23.97 -30.71
N ASP DA 46 13.55 -24.95 -30.48
CA ASP DA 46 13.33 -26.31 -30.96
C ASP DA 46 13.26 -27.32 -29.83
N GLY DA 47 13.12 -26.88 -28.59
CA GLY DA 47 13.03 -27.78 -27.47
C GLY DA 47 14.35 -28.14 -26.82
N GLY DA 48 15.47 -27.69 -27.36
CA GLY DA 48 16.76 -27.95 -26.78
C GLY DA 48 17.22 -26.84 -25.87
N PRO DA 49 18.28 -27.08 -25.11
CA PRO DA 49 18.77 -26.06 -24.18
C PRO DA 49 19.24 -24.81 -24.89
N ALA DA 50 18.99 -23.66 -24.27
CA ALA DA 50 19.39 -22.39 -24.83
C ALA DA 50 20.88 -22.15 -24.64
N VAL DA 51 21.46 -21.34 -25.52
CA VAL DA 51 22.87 -21.00 -25.43
C VAL DA 51 23.12 -20.10 -24.23
N ASN DA 52 22.27 -19.09 -24.04
CA ASN DA 52 22.37 -18.18 -22.92
C ASN DA 52 21.37 -18.58 -21.83
N GLN DA 53 21.79 -18.41 -20.58
CA GLN DA 53 20.94 -18.75 -19.45
C GLN DA 53 20.75 -17.61 -18.45
N GLY DA 54 21.43 -16.49 -18.62
CA GLY DA 54 21.24 -15.36 -17.75
C GLY DA 54 22.28 -15.26 -16.65
N PRO DA 55 22.43 -14.06 -16.08
CA PRO DA 55 23.42 -13.86 -15.02
C PRO DA 55 23.13 -14.61 -13.74
N PHE DA 56 21.87 -14.96 -13.47
CA PHE DA 56 21.50 -15.58 -12.21
C PHE DA 56 21.52 -17.08 -12.35
N PRO DA 57 22.28 -17.82 -11.53
CA PRO DA 57 22.18 -19.28 -11.53
C PRO DA 57 20.93 -19.75 -10.81
N LEU DA 58 20.56 -20.99 -11.08
CA LEU DA 58 19.36 -21.57 -10.53
C LEU DA 58 19.49 -21.79 -9.02
N PRO DA 59 18.40 -21.71 -8.28
CA PRO DA 59 18.44 -21.97 -6.84
C PRO DA 59 18.55 -23.46 -6.53
N SER DA 60 18.84 -23.75 -5.27
CA SER DA 60 18.86 -25.13 -4.80
C SER DA 60 17.45 -25.70 -4.77
N GLN DA 61 17.36 -27.01 -4.91
CA GLN DA 61 16.07 -27.66 -4.96
C GLN DA 61 15.36 -27.54 -3.62
N LYS DA 62 14.05 -27.34 -3.69
CA LYS DA 62 13.20 -27.18 -2.53
C LYS DA 62 12.01 -28.10 -2.69
N THR DA 63 11.52 -28.67 -1.60
CA THR DA 63 10.48 -29.68 -1.65
C THR DA 63 9.22 -29.19 -0.95
N PHE DA 64 8.08 -29.49 -1.55
CA PHE DA 64 6.78 -29.29 -0.94
C PHE DA 64 6.18 -30.65 -0.62
N LYS DA 65 5.63 -30.79 0.56
CA LYS DA 65 4.89 -31.98 0.94
C LYS DA 65 3.40 -31.74 0.71
N LEU DA 66 2.76 -32.68 0.10
CA LEU DA 66 1.38 -32.40 -0.23
C LEU DA 66 0.45 -33.20 0.67
N PRO DA 67 -0.62 -32.58 1.16
CA PRO DA 67 -1.55 -33.29 2.04
C PRO DA 67 -2.34 -34.36 1.30
N HIS DA 68 -2.98 -35.21 2.09
CA HIS DA 68 -3.92 -36.22 1.60
C HIS DA 68 -3.21 -37.23 0.70
N GLY DA 69 -1.97 -37.54 1.04
CA GLY DA 69 -1.22 -38.58 0.36
C GLY DA 69 -0.90 -38.30 -1.09
N ARG DA 70 -0.62 -37.05 -1.43
CA ARG DA 70 -0.34 -36.64 -2.79
C ARG DA 70 1.13 -36.29 -2.98
N GLY DA 71 2.00 -37.02 -2.31
CA GLY DA 71 3.42 -37.04 -2.58
C GLY DA 71 4.14 -35.74 -2.30
N GLU DA 72 5.24 -35.57 -3.01
CA GLU DA 72 6.13 -34.43 -2.83
C GLU DA 72 6.40 -33.78 -4.17
N VAL DA 73 6.73 -32.51 -4.12
CA VAL DA 73 7.03 -31.72 -5.32
C VAL DA 73 8.32 -30.95 -5.05
N THR DA 74 9.32 -31.15 -5.90
CA THR DA 74 10.60 -30.48 -5.76
C THR DA 74 10.81 -29.53 -6.94
N VAL DA 75 11.20 -28.31 -6.63
CA VAL DA 75 11.44 -27.30 -7.66
C VAL DA 75 12.70 -26.52 -7.32
N PRO DA 76 13.45 -26.08 -8.35
CA PRO DA 76 13.24 -26.34 -9.78
C PRO DA 76 13.40 -27.81 -10.14
N ASP DA 77 12.57 -28.27 -11.07
CA ASP DA 77 12.50 -29.67 -11.43
C ASP DA 77 13.41 -30.04 -12.59
N TYR DA 78 13.88 -29.06 -13.36
CA TYR DA 78 14.71 -29.26 -14.55
C TYR DA 78 14.03 -30.11 -15.62
N LYS DA 79 12.74 -30.39 -15.49
CA LYS DA 79 12.04 -31.20 -16.47
C LYS DA 79 11.44 -30.32 -17.55
N LYS DA 80 11.28 -30.91 -18.72
CA LYS DA 80 10.61 -30.20 -19.80
C LYS DA 80 9.13 -30.53 -19.80
N GLU DA 81 8.36 -29.64 -20.42
CA GLU DA 81 6.91 -29.74 -20.44
C GLU DA 81 6.46 -31.09 -20.99
N ALA DA 82 5.46 -31.68 -20.34
CA ALA DA 82 5.05 -33.05 -20.62
C ALA DA 82 3.87 -33.13 -21.59
N ARG DA 83 3.82 -32.22 -22.57
CA ARG DA 83 2.84 -32.29 -23.63
C ARG DA 83 3.48 -31.83 -24.93
N ASP DA 84 2.98 -32.37 -26.03
CA ASP DA 84 3.41 -31.95 -27.35
C ASP DA 84 2.55 -30.80 -27.84
N VAL DA 85 3.17 -29.88 -28.57
CA VAL DA 85 2.50 -28.64 -28.98
C VAL DA 85 2.55 -28.54 -30.49
N ALA DA 86 1.37 -28.58 -31.12
CA ALA DA 86 1.25 -28.68 -32.57
C ALA DA 86 1.44 -27.31 -33.21
N LEU DA 87 2.66 -26.80 -33.07
CA LEU DA 87 3.07 -25.57 -33.72
C LEU DA 87 4.18 -25.87 -34.71
N ALA DA 88 4.54 -24.85 -35.47
CA ALA DA 88 5.66 -24.93 -36.40
C ALA DA 88 6.16 -23.52 -36.64
N ARG DA 89 7.47 -23.33 -36.56
CA ARG DA 89 8.05 -22.01 -36.61
C ARG DA 89 7.88 -21.39 -38.00
N THR DA 90 7.65 -20.08 -38.03
CA THR DA 90 7.43 -19.35 -39.27
C THR DA 90 8.70 -18.72 -39.83
N ALA DA 91 9.83 -18.88 -39.14
CA ALA DA 91 11.08 -18.29 -39.61
C ALA DA 91 12.24 -19.10 -39.04
N VAL DA 92 13.35 -19.08 -39.75
CA VAL DA 92 14.55 -19.78 -39.27
C VAL DA 92 15.26 -19.00 -38.18
N ASN DA 93 15.10 -17.69 -38.14
CA ASN DA 93 15.67 -16.90 -37.06
C ASN DA 93 14.91 -17.19 -35.77
N ASP DA 94 15.19 -16.41 -34.74
CA ASP DA 94 14.46 -16.48 -33.48
C ASP DA 94 13.64 -15.22 -33.31
N GLY DA 95 12.70 -15.27 -32.37
CA GLY DA 95 11.91 -14.11 -32.03
C GLY DA 95 10.70 -13.88 -32.88
N PHE DA 96 10.26 -14.86 -33.66
CA PHE DA 96 9.10 -14.74 -34.50
C PHE DA 96 8.05 -15.78 -34.10
N PRO DA 97 6.77 -15.50 -34.32
CA PRO DA 97 5.73 -16.42 -33.86
C PRO DA 97 5.77 -17.75 -34.57
N HIS DA 98 5.33 -18.78 -33.86
CA HIS DA 98 5.16 -20.10 -34.42
C HIS DA 98 3.69 -20.28 -34.78
N ALA DA 99 3.44 -20.88 -35.94
CA ALA DA 99 2.05 -20.92 -36.37
C ALA DA 99 1.43 -22.26 -36.07
N PRO DA 100 0.16 -22.29 -35.69
CA PRO DA 100 -0.53 -23.56 -35.48
C PRO DA 100 -0.56 -24.38 -36.76
N THR DA 101 -0.35 -25.69 -36.60
CA THR DA 101 -0.35 -26.59 -37.74
C THR DA 101 -1.72 -27.22 -38.00
N GLY DA 102 -2.67 -27.03 -37.10
CA GLY DA 102 -4.02 -27.50 -37.31
C GLY DA 102 -5.01 -26.53 -36.71
N ASN DA 103 -6.05 -27.05 -36.07
CA ASN DA 103 -7.00 -26.20 -35.39
C ASN DA 103 -6.40 -25.72 -34.07
N PRO DA 104 -6.17 -24.42 -33.90
CA PRO DA 104 -5.54 -23.94 -32.66
C PRO DA 104 -6.35 -24.25 -31.41
N MET DA 105 -7.69 -24.25 -31.50
CA MET DA 105 -8.51 -24.49 -30.33
C MET DA 105 -8.56 -25.97 -29.97
N LEU DA 106 -8.62 -26.85 -30.96
CA LEU DA 106 -8.66 -28.28 -30.69
C LEU DA 106 -7.29 -28.80 -30.29
N ASP DA 107 -6.22 -28.22 -30.83
CA ASP DA 107 -4.87 -28.66 -30.50
C ASP DA 107 -4.43 -28.12 -29.15
N GLY DA 108 -4.92 -26.96 -28.75
CA GLY DA 108 -4.60 -26.42 -27.46
C GLY DA 108 -3.36 -25.57 -27.45
N VAL DA 109 -3.25 -24.64 -28.38
CA VAL DA 109 -2.06 -23.82 -28.52
C VAL DA 109 -2.48 -22.36 -28.51
N GLY DA 110 -1.51 -21.48 -28.29
CA GLY DA 110 -1.76 -20.06 -28.19
C GLY DA 110 -2.55 -19.70 -26.96
N PRO DA 111 -3.56 -18.84 -27.12
CA PRO DA 111 -4.43 -18.51 -25.98
C PRO DA 111 -5.31 -19.66 -25.56
N ALA DA 112 -5.34 -20.73 -26.33
CA ALA DA 112 -6.03 -21.96 -25.98
C ALA DA 112 -5.11 -23.00 -25.38
N SER DA 113 -3.91 -22.60 -24.99
CA SER DA 113 -2.96 -23.56 -24.42
C SER DA 113 -3.41 -24.04 -23.06
N TRP DA 114 -3.32 -25.34 -22.83
CA TRP DA 114 -3.47 -25.91 -21.51
C TRP DA 114 -2.13 -26.50 -21.07
N ALA DA 115 -1.89 -26.43 -19.77
CA ALA DA 115 -0.74 -27.03 -19.08
C ALA DA 115 -1.10 -28.43 -18.61
N PRO DA 116 -0.19 -29.39 -18.72
CA PRO DA 116 -0.49 -30.78 -18.30
C PRO DA 116 -0.45 -30.96 -16.77
N ARG DA 117 -1.57 -30.64 -16.14
CA ARG DA 117 -1.74 -30.85 -14.71
C ARG DA 117 -2.18 -32.28 -14.42
N ARG DA 118 -2.20 -32.62 -13.14
CA ARG DA 118 -2.56 -33.97 -12.73
C ARG DA 118 -4.04 -34.24 -12.99
N ASP DA 119 -4.34 -35.47 -13.39
CA ASP DA 119 -5.70 -35.88 -13.69
C ASP DA 119 -6.45 -36.33 -12.44
N ILE DA 120 -6.40 -35.51 -11.41
CA ILE DA 120 -7.11 -35.77 -10.15
C ILE DA 120 -7.74 -34.49 -9.66
N PRO DA 121 -8.83 -34.60 -8.91
CA PRO DA 121 -9.52 -33.40 -8.44
C PRO DA 121 -8.72 -32.66 -7.37
N GLU DA 122 -8.74 -31.34 -7.45
CA GLU DA 122 -8.23 -30.53 -6.35
C GLU DA 122 -9.09 -30.76 -5.12
N LEU DA 123 -8.44 -30.78 -3.96
CA LEU DA 123 -9.10 -31.15 -2.72
C LEU DA 123 -9.20 -29.96 -1.78
N ASP DA 124 -10.22 -29.98 -0.93
CA ASP DA 124 -10.30 -29.02 0.15
C ASP DA 124 -9.54 -29.56 1.36
N GLY DA 125 -9.53 -28.76 2.44
CA GLY DA 125 -8.75 -29.09 3.63
C GLY DA 125 -9.13 -30.39 4.30
N HIS DA 126 -10.32 -30.93 4.01
CA HIS DA 126 -10.78 -32.17 4.61
C HIS DA 126 -10.62 -33.36 3.68
N GLY DA 127 -10.00 -33.18 2.51
CA GLY DA 127 -9.77 -34.28 1.60
C GLY DA 127 -10.90 -34.63 0.67
N HIS DA 128 -11.93 -33.80 0.59
CA HIS DA 128 -13.01 -34.03 -0.37
C HIS DA 128 -12.76 -33.24 -1.64
N ALA DA 129 -13.49 -33.60 -2.68
CA ALA DA 129 -13.41 -32.87 -3.94
C ALA DA 129 -13.83 -31.42 -3.76
N LYS DA 130 -13.02 -30.51 -4.24
CA LYS DA 130 -13.18 -29.10 -3.95
C LYS DA 130 -14.28 -28.44 -4.77
N VAL DA 131 -14.50 -28.88 -6.01
CA VAL DA 131 -15.47 -28.28 -6.91
C VAL DA 131 -16.42 -29.36 -7.38
N VAL DA 132 -17.70 -29.19 -7.08
CA VAL DA 132 -18.69 -30.25 -7.31
C VAL DA 132 -20.00 -29.63 -7.76
N PRO DA 133 -20.82 -30.39 -8.48
CA PRO DA 133 -22.19 -29.92 -8.76
C PRO DA 133 -23.01 -29.80 -7.49
N MET DA 134 -23.90 -28.82 -7.46
CA MET DA 134 -24.73 -28.62 -6.27
C MET DA 134 -25.62 -29.80 -5.97
N SER DA 135 -25.87 -30.67 -6.94
CA SER DA 135 -26.54 -31.93 -6.65
C SER DA 135 -25.76 -32.77 -5.67
N VAL DA 136 -24.45 -32.58 -5.60
CA VAL DA 136 -23.60 -33.32 -4.67
C VAL DA 136 -23.42 -32.55 -3.37
N ALA DA 137 -23.15 -31.25 -3.45
CA ALA DA 137 -22.95 -30.46 -2.24
C ALA DA 137 -24.19 -30.50 -1.35
N SER DA 138 -25.35 -30.17 -1.92
CA SER DA 138 -26.66 -30.49 -1.35
C SER DA 138 -27.02 -29.68 -0.11
N ALA DA 139 -26.10 -28.89 0.41
CA ALA DA 139 -26.40 -27.93 1.45
C ALA DA 139 -26.22 -26.50 0.96
N PHE DA 140 -25.77 -26.33 -0.27
CA PHE DA 140 -25.60 -25.02 -0.86
C PHE DA 140 -26.92 -24.56 -1.46
N PHE DA 141 -27.13 -23.26 -1.41
CA PHE DA 141 -28.32 -22.64 -1.96
C PHE DA 141 -27.93 -21.25 -2.43
N VAL DA 142 -28.72 -20.73 -3.37
CA VAL DA 142 -28.46 -19.38 -3.86
C VAL DA 142 -28.83 -18.39 -2.77
N SER DA 143 -27.93 -17.47 -2.48
CA SER DA 143 -28.06 -16.54 -1.37
C SER DA 143 -28.39 -15.12 -1.80
N ALA DA 144 -27.85 -14.68 -2.93
CA ALA DA 144 -28.12 -13.37 -3.47
C ALA DA 144 -27.83 -13.43 -4.96
N GLY DA 145 -28.21 -12.38 -5.66
CA GLY DA 145 -28.08 -12.38 -7.11
C GLY DA 145 -29.12 -13.29 -7.73
N ARG DA 146 -29.12 -13.33 -9.05
CA ARG DA 146 -30.12 -14.10 -9.78
C ARG DA 146 -29.58 -15.49 -10.14
N ASP DA 147 -30.37 -16.50 -9.85
CA ASP DA 147 -30.04 -17.86 -10.18
C ASP DA 147 -30.04 -18.04 -11.69
N PRO DA 148 -28.96 -18.54 -12.29
CA PRO DA 148 -28.94 -18.72 -13.75
C PRO DA 148 -29.59 -20.00 -14.23
N ARG DA 149 -29.93 -20.92 -13.33
CA ARG DA 149 -30.43 -22.22 -13.75
C ARG DA 149 -31.75 -22.07 -14.49
N GLY DA 150 -31.86 -22.75 -15.63
CA GLY DA 150 -33.03 -22.66 -16.47
C GLY DA 150 -32.94 -21.58 -17.54
N LEU DA 151 -32.01 -20.65 -17.43
CA LEU DA 151 -31.87 -19.61 -18.42
C LEU DA 151 -31.25 -20.16 -19.71
N PRO DA 152 -31.59 -19.59 -20.86
CA PRO DA 152 -30.87 -19.93 -22.08
C PRO DA 152 -29.47 -19.33 -22.08
N VAL DA 153 -28.56 -19.98 -22.79
CA VAL DA 153 -27.19 -19.51 -22.93
C VAL DA 153 -26.93 -19.14 -24.39
N ILE DA 154 -26.39 -17.94 -24.60
CA ILE DA 154 -26.22 -17.35 -25.92
C ILE DA 154 -24.73 -17.19 -26.20
N ALA DA 155 -24.28 -17.69 -27.35
CA ALA DA 155 -22.88 -17.67 -27.74
C ALA DA 155 -22.46 -16.28 -28.21
N ASN DA 156 -21.23 -16.15 -28.71
CA ASN DA 156 -20.71 -14.84 -29.06
C ASN DA 156 -21.27 -14.32 -30.38
N ASP DA 157 -21.74 -15.21 -31.24
CA ASP DA 157 -22.77 -14.87 -32.20
C ASP DA 157 -24.10 -15.03 -31.48
N MET DA 158 -25.05 -14.17 -31.79
CA MET DA 158 -26.27 -14.18 -31.00
C MET DA 158 -27.14 -15.40 -31.30
N LYS DA 159 -26.64 -16.59 -30.98
CA LYS DA 159 -27.41 -17.81 -31.14
C LYS DA 159 -27.39 -18.56 -29.81
N THR DA 160 -28.53 -19.12 -29.44
CA THR DA 160 -28.64 -19.82 -28.17
C THR DA 160 -28.23 -21.27 -28.34
N VAL DA 161 -27.35 -21.74 -27.47
CA VAL DA 161 -26.82 -23.09 -27.57
C VAL DA 161 -27.46 -24.05 -26.57
N GLY DA 162 -28.21 -23.54 -25.60
CA GLY DA 162 -28.86 -24.41 -24.64
C GLY DA 162 -29.24 -23.64 -23.39
N THR DA 163 -29.46 -24.39 -22.32
CA THR DA 163 -29.91 -23.83 -21.05
C THR DA 163 -29.03 -24.27 -19.90
N VAL DA 164 -28.91 -23.39 -18.91
CA VAL DA 164 -28.18 -23.71 -17.69
C VAL DA 164 -29.00 -24.68 -16.86
N THR DA 165 -28.41 -25.82 -16.52
CA THR DA 165 -29.11 -26.85 -15.78
C THR DA 165 -28.53 -27.13 -14.40
N GLU DA 166 -27.35 -26.62 -14.08
CA GLU DA 166 -26.68 -26.99 -12.85
C GLU DA 166 -25.54 -26.00 -12.62
N MET DA 167 -25.24 -25.78 -11.34
CA MET DA 167 -24.05 -25.01 -10.98
C MET DA 167 -23.06 -25.92 -10.25
N TRP DA 168 -21.79 -25.70 -10.54
CA TRP DA 168 -20.68 -26.35 -9.87
C TRP DA 168 -20.04 -25.32 -8.96
N VAL DA 169 -20.00 -25.64 -7.67
CA VAL DA 169 -19.55 -24.74 -6.62
C VAL DA 169 -18.25 -25.26 -6.03
N ASP DA 170 -17.48 -24.32 -5.52
CA ASP DA 170 -16.33 -24.60 -4.67
C ASP DA 170 -16.82 -24.69 -3.23
N VAL DA 171 -16.71 -25.88 -2.63
CA VAL DA 171 -17.25 -26.08 -1.29
C VAL DA 171 -16.38 -25.46 -0.21
N ALA DA 172 -15.11 -25.19 -0.49
CA ALA DA 172 -14.25 -24.55 0.49
C ALA DA 172 -14.47 -23.05 0.52
N GLU DA 173 -14.20 -22.37 -0.59
CA GLU DA 173 -14.58 -20.98 -0.75
C GLU DA 173 -15.96 -20.95 -1.38
N HIS DA 174 -16.94 -20.43 -0.67
CA HIS DA 174 -18.33 -20.59 -1.10
C HIS DA 174 -18.60 -19.77 -2.35
N MET DA 175 -18.41 -20.38 -3.50
CA MET DA 175 -18.46 -19.70 -4.79
C MET DA 175 -19.00 -20.65 -5.83
N VAL DA 176 -19.69 -20.09 -6.82
CA VAL DA 176 -20.00 -20.84 -8.03
C VAL DA 176 -18.81 -20.73 -8.97
N ARG DA 177 -18.37 -21.85 -9.51
CA ARG DA 177 -17.25 -21.86 -10.42
C ARG DA 177 -17.59 -22.29 -11.83
N TYR DA 178 -18.60 -23.14 -12.03
CA TYR DA 178 -18.96 -23.52 -13.39
C TYR DA 178 -20.47 -23.55 -13.55
N LEU DA 179 -20.91 -23.31 -14.78
CA LEU DA 179 -22.28 -23.52 -15.19
C LEU DA 179 -22.33 -24.72 -16.11
N GLU DA 180 -23.17 -25.68 -15.79
CA GLU DA 180 -23.38 -26.83 -16.64
C GLU DA 180 -24.47 -26.51 -17.65
N VAL DA 181 -24.13 -26.58 -18.93
CA VAL DA 181 -25.04 -26.25 -20.00
C VAL DA 181 -25.52 -27.54 -20.65
N ASP DA 182 -26.82 -27.67 -20.79
CA ASP DA 182 -27.39 -28.71 -21.62
C ASP DA 182 -27.55 -28.15 -23.02
N LEU DA 183 -26.95 -28.83 -24.00
CA LEU DA 183 -26.83 -28.32 -25.35
C LEU DA 183 -27.89 -28.91 -26.26
N ALA DA 184 -28.42 -28.08 -27.16
CA ALA DA 184 -29.25 -28.60 -28.23
C ALA DA 184 -28.43 -29.45 -29.20
N SER DA 185 -27.10 -29.29 -29.20
CA SER DA 185 -26.23 -30.20 -29.95
C SER DA 185 -26.52 -31.65 -29.60
N GLY DA 186 -26.70 -31.94 -28.32
CA GLY DA 186 -27.02 -33.30 -27.89
C GLY DA 186 -26.37 -33.70 -26.59
N GLY DA 187 -25.46 -32.88 -26.08
CA GLY DA 187 -24.76 -33.24 -24.86
C GLY DA 187 -24.68 -32.12 -23.85
N LYS DA 188 -23.69 -32.19 -22.96
CA LYS DA 188 -23.53 -31.23 -21.88
C LYS DA 188 -22.21 -30.50 -22.01
N CYS DA 189 -22.02 -29.51 -21.16
CA CYS DA 189 -20.92 -28.57 -21.29
C CYS DA 189 -20.76 -27.80 -19.99
N LEU DA 190 -19.53 -27.61 -19.57
CA LEU DA 190 -19.22 -26.75 -18.44
C LEU DA 190 -18.70 -25.42 -18.97
N VAL DA 191 -19.18 -24.33 -18.40
CA VAL DA 191 -18.75 -22.99 -18.77
C VAL DA 191 -18.22 -22.31 -17.52
N PRO DA 192 -17.01 -21.78 -17.53
CA PRO DA 192 -16.50 -21.09 -16.35
C PRO DA 192 -17.34 -19.87 -16.02
N MET DA 193 -17.71 -19.75 -14.74
CA MET DA 193 -18.44 -18.57 -14.29
C MET DA 193 -17.70 -17.28 -14.58
N THR DA 194 -16.37 -17.32 -14.59
CA THR DA 194 -15.61 -16.14 -14.97
C THR DA 194 -15.78 -15.76 -16.42
N MET DA 195 -16.35 -16.63 -17.25
CA MET DA 195 -16.54 -16.35 -18.67
C MET DA 195 -18.00 -16.21 -19.06
N ALA DA 196 -18.91 -16.12 -18.10
CA ALA DA 196 -20.32 -16.01 -18.37
C ALA DA 196 -20.86 -14.77 -17.69
N ILE DA 197 -21.76 -14.08 -18.37
CA ILE DA 197 -22.48 -12.96 -17.78
C ILE DA 197 -23.94 -13.38 -17.65
N ILE DA 198 -24.45 -13.36 -16.43
CA ILE DA 198 -25.84 -13.70 -16.16
C ILE DA 198 -26.67 -12.44 -16.27
N LYS DA 199 -27.73 -12.52 -17.06
CA LYS DA 199 -28.69 -11.43 -17.19
C LYS DA 199 -30.08 -11.98 -16.97
N LYS DA 200 -31.07 -11.09 -17.04
CA LYS DA 200 -32.44 -11.48 -16.76
C LYS DA 200 -32.93 -12.53 -17.74
N HIS DA 201 -32.63 -12.35 -19.02
CA HIS DA 201 -33.16 -13.25 -20.04
C HIS DA 201 -32.24 -14.42 -20.33
N ALA DA 202 -30.93 -14.26 -20.18
CA ALA DA 202 -30.01 -15.29 -20.62
C ALA DA 202 -28.67 -15.12 -19.94
N VAL DA 203 -27.85 -16.14 -20.06
CA VAL DA 203 -26.43 -16.04 -19.75
C VAL DA 203 -25.68 -15.93 -21.08
N VAL DA 204 -24.92 -14.86 -21.24
CA VAL DA 204 -24.23 -14.58 -22.48
C VAL DA 204 -22.75 -14.86 -22.32
N VAL DA 205 -22.21 -15.64 -23.25
CA VAL DA 205 -20.81 -16.04 -23.25
C VAL DA 205 -20.17 -15.43 -24.49
N GLN DA 206 -19.48 -14.30 -24.31
CA GLN DA 206 -18.90 -13.56 -25.42
C GLN DA 206 -17.46 -13.98 -25.70
N SER DA 207 -17.19 -15.28 -25.75
CA SER DA 207 -15.85 -15.74 -26.06
C SER DA 207 -15.85 -16.92 -27.00
N ILE DA 208 -16.99 -17.52 -27.25
CA ILE DA 208 -17.11 -18.82 -27.88
C ILE DA 208 -18.29 -18.76 -28.85
N SER DA 209 -18.07 -19.27 -30.06
CA SER DA 209 -19.13 -19.33 -31.05
C SER DA 209 -20.06 -20.50 -30.76
N SER DA 210 -21.19 -20.52 -31.47
CA SER DA 210 -22.14 -21.61 -31.32
C SER DA 210 -21.57 -22.92 -31.88
N ALA DA 211 -20.80 -22.83 -32.96
CA ALA DA 211 -20.15 -24.03 -33.49
C ALA DA 211 -19.08 -24.55 -32.55
N ALA DA 212 -18.41 -23.65 -31.82
CA ALA DA 212 -17.43 -24.08 -30.84
C ALA DA 212 -18.06 -24.88 -29.71
N PHE DA 213 -19.28 -24.52 -29.30
CA PHE DA 213 -19.94 -25.26 -28.22
C PHE DA 213 -20.14 -26.73 -28.53
N ALA DA 214 -20.14 -27.11 -29.80
CA ALA DA 214 -20.29 -28.53 -30.12
C ALA DA 214 -19.08 -29.34 -29.68
N SER DA 215 -17.91 -28.72 -29.53
CA SER DA 215 -16.70 -29.41 -29.11
C SER DA 215 -16.08 -28.65 -27.95
N VAL DA 216 -16.59 -28.88 -26.75
CA VAL DA 216 -15.97 -28.35 -25.54
C VAL DA 216 -15.33 -29.55 -24.86
N PRO DA 217 -14.13 -29.42 -24.30
CA PRO DA 217 -13.50 -30.54 -23.61
C PRO DA 217 -14.40 -31.11 -22.52
N GLN DA 218 -14.58 -32.42 -22.56
CA GLN DA 218 -15.49 -33.12 -21.67
C GLN DA 218 -14.80 -33.51 -20.36
N THR DA 219 -15.61 -33.84 -19.38
CA THR DA 219 -15.14 -34.39 -18.11
C THR DA 219 -15.46 -35.88 -18.06
N LYS DA 220 -14.59 -36.64 -17.39
CA LYS DA 220 -14.82 -38.07 -17.24
C LYS DA 220 -16.10 -38.33 -16.45
N SER DA 221 -16.31 -37.54 -15.41
CA SER DA 221 -17.39 -37.74 -14.45
C SER DA 221 -18.19 -36.46 -14.33
N MET DA 222 -19.46 -36.60 -13.96
CA MET DA 222 -20.30 -35.44 -13.71
C MET DA 222 -20.52 -35.18 -12.24
N THR DA 223 -19.72 -35.79 -11.37
CA THR DA 223 -19.73 -35.46 -9.94
C THR DA 223 -18.45 -34.82 -9.45
N GLU DA 224 -17.37 -34.90 -10.21
CA GLU DA 224 -16.12 -34.24 -9.84
C GLU DA 224 -15.37 -33.87 -11.11
N ILE DA 225 -14.42 -32.96 -10.99
CA ILE DA 225 -13.64 -32.51 -12.12
C ILE DA 225 -12.16 -32.43 -11.72
N SER DA 226 -11.31 -32.98 -12.59
CA SER DA 226 -9.86 -32.97 -12.38
C SER DA 226 -9.27 -31.62 -12.73
N MET DA 227 -8.07 -31.36 -12.21
CA MET DA 227 -7.38 -30.12 -12.56
C MET DA 227 -7.01 -30.09 -14.04
N LEU DA 228 -6.75 -31.25 -14.64
CA LEU DA 228 -6.47 -31.31 -16.07
C LEU DA 228 -7.71 -30.95 -16.89
N GLU DA 229 -8.86 -31.50 -16.52
CA GLU DA 229 -10.10 -31.12 -17.19
C GLU DA 229 -10.42 -29.65 -17.00
N GLU DA 230 -10.17 -29.12 -15.80
CA GLU DA 230 -10.38 -27.71 -15.55
C GLU DA 230 -9.50 -26.86 -16.48
N GLU DA 231 -8.23 -27.23 -16.59
CA GLU DA 231 -7.33 -26.50 -17.48
C GLU DA 231 -7.84 -26.51 -18.91
N LYS DA 232 -8.25 -27.69 -19.39
CA LYS DA 232 -8.68 -27.80 -20.77
C LYS DA 232 -9.92 -26.95 -21.05
N ILE DA 233 -10.91 -26.99 -20.16
CA ILE DA 233 -12.14 -26.22 -20.38
C ILE DA 233 -11.86 -24.72 -20.34
N CYS DA 234 -11.12 -24.28 -19.33
CA CYS DA 234 -10.87 -22.85 -19.20
C CYS DA 234 -10.00 -22.35 -20.34
N ALA DA 235 -9.03 -23.17 -20.77
CA ALA DA 235 -8.17 -22.81 -21.89
C ALA DA 235 -8.96 -22.74 -23.18
N TYR DA 236 -9.92 -23.64 -23.37
CA TYR DA 236 -10.76 -23.60 -24.56
C TYR DA 236 -11.50 -22.26 -24.65
N PHE DA 237 -12.09 -21.81 -23.54
CA PHE DA 237 -12.81 -20.54 -23.61
C PHE DA 237 -11.87 -19.34 -23.80
N ALA DA 238 -10.76 -19.32 -23.05
CA ALA DA 238 -9.82 -18.23 -23.19
C ALA DA 238 -9.21 -18.17 -24.58
N GLY DA 239 -9.05 -19.32 -25.23
CA GLY DA 239 -8.56 -19.32 -26.60
C GLY DA 239 -9.60 -18.89 -27.59
N GLY DA 240 -10.86 -19.23 -27.32
CA GLY DA 240 -11.94 -18.70 -28.13
C GLY DA 240 -11.92 -17.19 -28.18
N THR DA 241 -11.47 -16.54 -27.11
CA THR DA 241 -11.42 -15.08 -27.17
C THR DA 241 -10.58 -14.55 -28.35
N MET DA 242 -9.63 -15.33 -28.87
CA MET DA 242 -8.92 -15.03 -30.11
C MET DA 242 -9.51 -15.75 -31.32
N TYR DA 243 -9.68 -17.06 -31.24
CA TYR DA 243 -9.98 -17.90 -32.40
C TYR DA 243 -11.46 -18.00 -32.71
N CYS DA 244 -12.30 -17.20 -32.05
CA CYS DA 244 -13.71 -17.11 -32.35
C CYS DA 244 -14.17 -15.68 -32.52
N ALA DA 245 -13.26 -14.71 -32.48
CA ALA DA 245 -13.63 -13.31 -32.45
C ALA DA 245 -14.25 -12.84 -33.76
N ASP DA 246 -14.04 -13.55 -34.86
CA ASP DA 246 -14.60 -13.12 -36.13
C ASP DA 246 -16.10 -13.43 -36.24
N ALA DA 247 -16.61 -14.35 -35.41
CA ALA DA 247 -18.03 -14.68 -35.44
C ALA DA 247 -18.91 -13.62 -34.78
N LYS DA 248 -18.32 -12.62 -34.15
CA LYS DA 248 -19.08 -11.61 -33.43
C LYS DA 248 -19.85 -10.74 -34.42
N PRO DA 249 -20.92 -10.07 -33.96
CA PRO DA 249 -21.75 -9.28 -34.86
C PRO DA 249 -20.97 -8.19 -35.56
N LYS DA 250 -21.58 -7.64 -36.60
CA LYS DA 250 -20.96 -6.67 -37.51
C LYS DA 250 -19.82 -7.32 -38.28
N SER EA 2 37.38 -31.03 25.65
CA SER EA 2 36.60 -31.96 26.45
C SER EA 2 35.81 -32.92 25.56
N LYS EA 3 34.51 -32.64 25.37
CA LYS EA 3 33.67 -33.48 24.54
C LYS EA 3 32.69 -32.67 23.70
N PHE EA 4 33.02 -31.40 23.42
CA PHE EA 4 32.09 -30.48 22.81
C PHE EA 4 31.71 -30.84 21.38
N TYR EA 5 32.41 -31.80 20.74
CA TYR EA 5 32.19 -32.04 19.31
C TYR EA 5 30.74 -32.37 19.00
N LYS EA 6 29.99 -32.87 19.98
CA LYS EA 6 28.61 -33.24 19.73
C LYS EA 6 27.72 -32.04 19.40
N ILE EA 7 28.18 -30.82 19.64
CA ILE EA 7 27.40 -29.66 19.18
C ILE EA 7 27.25 -29.70 17.68
N TRP EA 8 28.24 -30.25 16.97
CA TRP EA 8 28.17 -30.36 15.53
C TRP EA 8 27.19 -31.43 15.08
N LEU EA 9 26.68 -32.22 16.01
CA LEU EA 9 25.56 -33.11 15.73
C LEU EA 9 24.22 -32.42 15.84
N ILE EA 10 24.18 -31.24 16.45
CA ILE EA 10 22.94 -30.52 16.72
C ILE EA 10 22.80 -29.30 15.83
N PHE EA 11 23.89 -28.57 15.61
CA PHE EA 11 23.89 -27.35 14.81
C PHE EA 11 24.59 -27.64 13.50
N ASP EA 12 23.93 -27.34 12.38
CA ASP EA 12 24.51 -27.61 11.08
C ASP EA 12 25.77 -26.77 10.89
N PRO EA 13 26.91 -27.39 10.55
CA PRO EA 13 28.16 -26.63 10.47
C PRO EA 13 28.16 -25.55 9.41
N ARG EA 14 27.45 -25.75 8.30
CA ARG EA 14 27.42 -24.72 7.27
C ARG EA 14 26.80 -23.44 7.81
N ARG EA 15 25.61 -23.56 8.41
CA ARG EA 15 24.94 -22.39 8.93
C ARG EA 15 25.75 -21.75 10.05
N VAL EA 16 26.28 -22.55 10.96
CA VAL EA 16 27.02 -22.01 12.09
C VAL EA 16 28.28 -21.29 11.62
N PHE EA 17 29.01 -21.90 10.69
CA PHE EA 17 30.25 -21.29 10.23
C PHE EA 17 29.98 -19.99 9.49
N VAL EA 18 28.98 -19.97 8.60
CA VAL EA 18 28.68 -18.75 7.87
C VAL EA 18 28.23 -17.67 8.84
N ALA EA 19 27.34 -18.01 9.77
CA ALA EA 19 26.85 -17.04 10.73
C ALA EA 19 27.98 -16.49 11.59
N GLN EA 20 28.88 -17.36 12.05
CA GLN EA 20 29.97 -16.93 12.89
C GLN EA 20 30.95 -16.05 12.12
N GLY EA 21 31.22 -16.38 10.86
CA GLY EA 21 32.06 -15.52 10.05
C GLY EA 21 31.47 -14.14 9.88
N VAL EA 22 30.18 -14.09 9.55
CA VAL EA 22 29.50 -12.80 9.39
C VAL EA 22 29.56 -12.00 10.68
N PHE EA 23 29.27 -12.65 11.80
CA PHE EA 23 29.24 -11.96 13.08
C PHE EA 23 30.61 -11.43 13.47
N LEU EA 24 31.65 -12.26 13.31
CA LEU EA 24 33.00 -11.81 13.64
C LEU EA 24 33.42 -10.65 12.76
N PHE EA 25 33.11 -10.71 11.46
CA PHE EA 25 33.47 -9.62 10.57
C PHE EA 25 32.77 -8.33 10.97
N LEU EA 26 31.47 -8.41 11.27
CA LEU EA 26 30.75 -7.20 11.65
C LEU EA 26 31.26 -6.64 12.97
N LEU EA 27 31.57 -7.51 13.93
CA LEU EA 27 32.11 -7.04 15.20
C LEU EA 27 33.44 -6.33 14.99
N ALA EA 28 34.32 -6.91 14.19
CA ALA EA 28 35.61 -6.29 13.93
C ALA EA 28 35.45 -4.95 13.23
N VAL EA 29 34.53 -4.88 12.26
CA VAL EA 29 34.31 -3.63 11.55
C VAL EA 29 33.80 -2.55 12.49
N MET EA 30 32.83 -2.89 13.35
CA MET EA 30 32.31 -1.87 14.26
C MET EA 30 33.34 -1.44 15.29
N ILE EA 31 34.18 -2.36 15.77
CA ILE EA 31 35.22 -1.94 16.71
C ILE EA 31 36.21 -0.99 16.04
N HIS EA 32 36.62 -1.31 14.81
CA HIS EA 32 37.51 -0.40 14.09
C HIS EA 32 36.88 0.95 13.86
N LEU EA 33 35.59 0.96 13.50
CA LEU EA 33 34.90 2.22 13.26
C LEU EA 33 34.77 3.03 14.53
N MET EA 34 34.51 2.37 15.67
CA MET EA 34 34.52 3.06 16.94
C MET EA 34 35.87 3.69 17.22
N LEU EA 35 36.95 2.96 16.95
CA LEU EA 35 38.27 3.54 17.15
C LEU EA 35 38.52 4.72 16.22
N LEU EA 36 38.09 4.62 14.97
CA LEU EA 36 38.29 5.71 14.01
C LEU EA 36 37.48 6.94 14.38
N SER EA 37 36.26 6.75 14.88
CA SER EA 37 35.41 7.87 15.22
C SER EA 37 35.93 8.64 16.42
N ASN EA 38 36.66 7.98 17.30
CA ASN EA 38 37.21 8.64 18.46
C ASN EA 38 38.54 9.29 18.11
N PRO EA 39 38.68 10.60 18.25
CA PRO EA 39 39.93 11.25 17.82
C PRO EA 39 41.04 11.11 18.84
N GLY EA 40 41.19 9.92 19.42
CA GLY EA 40 42.28 9.63 20.30
C GLY EA 40 42.88 8.31 19.90
N PHE EA 41 42.13 7.58 19.09
CA PHE EA 41 42.56 6.29 18.55
C PHE EA 41 42.38 6.23 17.04
N ASN EA 42 42.24 7.38 16.38
CA ASN EA 42 42.16 7.45 14.93
C ASN EA 42 43.58 7.44 14.39
N TRP EA 43 44.02 6.27 13.91
CA TRP EA 43 45.45 6.09 13.66
C TRP EA 43 45.93 6.90 12.47
N LEU EA 44 45.07 7.14 11.48
CA LEU EA 44 45.47 7.95 10.34
C LEU EA 44 45.83 9.37 10.76
N ASP EA 45 44.97 10.00 11.56
CA ASP EA 45 45.26 11.34 12.03
C ASP EA 45 46.40 11.36 13.03
N ILE EA 46 46.51 10.32 13.86
CA ILE EA 46 47.61 10.24 14.81
C ILE EA 46 48.94 10.22 14.07
N SER EA 47 49.03 9.40 13.02
CA SER EA 47 50.27 9.32 12.26
C SER EA 47 50.52 10.60 11.47
N GLY EA 48 49.46 11.26 10.99
CA GLY EA 48 49.64 12.55 10.38
C GLY EA 48 50.27 13.55 11.33
N VAL EA 49 49.83 13.56 12.59
CA VAL EA 49 50.40 14.47 13.57
C VAL EA 49 51.82 14.04 13.95
N LYS EA 50 52.05 12.73 14.06
CA LYS EA 50 53.33 12.24 14.57
C LYS EA 50 54.47 12.56 13.62
N TYR EA 51 54.25 12.44 12.31
CA TYR EA 51 55.28 12.67 11.33
C TYR EA 51 55.18 14.02 10.64
N GLU EA 52 54.42 14.96 11.21
CA GLU EA 52 54.19 16.28 10.60
C GLU EA 52 53.62 16.15 9.19
N ARG EA 53 52.37 15.69 9.17
CA ARG EA 53 51.63 15.38 7.93
C ARG EA 53 52.23 14.18 7.22
N VAL EA 54 52.74 13.25 8.00
CA VAL EA 54 53.40 12.04 7.54
C VAL EA 54 54.54 12.40 6.60
N ASP FA 5 31.04 -41.61 3.53
CA ASP FA 5 31.73 -40.55 2.80
C ASP FA 5 30.79 -39.38 2.50
N LEU FA 6 30.63 -38.51 3.49
CA LEU FA 6 29.74 -37.37 3.34
C LEU FA 6 30.34 -36.34 2.39
N SER FA 7 29.65 -36.09 1.27
CA SER FA 7 29.99 -35.01 0.35
C SER FA 7 28.72 -34.20 0.14
N PHE FA 8 28.57 -33.12 0.91
CA PHE FA 8 27.54 -32.14 0.60
C PHE FA 8 27.67 -31.65 -0.82
N THR FA 9 28.89 -31.63 -1.35
CA THR FA 9 29.24 -30.93 -2.57
C THR FA 9 29.52 -31.83 -3.75
N GLY FA 10 29.64 -33.14 -3.55
CA GLY FA 10 29.90 -34.07 -4.63
C GLY FA 10 31.36 -34.23 -5.00
N LEU FA 11 32.25 -33.43 -4.39
CA LEU FA 11 33.67 -33.62 -4.63
C LEU FA 11 34.16 -34.91 -3.96
N THR FA 12 35.08 -35.60 -4.62
CA THR FA 12 35.80 -36.66 -3.96
C THR FA 12 36.89 -36.07 -3.06
N ASP FA 13 37.44 -36.92 -2.19
CA ASP FA 13 38.43 -36.45 -1.23
C ASP FA 13 39.66 -35.90 -1.92
N GLN FA 14 40.15 -36.59 -2.95
CA GLN FA 14 41.34 -36.10 -3.62
C GLN FA 14 41.03 -34.86 -4.45
N GLN FA 15 39.81 -34.76 -4.98
CA GLN FA 15 39.41 -33.52 -5.64
C GLN FA 15 39.45 -32.36 -4.67
N ALA FA 16 38.99 -32.57 -3.43
CA ALA FA 16 39.11 -31.54 -2.41
C ALA FA 16 40.57 -31.23 -2.13
N GLN FA 17 41.44 -32.24 -2.16
CA GLN FA 17 42.85 -32.01 -1.92
C GLN FA 17 43.46 -31.09 -2.97
N GLU FA 18 43.25 -31.41 -4.25
CA GLU FA 18 43.78 -30.58 -5.32
C GLU FA 18 43.18 -29.18 -5.28
N LEU FA 19 41.87 -29.10 -5.04
CA LEU FA 19 41.21 -27.81 -4.97
C LEU FA 19 41.81 -26.96 -3.86
N HIS FA 20 42.05 -27.57 -2.70
CA HIS FA 20 42.63 -26.84 -1.59
C HIS FA 20 44.04 -26.39 -1.90
N SER FA 21 44.85 -27.24 -2.54
CA SER FA 21 46.21 -26.83 -2.87
C SER FA 21 46.22 -25.65 -3.83
N VAL FA 22 45.37 -25.69 -4.86
CA VAL FA 22 45.28 -24.59 -5.80
C VAL FA 22 44.81 -23.32 -5.11
N TYR FA 23 43.77 -23.45 -4.27
CA TYR FA 23 43.25 -22.30 -3.55
C TYR FA 23 44.31 -21.67 -2.66
N LEU FA 24 45.10 -22.52 -2.00
CA LEU FA 24 46.16 -22.01 -1.13
C LEU FA 24 47.23 -21.29 -1.94
N GLN FA 25 47.59 -21.83 -3.10
CA GLN FA 25 48.56 -21.12 -3.95
C GLN FA 25 48.06 -19.73 -4.31
N GLY FA 26 46.81 -19.64 -4.75
CA GLY FA 26 46.27 -18.33 -5.09
C GLY FA 26 46.22 -17.38 -3.91
N MET FA 27 45.79 -17.90 -2.74
CA MET FA 27 45.76 -17.11 -1.53
C MET FA 27 47.14 -16.58 -1.17
N TRP FA 28 48.16 -17.44 -1.25
CA TRP FA 28 49.51 -17.02 -0.88
C TRP FA 28 50.05 -15.98 -1.85
N LEU FA 29 49.75 -16.12 -3.15
CA LEU FA 29 50.15 -15.09 -4.10
C LEU FA 29 49.51 -13.76 -3.74
N PHE FA 30 48.20 -13.76 -3.49
CA PHE FA 30 47.53 -12.52 -3.16
C PHE FA 30 48.12 -11.88 -1.91
N ILE FA 31 48.38 -12.69 -0.90
CA ILE FA 31 48.88 -12.17 0.38
C ILE FA 31 50.29 -11.64 0.23
N SER FA 32 51.15 -12.32 -0.54
CA SER FA 32 52.50 -11.82 -0.76
C SER FA 32 52.49 -10.49 -1.47
N VAL FA 33 51.63 -10.35 -2.49
CA VAL FA 33 51.55 -9.07 -3.19
C VAL FA 33 51.08 -7.98 -2.23
N ALA FA 34 50.08 -8.29 -1.40
CA ALA FA 34 49.59 -7.30 -0.44
C ALA FA 34 50.67 -6.94 0.58
N ILE FA 35 51.49 -7.90 1.00
CA ILE FA 35 52.57 -7.62 1.94
C ILE FA 35 53.57 -6.64 1.31
N VAL FA 36 53.95 -6.90 0.07
CA VAL FA 36 54.89 -6.00 -0.60
C VAL FA 36 54.28 -4.62 -0.76
N ALA FA 37 52.98 -4.56 -1.10
CA ALA FA 37 52.30 -3.29 -1.22
C ALA FA 37 52.31 -2.52 0.09
N HIS FA 38 52.07 -3.22 1.21
CA HIS FA 38 52.04 -2.56 2.51
C HIS FA 38 53.41 -2.06 2.91
N LEU FA 39 54.47 -2.82 2.64
CA LEU FA 39 55.81 -2.31 2.92
C LEU FA 39 56.11 -1.06 2.11
N ALA FA 40 55.77 -1.07 0.82
CA ALA FA 40 55.99 0.11 0.00
C ALA FA 40 55.21 1.30 0.53
N VAL FA 41 53.94 1.08 0.88
CA VAL FA 41 53.13 2.18 1.40
C VAL FA 41 53.65 2.66 2.73
N PHE FA 42 54.14 1.75 3.58
CA PHE FA 42 54.64 2.17 4.87
C PHE FA 42 55.91 3.00 4.74
N ILE FA 43 56.78 2.64 3.81
CA ILE FA 43 57.95 3.48 3.55
C ILE FA 43 57.53 4.84 3.02
N TRP FA 44 56.55 4.85 2.11
CA TRP FA 44 56.15 6.12 1.49
C TRP FA 44 55.43 7.04 2.47
N ARG FA 45 54.51 6.50 3.27
CA ARG FA 45 53.77 7.26 4.28
C ARG FA 45 53.45 6.33 5.44
N PRO FA 46 54.24 6.36 6.52
CA PRO FA 46 53.98 5.45 7.64
C PRO FA 46 52.73 5.81 8.41
N TRP FA 47 51.97 4.79 8.80
CA TRP FA 47 50.69 5.00 9.46
C TRP FA 47 50.64 4.52 10.90
N LEU FA 48 51.60 3.72 11.35
CA LEU FA 48 51.81 3.57 12.78
C LEU FA 48 52.87 4.55 13.26
N SER GA 2 45.75 -14.11 -30.84
CA SER GA 2 46.05 -15.52 -30.65
C SER GA 2 45.07 -16.41 -31.40
N LYS GA 3 44.22 -17.11 -30.66
CA LYS GA 3 43.11 -17.89 -31.21
C LYS GA 3 41.82 -17.53 -30.48
N PHE GA 4 41.57 -16.23 -30.35
CA PHE GA 4 40.37 -15.75 -29.70
C PHE GA 4 39.09 -16.13 -30.44
N TYR GA 5 39.18 -16.71 -31.64
CA TYR GA 5 37.97 -17.06 -32.38
C TYR GA 5 37.08 -18.00 -31.58
N LYS GA 6 37.67 -18.77 -30.69
CA LYS GA 6 36.89 -19.73 -29.93
C LYS GA 6 35.92 -19.07 -28.96
N ILE GA 7 35.94 -17.74 -28.82
CA ILE GA 7 34.84 -17.04 -28.15
C ILE GA 7 33.51 -17.39 -28.79
N TRP GA 8 33.50 -17.63 -30.09
CA TRP GA 8 32.25 -17.95 -30.75
C TRP GA 8 31.80 -19.37 -30.50
N LEU GA 9 32.63 -20.18 -29.85
CA LEU GA 9 32.14 -21.44 -29.31
C LEU GA 9 31.46 -21.25 -27.97
N ILE GA 10 31.66 -20.11 -27.33
CA ILE GA 10 31.11 -19.81 -26.02
C ILE GA 10 29.86 -18.95 -26.13
N PHE GA 11 29.99 -17.81 -26.81
CA PHE GA 11 28.92 -16.84 -26.92
C PHE GA 11 28.26 -16.90 -28.29
N ASP GA 12 26.96 -16.65 -28.32
CA ASP GA 12 26.23 -16.56 -29.58
C ASP GA 12 26.54 -15.24 -30.26
N PRO GA 13 26.86 -15.25 -31.55
CA PRO GA 13 27.19 -13.99 -32.25
C PRO GA 13 26.08 -12.95 -32.23
N ARG GA 14 24.82 -13.36 -32.31
CA ARG GA 14 23.72 -12.39 -32.36
C ARG GA 14 23.67 -11.58 -31.07
N ARG GA 15 23.69 -12.25 -29.93
CA ARG GA 15 23.64 -11.58 -28.65
C ARG GA 15 24.84 -10.66 -28.46
N VAL GA 16 26.02 -11.12 -28.85
CA VAL GA 16 27.22 -10.32 -28.66
C VAL GA 16 27.21 -9.09 -29.55
N PHE GA 17 26.78 -9.23 -30.80
CA PHE GA 17 26.74 -8.08 -31.70
C PHE GA 17 25.73 -7.05 -31.22
N VAL GA 18 24.56 -7.49 -30.76
CA VAL GA 18 23.58 -6.54 -30.24
C VAL GA 18 24.14 -5.83 -29.01
N ALA GA 19 24.73 -6.58 -28.09
CA ALA GA 19 25.30 -6.00 -26.89
C ALA GA 19 26.40 -5.01 -27.23
N GLN GA 20 27.25 -5.36 -28.19
CA GLN GA 20 28.34 -4.49 -28.61
C GLN GA 20 27.81 -3.21 -29.23
N GLY GA 21 26.80 -3.31 -30.08
CA GLY GA 21 26.23 -2.12 -30.68
C GLY GA 21 25.64 -1.18 -29.65
N VAL GA 22 24.89 -1.73 -28.70
CA VAL GA 22 24.31 -0.90 -27.65
C VAL GA 22 25.41 -0.22 -26.85
N PHE GA 23 26.43 -1.00 -26.48
CA PHE GA 23 27.53 -0.46 -25.69
C PHE GA 23 28.24 0.67 -26.42
N LEU GA 24 28.56 0.45 -27.69
CA LEU GA 24 29.29 1.46 -28.46
C LEU GA 24 28.47 2.72 -28.64
N PHE GA 25 27.18 2.57 -28.92
CA PHE GA 25 26.32 3.74 -29.07
C PHE GA 25 26.28 4.54 -27.77
N LEU GA 26 26.08 3.88 -26.64
CA LEU GA 26 26.00 4.59 -25.38
C LEU GA 26 27.33 5.25 -25.03
N LEU GA 27 28.45 4.56 -25.28
CA LEU GA 27 29.76 5.13 -25.03
C LEU GA 27 30.01 6.37 -25.87
N ALA GA 28 29.71 6.29 -27.18
CA ALA GA 28 29.94 7.44 -28.05
C ALA GA 28 29.07 8.62 -27.64
N VAL GA 29 27.81 8.35 -27.30
CA VAL GA 29 26.93 9.42 -26.85
C VAL GA 29 27.48 10.06 -25.59
N MET GA 30 27.92 9.25 -24.64
CA MET GA 30 28.42 9.82 -23.38
C MET GA 30 29.68 10.64 -23.59
N ILE GA 31 30.59 10.18 -24.44
CA ILE GA 31 31.81 10.96 -24.67
C ILE GA 31 31.48 12.29 -25.33
N HIS GA 32 30.62 12.28 -26.35
CA HIS GA 32 30.27 13.55 -26.98
C HIS GA 32 29.58 14.48 -26.00
N LEU GA 33 28.68 13.96 -25.17
CA LEU GA 33 27.99 14.80 -24.21
C LEU GA 33 28.96 15.37 -23.18
N MET GA 34 29.93 14.57 -22.74
CA MET GA 34 30.94 15.06 -21.82
C MET GA 34 31.78 16.17 -22.45
N LEU GA 35 32.10 16.03 -23.73
CA LEU GA 35 32.82 17.11 -24.42
C LEU GA 35 31.98 18.36 -24.54
N LEU GA 36 30.70 18.21 -24.89
CA LEU GA 36 29.83 19.36 -25.10
C LEU GA 36 29.54 20.09 -23.80
N SER GA 37 29.43 19.37 -22.68
CA SER GA 37 29.20 20.03 -21.40
C SER GA 37 30.42 20.83 -20.94
N ASN GA 38 31.60 20.52 -21.44
CA ASN GA 38 32.80 21.25 -21.06
C ASN GA 38 33.00 22.41 -22.01
N PRO GA 39 33.09 23.65 -21.53
CA PRO GA 39 33.31 24.76 -22.44
C PRO GA 39 34.77 24.92 -22.83
N GLY GA 40 35.43 23.80 -23.11
CA GLY GA 40 36.77 23.82 -23.64
C GLY GA 40 36.79 22.93 -24.85
N PHE GA 41 35.72 22.14 -24.98
CA PHE GA 41 35.58 21.21 -26.09
C PHE GA 41 34.18 21.25 -26.69
N ASN GA 42 33.40 22.29 -26.40
CA ASN GA 42 32.09 22.48 -27.00
C ASN GA 42 32.30 23.13 -28.37
N TRP GA 43 32.19 22.34 -29.44
CA TRP GA 43 32.63 22.84 -30.73
C TRP GA 43 31.70 23.90 -31.29
N LEU GA 44 30.40 23.83 -30.96
CA LEU GA 44 29.45 24.83 -31.45
C LEU GA 44 29.79 26.22 -30.94
N ASP GA 45 30.00 26.34 -29.62
CA ASP GA 45 30.34 27.65 -29.06
C ASP GA 45 31.74 28.10 -29.46
N ILE GA 46 32.68 27.16 -29.60
CA ILE GA 46 34.03 27.50 -30.03
C ILE GA 46 33.99 28.11 -31.42
N SER GA 47 33.23 27.48 -32.33
CA SER GA 47 33.10 28.02 -33.67
C SER GA 47 32.38 29.36 -33.68
N GLY GA 48 31.41 29.54 -32.78
CA GLY GA 48 30.80 30.85 -32.63
C GLY GA 48 31.82 31.91 -32.25
N VAL GA 49 32.75 31.59 -31.37
CA VAL GA 49 33.78 32.55 -30.98
C VAL GA 49 34.76 32.77 -32.12
N LYS GA 50 35.18 31.70 -32.79
CA LYS GA 50 36.25 31.79 -33.77
C LYS GA 50 35.84 32.62 -34.98
N TYR GA 51 34.63 32.42 -35.48
CA TYR GA 51 34.14 33.10 -36.66
C TYR GA 51 33.35 34.37 -36.35
N GLU GA 52 33.40 34.84 -35.11
CA GLU GA 52 32.61 36.00 -34.67
C GLU GA 52 31.11 35.77 -34.88
N ARG GA 53 30.60 34.80 -34.11
CA ARG GA 53 29.20 34.34 -34.21
C ARG GA 53 28.94 33.64 -35.53
N VAL GA 54 29.83 32.70 -35.85
CA VAL GA 54 29.87 31.91 -37.08
C VAL GA 54 29.31 32.67 -38.27
N ASP HA 5 28.48 -24.55 -43.73
CA ASP HA 5 27.50 -23.57 -44.18
C ASP HA 5 26.68 -23.06 -43.00
N LEU HA 6 27.13 -21.94 -42.41
CA LEU HA 6 26.51 -21.36 -41.24
C LEU HA 6 25.44 -20.35 -41.65
N SER HA 7 24.20 -20.60 -41.23
CA SER HA 7 23.09 -19.72 -41.57
C SER HA 7 22.11 -19.67 -40.41
N PHE HA 8 22.06 -18.55 -39.71
CA PHE HA 8 21.05 -18.37 -38.68
C PHE HA 8 19.73 -17.92 -39.28
N THR HA 9 19.78 -16.96 -40.20
CA THR HA 9 18.60 -16.31 -40.75
C THR HA 9 17.82 -17.18 -41.71
N GLY HA 10 18.38 -18.29 -42.17
CA GLY HA 10 17.72 -19.13 -43.14
C GLY HA 10 18.04 -18.81 -44.59
N LEU HA 11 18.71 -17.70 -44.85
CA LEU HA 11 19.08 -17.34 -46.21
C LEU HA 11 20.15 -18.29 -46.74
N THR HA 12 20.30 -18.31 -48.06
CA THR HA 12 21.48 -18.88 -48.65
C THR HA 12 22.52 -17.77 -48.86
N ASP HA 13 23.71 -18.16 -49.30
CA ASP HA 13 24.77 -17.17 -49.49
C ASP HA 13 24.42 -16.21 -50.63
N GLN HA 14 23.74 -16.70 -51.67
CA GLN HA 14 23.37 -15.85 -52.79
C GLN HA 14 22.34 -14.79 -52.39
N GLN HA 15 21.29 -15.21 -51.68
CA GLN HA 15 20.27 -14.26 -51.26
C GLN HA 15 20.85 -13.22 -50.33
N ALA HA 16 21.79 -13.62 -49.47
CA ALA HA 16 22.46 -12.65 -48.60
C ALA HA 16 23.26 -11.65 -49.42
N GLN HA 17 23.95 -12.11 -50.46
CA GLN HA 17 24.72 -11.19 -51.30
C GLN HA 17 23.82 -10.21 -52.02
N GLU HA 18 22.71 -10.69 -52.60
CA GLU HA 18 21.79 -9.82 -53.32
C GLU HA 18 21.17 -8.79 -52.38
N LEU HA 19 20.75 -9.26 -51.20
CA LEU HA 19 20.17 -8.38 -50.22
C LEU HA 19 21.17 -7.31 -49.80
N HIS HA 20 22.42 -7.71 -49.56
CA HIS HA 20 23.45 -6.76 -49.16
C HIS HA 20 23.74 -5.75 -50.25
N SER HA 21 23.73 -6.18 -51.51
CA SER HA 21 23.95 -5.25 -52.61
C SER HA 21 22.88 -4.16 -52.62
N VAL HA 22 21.62 -4.56 -52.53
CA VAL HA 22 20.55 -3.57 -52.54
C VAL HA 22 20.64 -2.68 -51.31
N TYR HA 23 20.94 -3.26 -50.16
CA TYR HA 23 21.07 -2.50 -48.93
C TYR HA 23 22.18 -1.46 -49.06
N LEU HA 24 23.30 -1.85 -49.66
CA LEU HA 24 24.42 -0.93 -49.83
C LEU HA 24 24.07 0.21 -50.76
N GLN HA 25 23.32 -0.07 -51.83
CA GLN HA 25 22.87 1.01 -52.70
C GLN HA 25 22.01 2.00 -51.93
N GLY HA 26 21.08 1.50 -51.11
CA GLY HA 26 20.30 2.39 -50.29
C GLY HA 26 21.15 3.22 -49.35
N MET HA 27 22.08 2.56 -48.66
CA MET HA 27 22.95 3.25 -47.72
C MET HA 27 23.79 4.32 -48.42
N TRP HA 28 24.34 4.01 -49.60
CA TRP HA 28 25.17 4.98 -50.29
C TRP HA 28 24.35 6.18 -50.74
N LEU HA 29 23.12 5.96 -51.21
CA LEU HA 29 22.26 7.09 -51.55
C LEU HA 29 22.00 7.98 -50.34
N PHE HA 30 21.67 7.37 -49.21
CA PHE HA 30 21.42 8.14 -48.00
C PHE HA 30 22.66 8.93 -47.58
N ILE HA 31 23.83 8.28 -47.63
CA ILE HA 31 25.06 8.92 -47.20
C ILE HA 31 25.44 10.05 -48.15
N SER HA 32 25.21 9.86 -49.45
CA SER HA 32 25.50 10.92 -50.41
C SER HA 32 24.66 12.15 -50.14
N VAL HA 33 23.37 11.94 -49.88
CA VAL HA 33 22.51 13.08 -49.54
C VAL HA 33 23.02 13.75 -48.27
N ALA HA 34 23.40 12.95 -47.26
CA ALA HA 34 23.89 13.53 -46.02
C ALA HA 34 25.18 14.32 -46.22
N ILE HA 35 26.08 13.80 -47.05
CA ILE HA 35 27.32 14.50 -47.36
C ILE HA 35 27.04 15.84 -48.00
N VAL HA 36 26.12 15.86 -48.96
CA VAL HA 36 25.75 17.10 -49.63
C VAL HA 36 25.19 18.09 -48.61
N ALA HA 37 24.33 17.60 -47.72
CA ALA HA 37 23.75 18.46 -46.70
C ALA HA 37 24.82 19.05 -45.78
N HIS HA 38 25.77 18.22 -45.34
CA HIS HA 38 26.81 18.71 -44.44
C HIS HA 38 27.72 19.70 -45.13
N LEU HA 39 28.02 19.48 -46.41
CA LEU HA 39 28.82 20.46 -47.13
C LEU HA 39 28.10 21.80 -47.24
N ALA HA 40 26.81 21.76 -47.56
CA ALA HA 40 26.04 22.99 -47.62
C ALA HA 40 26.00 23.69 -46.27
N VAL HA 41 25.79 22.93 -45.19
CA VAL HA 41 25.71 23.54 -43.88
C VAL HA 41 27.08 24.09 -43.46
N PHE HA 42 28.16 23.40 -43.82
CA PHE HA 42 29.48 23.89 -43.45
C PHE HA 42 29.80 25.19 -44.17
N ILE HA 43 29.42 25.30 -45.44
CA ILE HA 43 29.60 26.57 -46.13
C ILE HA 43 28.76 27.65 -45.47
N TRP HA 44 27.52 27.33 -45.13
CA TRP HA 44 26.62 28.33 -44.58
C TRP HA 44 27.08 28.80 -43.20
N ARG HA 45 27.48 27.88 -42.33
CA ARG HA 45 27.93 28.20 -40.97
C ARG HA 45 28.89 27.11 -40.52
N PRO HA 46 30.20 27.33 -40.67
CA PRO HA 46 31.17 26.28 -40.32
C PRO HA 46 31.20 26.01 -38.81
N TRP HA 47 31.37 24.74 -38.46
CA TRP HA 47 31.41 24.37 -37.05
C TRP HA 47 32.75 23.85 -36.57
N LEU HA 48 33.67 23.53 -37.46
CA LEU HA 48 35.05 23.39 -37.00
C LEU HA 48 35.79 24.68 -37.30
#